data_7KY7
#
_entry.id   7KY7
#
_cell.length_a   1.00
_cell.length_b   1.00
_cell.length_c   1.00
_cell.angle_alpha   90.00
_cell.angle_beta   90.00
_cell.angle_gamma   90.00
#
_symmetry.space_group_name_H-M   'P 1'
#
loop_
_entity.id
_entity.type
_entity.pdbx_description
1 polymer 'Phospholipid-transporting ATPase DNF2'
2 polymer 'Alkylphosphocholine resistance protein LEM3'
3 branched 2-acetamido-2-deoxy-beta-D-glucopyranose-(1-4)-2-acetamido-2-deoxy-beta-D-glucopyranose
4 branched alpha-D-mannopyranose-(1-4)-2-acetamido-2-deoxy-beta-D-glucopyranose-(1-4)-2-acetamido-2-deoxy-beta-D-glucopyranose
5 non-polymer 'MAGNESIUM ION'
6 non-polymer CHOLESTEROL
#
loop_
_entity_poly.entity_id
_entity_poly.type
_entity_poly.pdbx_seq_one_letter_code
_entity_poly.pdbx_strand_id
1 'polypeptide(L)'
;MSSPSKPTSPFVDDIEHESGSASNGLSSMSPFDDSFQFEKPSSAHGNIEVAKTGGSVLKRQSKPMKDISTPDLSKVTFDG
IDDYSNDNDINDDDELNGKKTEIHEHENEVDDDLHSFQATPMPNTGGFEDVELDNNEGSNNDSQADHKLKRVRFGTRRNK
SGRIDINRSKTLKWAKKNFHNAIDEFSTKEDSLENSALQNRSDELRTVYYNLPLPEDMLDEDGLPLAVYPRNKIRTTKYT
PLTFFPKNILFQFHNFANIYFLILLILGAFQIFGVTNPGFASVPLIVIVIITAIKDGIEDSRRTVLDLEVNNTRTHILSG
VKNENVAVDNVSLWRRFKKANTRALIKIFEYFSENLTAAGREKKLQKKREELRRKRNSRSFGPRGSLDSIGSYRMSADFG
RPSLDYENLNQTMSQANRYNDGENLVDRTLQPNPECRFAKDYWKNVKVGDIVRVHNNDEIPADMILLSTSDVDGACYVET
KNLDGETNLKVRQSLKCSKIIKSSRDITRTKFWVESEGPHANLYSYQGNFKWQDTQNGNIRNEPVNINNLLLRGCTLRNT
KWAMGMVIFTGDDTKIMINAGVTPTKKSRISRELNFSVILNFVLLFILCFTAGIVNGVYYKQKPRSRDYFEFGTIGGSAS
TNGFVSFWVAVILYQSLVPISLYISVEIIKTAQAIFIYTDVLLYNAKLDYPCTPKSWNISDDLGQIEYIFSDKTGTLTQN
VMEFKKCTINGVSYGRAYTEALAGLRKRQGVDVESEGRREKEEIAKDRETMIDELRSMSDNTQFCPEDLTFVSKEIVEDL
KGSSGDHQQKCCEHFLLALALCHSVLVEPNKDDPKKLDIKAQSPDESALVSTARQLGYSFVGSSKSGLIVEIQGVQKEFQ
VLNVLEFNSSRKRMSCIIKIPGSTPKDEPKALLICKGADSVIYSRLDRTQNDATLLEKTALHLEEYATEGLRTLCLAQRE
LTWSEYERWVKTYDVAAASVTNREEELDKVTDVIERELILLGGTAIEDRLQDGVPDSIALLAEAGIKLWVLTGDKVETAI
NIGFSCNVLNNDMELLVVKASGEDVEEFGSDPIQVVNNLVTKYLREKFGMSGSEEELKEAKREHGLPQGNFAVIIDGDAL
KVALNGEEMRRKFLLLCKNCKAVLCCRVSPAQKAAVVKLVKKTLDVMTLAIGDGSNDVAMIQSADVGVGIAGEEGRQAVM
CSDYAIGQFRYVTRLVLVHGKWCYKRLAEMIPQFFYKNVIFTLSLFWYGIYNNFDGSYLFEYTYLTFYNLAFTSVPVILL
AVLDQDVSDTVSMLVPQLYRVGILRKEWNQTKFLWYMLDGVYQSVICFFFPYLAYHKNMVVTENGLGLDHRYFVGVFVTA
IAVTSCNFYVFMEQYRWDWFCGLFICLSLAVFYGWTGIWTSSSSSNEFYKGAARVFAQPAYWAVLFVGVLFCLLPRFTID
CIRKIFYPKDIEIVREMWLRGDFDLYPQGYDPTDPSRPRINEIRPLTDFKEPISLDTHFDGVSHSQETIVTEEIPMSILN
GEQGSRKGYRVSTTLERRDQLSPVTTTNNLPRRSMASARGNKLRTSLDRTREEMLANHQLDTRYSVERARASLDLPGINH
AETLLSQRSRDR
;
A
2 'polypeptide(L)'
;MVNFDLGQVGEVFRRKDKGAIVSGDNPEEEEDVDASEFEEDEVKPVRTKNRRPKEDAFTQQRLAAINPVLTPRTVLPLYL
LIAVVFVIVGGCILAQNSKVDEVTIYYQDCMTNATSSWSDIPSEHWQFVFHKYKTYNTAPQWRFVDDESDDFTKQRGTCQ
IRFTTPSDMKNNVYLNYVLEKFAANHRRYVLSFSEDQIRGEDASYETVHDATGINCKPLSKNADGKIYYPCGLIANSMFN
DTFPLQLTNVGDTSNNYSLTNKGINWESDKKRYKKTKYNYTQIAPPPYWEKMYPDGYNETNIPDIQDWEEFQNWMRPGAF
DKITKLIRINKNDTLPAGEYQLDIGLHWPVLEFNGKKGIYLTHGSHLGGRNPFLGIVYLIGGCICAAMALILLTFWLFGG
RKIADASSLSWNMK
;
B
#
# COMPACT_ATOMS: atom_id res chain seq x y z
N GLY A 279 8.37 23.08 22.06
CA GLY A 279 7.64 21.83 22.14
C GLY A 279 7.95 20.88 20.99
N PHE A 280 8.39 19.68 21.33
CA PHE A 280 8.73 18.64 20.36
C PHE A 280 8.24 17.27 20.84
N ALA A 281 7.14 17.24 21.58
CA ALA A 281 6.66 15.98 22.16
C ALA A 281 5.85 15.18 21.14
N SER A 282 4.74 15.75 20.67
CA SER A 282 3.87 15.08 19.71
C SER A 282 3.46 16.04 18.61
N VAL A 283 4.38 16.92 18.21
CA VAL A 283 4.16 17.90 17.15
C VAL A 283 4.00 17.24 15.78
N PRO A 284 4.85 16.28 15.37
CA PRO A 284 4.77 15.79 13.98
C PRO A 284 3.42 15.24 13.56
N LEU A 285 2.55 14.84 14.49
CA LEU A 285 1.26 14.30 14.08
C LEU A 285 0.35 15.39 13.50
N ILE A 286 0.25 16.52 14.20
CA ILE A 286 -0.70 17.56 13.79
C ILE A 286 -0.25 18.20 12.48
N VAL A 287 1.04 18.46 12.34
CA VAL A 287 1.52 19.11 11.11
C VAL A 287 1.36 18.18 9.91
N ILE A 288 1.55 16.88 10.10
CA ILE A 288 1.33 15.96 9.00
C ILE A 288 -0.16 15.84 8.68
N VAL A 289 -1.02 15.92 9.70
CA VAL A 289 -2.46 15.97 9.43
C VAL A 289 -2.80 17.19 8.59
N ILE A 290 -2.20 18.33 8.92
CA ILE A 290 -2.47 19.56 8.17
C ILE A 290 -1.96 19.45 6.74
N ILE A 291 -0.76 18.89 6.54
CA ILE A 291 -0.24 18.82 5.17
C ILE A 291 -1.05 17.81 4.36
N THR A 292 -1.54 16.73 4.98
CA THR A 292 -2.42 15.82 4.27
C THR A 292 -3.73 16.50 3.89
N ALA A 293 -4.31 17.27 4.82
CA ALA A 293 -5.55 17.98 4.51
C ALA A 293 -5.35 18.99 3.39
N ILE A 294 -4.21 19.70 3.38
CA ILE A 294 -3.99 20.70 2.35
C ILE A 294 -3.65 20.05 1.02
N LYS A 295 -3.03 18.86 1.04
CA LYS A 295 -2.81 18.12 -0.19
C LYS A 295 -4.13 17.62 -0.76
N ASP A 296 -5.07 17.24 0.11
CA ASP A 296 -6.41 16.88 -0.37
C ASP A 296 -7.13 18.09 -0.93
N GLY A 297 -7.00 19.24 -0.28
CA GLY A 297 -7.67 20.44 -0.73
C GLY A 297 -6.98 21.21 -1.85
N ILE A 298 -5.79 20.78 -2.26
CA ILE A 298 -5.09 21.45 -3.34
C ILE A 298 -5.41 20.82 -4.70
N GLU A 299 -5.42 19.49 -4.77
CA GLU A 299 -5.64 18.78 -6.01
C GLU A 299 -7.07 18.32 -6.20
N ASP A 300 -8.05 19.08 -5.70
CA ASP A 300 -9.45 18.68 -5.77
C ASP A 300 -10.34 19.67 -6.53
N SER A 301 -10.01 20.96 -6.53
CA SER A 301 -10.88 21.97 -7.10
C SER A 301 -10.85 22.03 -8.62
N ARG A 302 -9.92 21.33 -9.26
CA ARG A 302 -9.83 21.34 -10.71
C ARG A 302 -9.31 20.02 -11.26
N THR A 585 -15.69 8.91 3.70
CA THR A 585 -16.87 8.25 4.25
C THR A 585 -16.96 6.79 3.79
N LYS A 586 -16.12 6.44 2.83
CA LYS A 586 -16.09 5.09 2.26
C LYS A 586 -14.73 4.47 2.55
N LYS A 587 -14.72 3.42 3.36
CA LYS A 587 -13.49 2.75 3.76
C LYS A 587 -13.30 1.49 2.93
N SER A 588 -12.03 1.21 2.59
CA SER A 588 -11.72 0.07 1.74
C SER A 588 -11.78 -1.23 2.55
N ARG A 589 -11.49 -2.34 1.85
CA ARG A 589 -11.42 -3.64 2.50
C ARG A 589 -10.08 -3.83 3.21
N ILE A 590 -9.02 -3.32 2.59
CA ILE A 590 -7.69 -3.39 3.18
C ILE A 590 -7.67 -2.71 4.54
N SER A 591 -8.52 -1.69 4.75
CA SER A 591 -8.54 -1.01 6.04
C SER A 591 -9.16 -1.89 7.13
N ARG A 592 -10.21 -2.64 6.81
CA ARG A 592 -10.79 -3.54 7.79
C ARG A 592 -9.86 -4.69 8.12
N GLU A 593 -9.22 -5.27 7.09
CA GLU A 593 -8.21 -6.28 7.36
C GLU A 593 -7.04 -5.69 8.14
N LEU A 594 -6.74 -4.41 7.94
CA LEU A 594 -5.72 -3.72 8.72
C LEU A 594 -6.12 -3.67 10.19
N ASN A 595 -7.39 -3.37 10.47
CA ASN A 595 -7.86 -3.38 11.85
C ASN A 595 -7.70 -4.76 12.48
N PHE A 596 -8.02 -5.81 11.72
CA PHE A 596 -7.85 -7.15 12.28
C PHE A 596 -6.38 -7.47 12.55
N SER A 597 -5.50 -7.07 11.63
CA SER A 597 -4.07 -7.31 11.83
C SER A 597 -3.54 -6.52 13.03
N VAL A 598 -4.08 -5.32 13.26
CA VAL A 598 -3.70 -4.55 14.43
C VAL A 598 -4.15 -5.26 15.70
N ILE A 599 -5.33 -5.86 15.68
CA ILE A 599 -5.78 -6.65 16.82
C ILE A 599 -4.83 -7.81 17.07
N LEU A 600 -4.38 -8.46 16.00
CA LEU A 600 -3.44 -9.58 16.17
C LEU A 600 -2.10 -9.10 16.72
N ASN A 601 -1.64 -7.94 16.28
CA ASN A 601 -0.40 -7.37 16.82
C ASN A 601 -0.56 -7.06 18.30
N PHE A 602 -1.73 -6.56 18.70
CA PHE A 602 -1.97 -6.32 20.12
C PHE A 602 -2.01 -7.63 20.91
N VAL A 603 -2.51 -8.70 20.30
CA VAL A 603 -2.46 -10.00 20.97
C VAL A 603 -1.03 -10.44 21.19
N LEU A 604 -0.18 -10.24 20.18
CA LEU A 604 1.25 -10.56 20.35
C LEU A 604 1.86 -9.71 21.45
N LEU A 605 1.53 -8.42 21.49
CA LEU A 605 2.03 -7.54 22.55
C LEU A 605 1.60 -8.03 23.92
N PHE A 606 0.34 -8.46 24.05
CA PHE A 606 -0.13 -8.95 25.34
C PHE A 606 0.61 -10.22 25.74
N ILE A 607 0.85 -11.13 24.80
CA ILE A 607 1.61 -12.34 25.12
C ILE A 607 3.01 -11.98 25.58
N LEU A 608 3.66 -11.06 24.87
CA LEU A 608 5.00 -10.61 25.26
C LEU A 608 5.00 -10.05 26.68
N CYS A 609 4.09 -9.12 26.96
CA CYS A 609 4.08 -8.47 28.26
C CYS A 609 3.69 -9.44 29.38
N PHE A 610 2.82 -10.40 29.09
CA PHE A 610 2.46 -11.39 30.09
C PHE A 610 3.65 -12.28 30.43
N THR A 611 4.38 -12.74 29.41
CA THR A 611 5.58 -13.54 29.69
C THR A 611 6.61 -12.71 30.45
N ALA A 612 6.76 -11.43 30.10
CA ALA A 612 7.70 -10.57 30.80
C ALA A 612 7.33 -10.46 32.28
N GLY A 613 6.05 -10.17 32.56
CA GLY A 613 5.62 -10.05 33.95
C GLY A 613 5.77 -11.34 34.72
N ILE A 614 5.44 -12.47 34.09
CA ILE A 614 5.53 -13.76 34.75
C ILE A 614 6.99 -14.06 35.12
N VAL A 615 7.90 -13.86 34.18
CA VAL A 615 9.30 -14.16 34.46
C VAL A 615 9.87 -13.17 35.47
N ASN A 616 9.44 -11.90 35.43
CA ASN A 616 9.92 -10.95 36.42
C ASN A 616 9.45 -11.32 37.83
N GLY A 617 8.19 -11.73 37.96
CA GLY A 617 7.73 -12.20 39.26
C GLY A 617 8.46 -13.44 39.73
N VAL A 618 8.68 -14.39 38.82
CA VAL A 618 9.41 -15.61 39.18
C VAL A 618 10.82 -15.28 39.63
N TYR A 619 11.46 -14.29 38.99
CA TYR A 619 12.80 -13.88 39.40
C TYR A 619 12.76 -13.20 40.77
N TYR A 620 11.75 -12.37 41.02
CA TYR A 620 11.65 -11.72 42.32
C TYR A 620 11.31 -12.71 43.43
N LYS A 621 10.74 -13.86 43.10
CA LYS A 621 10.46 -14.91 44.06
C LYS A 621 11.48 -16.03 43.97
N GLN A 622 12.74 -15.69 43.71
CA GLN A 622 13.81 -16.66 43.51
C GLN A 622 14.88 -16.48 44.59
N LYS A 623 15.99 -17.19 44.42
CA LYS A 623 17.17 -17.17 45.28
C LYS A 623 17.61 -15.74 45.56
N PRO A 624 18.31 -15.48 46.67
CA PRO A 624 18.78 -14.12 46.93
C PRO A 624 19.86 -13.67 45.95
N ARG A 625 19.41 -13.18 44.79
CA ARG A 625 20.29 -12.63 43.77
C ARG A 625 20.92 -11.32 44.27
N SER A 626 21.71 -10.69 43.39
CA SER A 626 22.40 -9.46 43.71
C SER A 626 21.49 -8.25 43.83
N ARG A 627 20.17 -8.43 43.77
CA ARG A 627 19.27 -7.29 43.87
C ARG A 627 19.21 -6.75 45.30
N ASP A 628 19.00 -7.65 46.26
CA ASP A 628 18.78 -7.25 47.65
C ASP A 628 20.04 -6.85 48.38
N TYR A 629 21.18 -6.75 47.70
CA TYR A 629 22.43 -6.31 48.30
C TYR A 629 22.87 -4.93 47.86
N PHE A 630 22.62 -4.57 46.61
CA PHE A 630 23.07 -3.29 46.07
C PHE A 630 21.92 -2.42 45.55
N GLU A 631 20.67 -2.88 45.64
CA GLU A 631 19.54 -2.11 45.14
C GLU A 631 18.48 -1.82 46.18
N PHE A 632 18.51 -2.46 47.34
CA PHE A 632 17.50 -2.28 48.38
C PHE A 632 16.09 -2.53 47.86
N SER A 640 0.08 -9.88 44.29
CA SER A 640 1.42 -9.66 43.78
C SER A 640 1.48 -8.40 42.91
N THR A 641 1.53 -7.24 43.57
CA THR A 641 1.60 -5.98 42.84
C THR A 641 2.91 -5.81 42.09
N ASN A 642 3.96 -6.53 42.49
CA ASN A 642 5.21 -6.50 41.74
C ASN A 642 5.00 -7.01 40.32
N GLY A 643 4.22 -8.09 40.18
CA GLY A 643 3.90 -8.58 38.86
C GLY A 643 3.14 -7.55 38.03
N PHE A 644 2.22 -6.82 38.67
CA PHE A 644 1.45 -5.83 37.94
C PHE A 644 2.31 -4.65 37.49
N VAL A 645 3.17 -4.14 38.37
CA VAL A 645 4.02 -3.02 37.98
C VAL A 645 5.03 -3.47 36.92
N SER A 646 5.50 -4.72 36.99
CA SER A 646 6.38 -5.23 35.96
C SER A 646 5.65 -5.34 34.62
N PHE A 647 4.42 -5.84 34.65
CA PHE A 647 3.61 -5.91 33.43
C PHE A 647 3.41 -4.54 32.83
N TRP A 648 3.19 -3.53 33.68
CA TRP A 648 2.93 -2.19 33.16
C TRP A 648 4.20 -1.54 32.59
N VAL A 649 5.33 -1.71 33.26
CA VAL A 649 6.57 -1.16 32.69
C VAL A 649 6.96 -1.93 31.44
N ALA A 650 6.53 -3.18 31.32
CA ALA A 650 6.73 -3.92 30.08
C ALA A 650 5.85 -3.37 28.96
N VAL A 651 4.58 -3.06 29.28
CA VAL A 651 3.71 -2.43 28.29
C VAL A 651 4.31 -1.11 27.83
N ILE A 652 4.88 -0.33 28.75
CA ILE A 652 5.55 0.90 28.36
C ILE A 652 6.77 0.59 27.50
N LEU A 653 7.49 -0.49 27.83
CA LEU A 653 8.60 -0.94 26.99
C LEU A 653 8.10 -1.36 25.61
N TYR A 654 7.28 -2.41 25.59
CA TYR A 654 6.79 -2.99 24.34
C TYR A 654 5.45 -2.35 24.01
N GLN A 655 5.52 -1.18 23.39
CA GLN A 655 4.32 -0.48 22.95
C GLN A 655 4.37 -0.04 21.49
N SER A 656 5.53 -0.13 20.84
CA SER A 656 5.68 0.27 19.45
C SER A 656 5.35 -0.86 18.48
N LEU A 657 4.67 -1.89 18.96
CA LEU A 657 4.27 -3.00 18.11
C LEU A 657 3.36 -2.44 17.01
N VAL A 658 2.39 -1.63 17.41
CA VAL A 658 1.47 -0.99 16.48
C VAL A 658 1.13 0.39 17.02
N PRO A 659 1.86 1.42 16.61
CA PRO A 659 1.54 2.78 17.07
C PRO A 659 0.56 3.47 16.14
N ILE A 660 0.24 4.73 16.43
CA ILE A 660 -0.53 5.55 15.52
C ILE A 660 0.22 5.83 14.23
N SER A 661 1.50 5.47 14.16
CA SER A 661 2.28 5.69 12.95
C SER A 661 1.74 4.87 11.78
N LEU A 662 1.14 3.71 12.04
CA LEU A 662 0.58 2.91 10.96
C LEU A 662 -0.62 3.61 10.34
N TYR A 663 -1.54 4.11 11.16
CA TYR A 663 -2.76 4.71 10.65
C TYR A 663 -2.55 6.09 10.07
N ILE A 664 -1.36 6.67 10.21
CA ILE A 664 -1.08 7.96 9.57
C ILE A 664 -0.24 7.70 8.33
N SER A 665 0.61 6.67 8.39
CA SER A 665 1.38 6.30 7.21
C SER A 665 0.46 5.75 6.12
N VAL A 666 -0.57 4.99 6.51
CA VAL A 666 -1.52 4.48 5.52
C VAL A 666 -2.28 5.64 4.88
N GLU A 667 -2.63 6.64 5.68
CA GLU A 667 -3.33 7.80 5.12
C GLU A 667 -2.43 8.59 4.17
N ILE A 668 -1.15 8.75 4.53
CA ILE A 668 -0.20 9.39 3.61
C ILE A 668 -0.09 8.59 2.33
N ILE A 669 -0.05 7.27 2.43
CA ILE A 669 0.07 6.41 1.26
C ILE A 669 -1.14 6.56 0.36
N LYS A 670 -2.34 6.54 0.95
CA LYS A 670 -3.55 6.64 0.15
C LYS A 670 -3.68 8.02 -0.48
N THR A 671 -3.32 9.07 0.25
CA THR A 671 -3.36 10.41 -0.32
C THR A 671 -2.38 10.55 -1.48
N ALA A 672 -1.17 9.98 -1.33
CA ALA A 672 -0.20 10.06 -2.41
C ALA A 672 -0.64 9.26 -3.62
N GLN A 673 -1.24 8.08 -3.39
CA GLN A 673 -1.75 7.29 -4.51
C GLN A 673 -2.89 8.02 -5.21
N ALA A 674 -3.73 8.72 -4.46
CA ALA A 674 -4.82 9.46 -5.07
C ALA A 674 -4.32 10.64 -5.87
N ILE A 675 -3.33 11.37 -5.36
CA ILE A 675 -2.79 12.49 -6.13
C ILE A 675 -1.92 12.00 -7.29
N PHE A 676 -1.48 10.74 -7.26
CA PHE A 676 -0.79 10.19 -8.42
C PHE A 676 -1.77 9.72 -9.48
N ILE A 677 -2.94 9.22 -9.06
CA ILE A 677 -4.02 8.97 -10.01
C ILE A 677 -4.47 10.29 -10.64
N TYR A 678 -4.57 11.34 -9.82
CA TYR A 678 -4.99 12.65 -10.32
C TYR A 678 -3.98 13.21 -11.32
N THR A 679 -2.72 13.24 -10.93
CA THR A 679 -1.67 13.84 -11.77
C THR A 679 -1.31 12.98 -12.95
N ASP A 680 -2.01 11.88 -13.24
CA ASP A 680 -1.68 11.07 -14.41
C ASP A 680 -2.12 11.79 -15.68
N VAL A 681 -1.27 11.76 -16.69
CA VAL A 681 -1.57 12.44 -17.95
C VAL A 681 -2.35 11.56 -18.91
N LEU A 682 -2.32 10.24 -18.74
CA LEU A 682 -3.09 9.34 -19.59
C LEU A 682 -4.49 9.12 -19.08
N LEU A 683 -4.86 9.70 -17.95
CA LEU A 683 -6.22 9.70 -17.45
C LEU A 683 -6.90 11.04 -17.63
N TYR A 684 -6.18 12.04 -18.12
CA TYR A 684 -6.73 13.38 -18.33
C TYR A 684 -7.27 13.49 -19.74
N ASN A 685 -8.52 13.91 -19.86
CA ASN A 685 -9.18 14.07 -21.15
C ASN A 685 -9.04 15.53 -21.59
N ALA A 686 -8.29 15.75 -22.66
CA ALA A 686 -8.05 17.10 -23.17
C ALA A 686 -9.23 17.68 -23.91
N LYS A 687 -10.27 16.89 -24.16
CA LYS A 687 -11.44 17.41 -24.89
C LYS A 687 -12.20 18.42 -24.04
N LEU A 688 -12.59 18.03 -22.83
CA LEU A 688 -13.30 18.92 -21.92
C LEU A 688 -12.43 19.39 -20.76
N ASP A 689 -11.12 19.09 -20.81
CA ASP A 689 -10.18 19.55 -19.80
C ASP A 689 -10.60 19.10 -18.40
N TYR A 690 -10.63 17.78 -18.22
CA TYR A 690 -11.07 17.18 -16.97
C TYR A 690 -10.23 15.94 -16.68
N PRO A 691 -9.24 16.02 -15.81
CA PRO A 691 -8.44 14.85 -15.44
C PRO A 691 -9.21 13.97 -14.47
N CYS A 692 -8.58 12.86 -14.09
CA CYS A 692 -9.15 11.95 -13.09
C CYS A 692 -9.09 12.63 -11.73
N THR A 693 -10.24 13.09 -11.24
CA THR A 693 -10.28 13.75 -9.94
C THR A 693 -10.84 12.79 -8.91
N PRO A 694 -10.01 12.21 -8.04
CA PRO A 694 -10.55 11.32 -7.00
C PRO A 694 -11.38 12.07 -5.98
N LYS A 695 -12.68 11.82 -5.97
CA LYS A 695 -13.56 12.47 -5.00
C LYS A 695 -13.33 11.95 -3.59
N SER A 696 -12.73 10.78 -3.45
CA SER A 696 -12.44 10.20 -2.15
C SER A 696 -11.02 9.66 -2.16
N TRP A 697 -10.19 10.12 -1.23
CA TRP A 697 -8.77 9.81 -1.20
C TRP A 697 -8.45 8.63 -0.28
N ASN A 698 -9.41 7.74 -0.05
CA ASN A 698 -9.21 6.63 0.86
C ASN A 698 -9.47 5.26 0.26
N ILE A 699 -9.96 5.18 -0.97
CA ILE A 699 -10.17 3.90 -1.64
C ILE A 699 -9.42 3.96 -2.96
N SER A 700 -8.17 3.52 -2.94
CA SER A 700 -7.39 3.32 -4.15
C SER A 700 -6.94 1.88 -4.32
N ASP A 701 -6.66 1.18 -3.22
CA ASP A 701 -6.46 -0.27 -3.28
C ASP A 701 -7.76 -1.00 -3.58
N ASP A 702 -8.90 -0.34 -3.43
CA ASP A 702 -10.17 -0.94 -3.78
C ASP A 702 -10.31 -1.14 -5.29
N LEU A 703 -9.57 -0.38 -6.08
CA LEU A 703 -9.62 -0.55 -7.53
C LEU A 703 -8.86 -1.79 -7.98
N GLY A 704 -7.85 -2.20 -7.24
CA GLY A 704 -7.07 -3.36 -7.62
C GLY A 704 -7.71 -4.69 -7.36
N GLN A 705 -8.88 -4.70 -6.72
CA GLN A 705 -9.61 -5.94 -6.47
C GLN A 705 -11.03 -5.87 -6.98
N ILE A 706 -11.32 -4.90 -7.87
CA ILE A 706 -12.66 -4.78 -8.45
C ILE A 706 -12.98 -6.05 -9.21
N GLU A 707 -14.07 -6.71 -8.85
CA GLU A 707 -14.51 -7.93 -9.52
C GLU A 707 -15.69 -7.72 -10.45
N TYR A 708 -16.61 -6.84 -10.10
CA TYR A 708 -17.79 -6.56 -10.92
C TYR A 708 -17.81 -5.09 -11.31
N ILE A 709 -18.15 -4.82 -12.57
CA ILE A 709 -18.32 -3.46 -13.06
C ILE A 709 -19.74 -3.34 -13.60
N PHE A 710 -20.53 -2.47 -12.98
CA PHE A 710 -21.91 -2.24 -13.38
C PHE A 710 -21.93 -0.95 -14.19
N SER A 711 -21.82 -1.10 -15.50
CA SER A 711 -21.73 0.05 -16.39
C SER A 711 -23.14 0.61 -16.65
N ASP A 712 -23.23 1.53 -17.59
CA ASP A 712 -24.50 2.16 -17.93
C ASP A 712 -24.48 2.55 -19.40
N LYS A 713 -25.52 2.18 -20.14
CA LYS A 713 -25.56 2.37 -21.58
C LYS A 713 -26.03 3.76 -21.98
N THR A 714 -26.57 4.52 -21.04
CA THR A 714 -27.08 5.85 -21.29
C THR A 714 -26.07 6.80 -21.93
N GLY A 715 -25.00 7.08 -21.19
CA GLY A 715 -23.98 8.02 -21.63
C GLY A 715 -22.57 7.64 -21.26
N THR A 716 -22.36 6.40 -20.81
CA THR A 716 -21.02 5.93 -20.44
C THR A 716 -20.40 5.09 -21.54
N LEU A 717 -21.06 4.00 -21.93
CA LEU A 717 -20.58 3.22 -23.07
C LEU A 717 -20.76 4.01 -24.36
N THR A 718 -21.96 4.52 -24.60
CA THR A 718 -22.25 5.37 -25.75
C THR A 718 -22.05 6.83 -25.37
N GLN A 719 -21.53 7.61 -26.30
CA GLN A 719 -21.15 8.99 -26.02
C GLN A 719 -22.35 9.94 -25.93
N ASN A 720 -23.57 9.43 -25.99
CA ASN A 720 -24.79 10.23 -25.86
C ASN A 720 -24.87 11.33 -26.92
N VAL A 721 -24.18 11.18 -28.03
CA VAL A 721 -24.24 12.12 -29.14
C VAL A 721 -25.13 11.49 -30.20
N MET A 722 -26.40 11.88 -30.21
CA MET A 722 -27.35 11.31 -31.14
C MET A 722 -27.04 11.72 -32.58
N GLU A 723 -27.15 10.77 -33.50
CA GLU A 723 -26.88 11.02 -34.91
C GLU A 723 -28.03 10.49 -35.75
N PHE A 724 -28.62 11.35 -36.55
CA PHE A 724 -29.74 10.95 -37.42
C PHE A 724 -29.20 10.16 -38.61
N LYS A 725 -29.66 8.92 -38.76
CA LYS A 725 -29.14 8.03 -39.80
C LYS A 725 -30.17 7.70 -40.86
N LYS A 726 -31.31 7.13 -40.47
CA LYS A 726 -32.33 6.70 -41.42
C LYS A 726 -33.61 7.49 -41.22
N CYS A 727 -34.54 7.31 -42.14
CA CYS A 727 -35.85 7.95 -42.05
C CYS A 727 -36.83 7.19 -42.94
N THR A 728 -38.11 7.49 -42.74
CA THR A 728 -39.20 6.86 -43.50
C THR A 728 -40.06 7.97 -44.09
N ILE A 729 -39.93 8.20 -45.39
CA ILE A 729 -40.71 9.21 -46.11
C ILE A 729 -41.65 8.48 -47.06
N ASN A 730 -42.93 8.81 -46.98
CA ASN A 730 -43.97 8.24 -47.85
C ASN A 730 -44.00 6.71 -47.74
N GLY A 731 -43.72 6.21 -46.54
CA GLY A 731 -43.68 4.77 -46.32
C GLY A 731 -42.51 4.07 -46.96
N VAL A 732 -41.44 4.81 -47.28
CA VAL A 732 -40.26 4.24 -47.91
C VAL A 732 -39.04 4.64 -47.10
N SER A 733 -38.15 3.68 -46.86
CA SER A 733 -36.95 3.92 -46.07
C SER A 733 -35.90 4.65 -46.90
N TYR A 734 -35.34 5.71 -46.34
CA TYR A 734 -34.28 6.49 -46.97
C TYR A 734 -33.16 6.71 -45.97
N GLY A 735 -31.93 6.47 -46.40
CA GLY A 735 -30.76 6.64 -45.57
C GLY A 735 -29.74 5.55 -45.84
N ARG A 736 -28.52 5.78 -45.37
CA ARG A 736 -27.43 4.82 -45.56
C ARG A 736 -26.41 5.02 -44.45
N ALA A 737 -26.35 4.10 -43.50
CA ALA A 737 -25.42 4.19 -42.39
C ALA A 737 -25.18 2.80 -41.82
N TYR A 738 -23.92 2.49 -41.55
CA TYR A 738 -23.54 1.21 -40.96
C TYR A 738 -23.41 1.38 -39.45
N THR A 739 -24.43 0.91 -38.72
CA THR A 739 -24.49 1.08 -37.29
C THR A 739 -23.70 -0.01 -36.57
N GLU A 740 -23.54 0.16 -35.26
CA GLU A 740 -22.85 -0.84 -34.46
C GLU A 740 -23.69 -2.11 -34.30
N ALA A 741 -25.01 -1.99 -34.32
CA ALA A 741 -25.85 -3.17 -34.22
C ALA A 741 -25.71 -4.08 -35.43
N LEU A 742 -25.44 -3.52 -36.60
CA LEU A 742 -25.18 -4.36 -37.76
C LEU A 742 -23.90 -5.17 -37.58
N ALA A 743 -22.86 -4.54 -37.04
CA ALA A 743 -21.65 -5.29 -36.70
C ALA A 743 -21.92 -6.33 -35.62
N GLY A 744 -22.85 -6.03 -34.70
CA GLY A 744 -23.22 -7.03 -33.71
C GLY A 744 -23.88 -8.24 -34.33
N LEU A 745 -24.79 -8.02 -35.27
CA LEU A 745 -25.38 -9.13 -36.02
C LEU A 745 -24.30 -9.91 -36.78
N ARG A 746 -23.38 -9.21 -37.42
CA ARG A 746 -22.33 -9.89 -38.18
C ARG A 746 -21.43 -10.72 -37.27
N LYS A 747 -21.19 -10.25 -36.04
CA LYS A 747 -20.36 -11.01 -35.11
C LYS A 747 -21.12 -12.15 -34.45
N ARG A 748 -22.42 -12.00 -34.26
CA ARG A 748 -23.21 -13.07 -33.66
C ARG A 748 -23.53 -14.18 -34.63
N GLN A 749 -23.74 -13.85 -35.91
CA GLN A 749 -24.02 -14.86 -36.92
C GLN A 749 -22.77 -15.59 -37.38
N GLY A 750 -21.60 -14.97 -37.23
CA GLY A 750 -20.35 -15.61 -37.63
C GLY A 750 -19.78 -15.08 -38.92
N VAL A 751 -19.89 -13.78 -39.13
CA VAL A 751 -19.33 -13.12 -40.30
C VAL A 751 -18.00 -12.49 -39.90
N ASP A 752 -17.11 -12.34 -40.88
CA ASP A 752 -15.77 -11.82 -40.60
C ASP A 752 -15.81 -10.33 -40.28
N VAL A 753 -15.93 -10.00 -39.00
CA VAL A 753 -15.94 -8.62 -38.55
C VAL A 753 -14.50 -8.12 -38.45
N GLU A 754 -14.34 -6.80 -38.29
CA GLU A 754 -13.05 -6.13 -38.19
C GLU A 754 -12.20 -6.29 -39.46
N SER A 755 -12.77 -6.82 -40.53
CA SER A 755 -12.09 -6.96 -41.80
C SER A 755 -12.76 -6.19 -42.93
N GLU A 756 -14.09 -6.21 -42.98
CA GLU A 756 -14.82 -5.41 -43.97
C GLU A 756 -14.69 -3.92 -43.72
N GLY A 757 -14.17 -3.52 -42.56
CA GLY A 757 -14.00 -2.10 -42.27
C GLY A 757 -13.06 -1.40 -43.24
N ARG A 758 -12.06 -2.12 -43.75
CA ARG A 758 -11.13 -1.52 -44.70
C ARG A 758 -11.85 -1.08 -45.97
N ARG A 759 -12.49 -2.03 -46.67
CA ARG A 759 -13.22 -1.68 -47.88
C ARG A 759 -14.37 -0.73 -47.58
N GLU A 760 -14.98 -0.83 -46.40
CA GLU A 760 -16.03 0.09 -46.01
C GLU A 760 -15.50 1.52 -45.96
N LYS A 761 -14.34 1.72 -45.35
CA LYS A 761 -13.72 3.03 -45.31
C LYS A 761 -13.34 3.50 -46.71
N GLU A 762 -12.81 2.59 -47.54
CA GLU A 762 -12.40 2.97 -48.89
C GLU A 762 -13.58 3.38 -49.76
N GLU A 763 -14.77 2.80 -49.52
CA GLU A 763 -15.93 3.20 -50.31
C GLU A 763 -16.60 4.44 -49.73
N ILE A 764 -16.65 4.56 -48.40
CA ILE A 764 -17.17 5.77 -47.79
C ILE A 764 -16.30 6.97 -48.14
N ALA A 765 -15.02 6.72 -48.42
CA ALA A 765 -14.13 7.80 -48.87
C ALA A 765 -14.66 8.45 -50.14
N LYS A 766 -14.88 7.66 -51.18
CA LYS A 766 -15.39 8.23 -52.42
C LYS A 766 -16.83 8.72 -52.26
N ASP A 767 -17.62 8.06 -51.42
CA ASP A 767 -18.97 8.53 -51.17
C ASP A 767 -18.96 9.95 -50.61
N ARG A 768 -18.18 10.19 -49.56
CA ARG A 768 -18.10 11.52 -48.98
C ARG A 768 -17.37 12.49 -49.90
N GLU A 769 -16.48 12.00 -50.77
CA GLU A 769 -15.84 12.88 -51.74
C GLU A 769 -16.86 13.44 -52.70
N THR A 770 -17.66 12.57 -53.33
CA THR A 770 -18.73 13.05 -54.19
C THR A 770 -19.75 13.88 -53.42
N MET A 771 -19.98 13.55 -52.15
CA MET A 771 -20.85 14.36 -51.30
C MET A 771 -20.35 15.79 -51.19
N ILE A 772 -19.07 15.96 -50.85
CA ILE A 772 -18.54 17.31 -50.66
C ILE A 772 -18.42 18.04 -51.99
N ASP A 773 -18.19 17.31 -53.09
CA ASP A 773 -18.23 17.96 -54.40
C ASP A 773 -19.64 18.48 -54.69
N GLU A 774 -20.66 17.69 -54.35
CA GLU A 774 -22.03 18.12 -54.56
C GLU A 774 -22.38 19.33 -53.70
N LEU A 775 -21.87 19.36 -52.46
CA LEU A 775 -22.10 20.53 -51.61
C LEU A 775 -21.39 21.76 -52.16
N ARG A 776 -20.15 21.59 -52.64
CA ARG A 776 -19.41 22.71 -53.17
C ARG A 776 -20.04 23.25 -54.46
N SER A 777 -20.67 22.37 -55.23
CA SER A 777 -21.32 22.78 -56.48
C SER A 777 -22.77 23.19 -56.29
N MET A 778 -23.36 22.93 -55.13
CA MET A 778 -24.76 23.26 -54.92
C MET A 778 -24.93 24.71 -54.45
N SER A 779 -24.30 25.06 -53.33
CA SER A 779 -24.45 26.39 -52.76
C SER A 779 -23.14 26.90 -52.16
N ASP A 780 -23.20 28.03 -51.48
CA ASP A 780 -22.01 28.61 -50.89
C ASP A 780 -21.60 27.93 -49.58
N ASN A 781 -22.45 27.04 -49.08
CA ASN A 781 -22.22 26.32 -47.83
C ASN A 781 -22.04 27.30 -46.66
N THR A 782 -23.12 28.03 -46.37
CA THR A 782 -23.12 29.00 -45.29
C THR A 782 -23.01 28.38 -43.90
N GLN A 783 -22.90 27.05 -43.81
CA GLN A 783 -22.73 26.40 -42.53
C GLN A 783 -21.28 26.52 -42.06
N PHE A 784 -20.96 25.80 -40.99
CA PHE A 784 -19.62 25.86 -40.41
C PHE A 784 -18.67 24.97 -41.21
N CYS A 785 -17.48 24.74 -40.66
CA CYS A 785 -16.48 23.91 -41.31
C CYS A 785 -17.00 22.49 -41.52
N PRO A 786 -16.50 21.78 -42.53
CA PRO A 786 -17.04 20.45 -42.86
C PRO A 786 -16.78 19.39 -41.80
N GLU A 787 -16.14 19.72 -40.68
CA GLU A 787 -15.91 18.73 -39.64
C GLU A 787 -17.24 18.26 -39.04
N ASP A 788 -18.21 19.16 -38.90
CA ASP A 788 -19.52 18.84 -38.35
C ASP A 788 -20.54 18.49 -39.43
N LEU A 789 -20.08 18.16 -40.64
CA LEU A 789 -20.97 17.79 -41.74
C LEU A 789 -21.21 16.29 -41.65
N THR A 790 -22.21 15.90 -40.86
CA THR A 790 -22.54 14.49 -40.66
C THR A 790 -23.47 13.93 -41.72
N PHE A 791 -23.54 14.56 -42.89
CA PHE A 791 -24.42 14.14 -43.97
C PHE A 791 -23.63 13.24 -44.91
N VAL A 792 -23.94 11.95 -44.90
CA VAL A 792 -23.25 10.98 -45.74
C VAL A 792 -24.24 10.28 -46.66
N SER A 793 -25.50 10.19 -46.22
CA SER A 793 -26.53 9.48 -46.97
C SER A 793 -27.02 10.34 -48.12
N LYS A 794 -26.40 10.17 -49.29
CA LYS A 794 -26.78 10.96 -50.46
C LYS A 794 -28.07 10.47 -51.09
N GLU A 795 -28.50 9.24 -50.78
CA GLU A 795 -29.63 8.63 -51.49
C GLU A 795 -30.88 9.49 -51.42
N ILE A 796 -31.12 10.15 -50.28
CA ILE A 796 -32.30 11.00 -50.17
C ILE A 796 -32.23 12.16 -51.16
N VAL A 797 -31.04 12.77 -51.27
CA VAL A 797 -30.87 13.88 -52.21
C VAL A 797 -30.94 13.38 -53.64
N GLU A 798 -30.55 12.12 -53.86
CA GLU A 798 -30.63 11.57 -55.21
C GLU A 798 -32.07 11.31 -55.63
N ASP A 799 -32.91 10.85 -54.70
CA ASP A 799 -34.27 10.49 -55.08
C ASP A 799 -35.25 11.66 -54.96
N LEU A 800 -34.92 12.70 -54.21
CA LEU A 800 -35.87 13.81 -54.09
C LEU A 800 -35.96 14.66 -55.36
N LYS A 801 -35.01 14.53 -56.29
CA LYS A 801 -34.99 15.42 -57.45
C LYS A 801 -35.93 14.94 -58.55
N GLY A 802 -35.68 13.74 -59.10
CA GLY A 802 -36.42 13.31 -60.26
C GLY A 802 -36.73 11.83 -60.35
N SER A 803 -36.70 11.12 -59.23
CA SER A 803 -37.01 9.69 -59.26
C SER A 803 -38.49 9.46 -59.54
N SER A 804 -39.36 9.98 -58.67
CA SER A 804 -40.80 9.89 -58.87
C SER A 804 -41.41 11.17 -59.41
N GLY A 805 -40.59 12.08 -59.90
CA GLY A 805 -41.08 13.35 -60.40
C GLY A 805 -41.17 14.37 -59.28
N ASP A 806 -42.34 14.98 -59.12
CA ASP A 806 -42.57 15.94 -58.05
C ASP A 806 -43.20 15.31 -56.81
N HIS A 807 -43.60 14.05 -56.87
CA HIS A 807 -44.23 13.40 -55.73
C HIS A 807 -43.26 13.25 -54.57
N GLN A 808 -42.11 12.61 -54.80
CA GLN A 808 -41.12 12.43 -53.74
C GLN A 808 -40.58 13.78 -53.26
N GLN A 809 -40.46 14.75 -54.17
CA GLN A 809 -40.04 16.09 -53.76
C GLN A 809 -41.05 16.70 -52.81
N LYS A 810 -42.33 16.53 -53.11
CA LYS A 810 -43.40 17.04 -52.27
C LYS A 810 -43.39 16.36 -50.90
N CYS A 811 -43.12 15.06 -50.88
CA CYS A 811 -43.09 14.31 -49.62
C CYS A 811 -41.91 14.74 -48.76
N CYS A 812 -40.71 14.86 -49.36
CA CYS A 812 -39.54 15.21 -48.55
C CYS A 812 -39.62 16.66 -48.08
N GLU A 813 -40.20 17.54 -48.89
CA GLU A 813 -40.35 18.93 -48.46
C GLU A 813 -41.36 19.04 -47.32
N HIS A 814 -42.46 18.28 -47.40
CA HIS A 814 -43.41 18.25 -46.30
C HIS A 814 -42.78 17.69 -45.04
N PHE A 815 -41.96 16.65 -45.18
CA PHE A 815 -41.25 16.09 -44.04
C PHE A 815 -40.30 17.11 -43.43
N LEU A 816 -39.55 17.83 -44.27
CA LEU A 816 -38.61 18.83 -43.77
C LEU A 816 -39.33 19.96 -43.06
N LEU A 817 -40.47 20.41 -43.60
CA LEU A 817 -41.23 21.46 -42.94
C LEU A 817 -41.82 20.98 -41.62
N ALA A 818 -42.32 19.74 -41.59
CA ALA A 818 -42.89 19.20 -40.36
C ALA A 818 -41.81 19.05 -39.28
N LEU A 819 -40.58 18.74 -39.69
CA LEU A 819 -39.49 18.62 -38.72
C LEU A 819 -38.87 19.96 -38.34
N ALA A 820 -38.97 20.98 -39.20
CA ALA A 820 -38.38 22.27 -38.92
C ALA A 820 -39.33 23.23 -38.23
N LEU A 821 -40.64 22.98 -38.25
CA LEU A 821 -41.60 23.80 -37.54
C LEU A 821 -42.18 23.14 -36.30
N CYS A 822 -42.38 21.82 -36.33
CA CYS A 822 -42.90 21.11 -35.17
C CYS A 822 -41.72 20.59 -34.35
N HIS A 823 -41.35 21.34 -33.31
CA HIS A 823 -40.26 20.97 -32.43
C HIS A 823 -40.38 21.82 -31.17
N SER A 824 -39.54 21.50 -30.17
CA SER A 824 -39.54 22.21 -28.91
C SER A 824 -38.12 22.52 -28.44
N VAL A 825 -37.19 22.72 -29.37
CA VAL A 825 -35.82 23.08 -29.01
C VAL A 825 -35.75 24.58 -28.80
N LEU A 826 -35.04 24.99 -27.74
CA LEU A 826 -34.92 26.40 -27.38
C LEU A 826 -33.69 26.96 -28.08
N VAL A 827 -33.90 27.65 -29.20
CA VAL A 827 -32.81 28.23 -29.98
C VAL A 827 -32.54 29.64 -29.49
N GLU A 828 -31.28 29.93 -29.24
CA GLU A 828 -30.84 31.27 -28.81
C GLU A 828 -29.36 31.44 -29.11
N PRO A 829 -28.99 31.60 -30.39
CA PRO A 829 -27.58 31.66 -30.75
C PRO A 829 -26.88 32.91 -30.23
N ASN A 830 -26.05 32.74 -29.20
CA ASN A 830 -25.34 33.82 -28.54
C ASN A 830 -24.12 33.23 -27.86
N LYS A 831 -23.49 34.04 -27.01
CA LYS A 831 -22.28 33.65 -26.29
C LYS A 831 -21.21 33.13 -27.24
N ASP A 832 -20.45 34.05 -27.85
CA ASP A 832 -20.69 35.48 -27.75
C ASP A 832 -21.17 36.04 -29.10
N ASP A 833 -20.87 35.31 -30.16
CA ASP A 833 -21.24 35.70 -31.52
C ASP A 833 -22.53 35.00 -31.93
N PRO A 834 -23.43 35.70 -32.64
CA PRO A 834 -24.65 35.05 -33.14
C PRO A 834 -24.42 34.15 -34.34
N LYS A 835 -23.17 33.96 -34.76
CA LYS A 835 -22.90 33.10 -35.91
C LYS A 835 -23.17 31.64 -35.58
N LYS A 836 -22.58 31.14 -34.49
CA LYS A 836 -22.80 29.76 -34.09
C LYS A 836 -24.19 29.59 -33.52
N LEU A 837 -24.75 28.39 -33.70
CA LEU A 837 -26.07 28.07 -33.21
C LEU A 837 -25.99 27.55 -31.77
N ASP A 838 -27.01 27.89 -30.98
CA ASP A 838 -27.11 27.49 -29.58
C ASP A 838 -28.42 26.76 -29.33
N ILE A 839 -28.73 25.78 -30.18
CA ILE A 839 -29.93 24.98 -29.98
C ILE A 839 -29.81 24.23 -28.66
N LYS A 840 -30.68 24.56 -27.71
CA LYS A 840 -30.70 23.93 -26.40
C LYS A 840 -32.02 23.21 -26.22
N ALA A 841 -31.96 21.95 -25.81
CA ALA A 841 -33.15 21.14 -25.60
C ALA A 841 -32.86 20.10 -24.54
N GLN A 842 -33.86 19.83 -23.70
CA GLN A 842 -33.70 18.82 -22.66
C GLN A 842 -33.57 17.41 -23.24
N SER A 843 -34.05 17.20 -24.46
CA SER A 843 -33.94 15.91 -25.13
C SER A 843 -32.98 16.01 -26.30
N PRO A 844 -32.10 15.02 -26.48
CA PRO A 844 -31.16 15.09 -27.61
C PRO A 844 -31.77 14.74 -28.95
N ASP A 845 -32.92 14.06 -28.97
CA ASP A 845 -33.52 13.64 -30.23
C ASP A 845 -33.99 14.83 -31.05
N GLU A 846 -34.64 15.81 -30.42
CA GLU A 846 -35.08 17.00 -31.14
C GLU A 846 -33.90 17.76 -31.70
N SER A 847 -32.80 17.84 -30.92
CA SER A 847 -31.61 18.53 -31.40
C SER A 847 -31.01 17.81 -32.60
N ALA A 848 -30.96 16.47 -32.56
CA ALA A 848 -30.47 15.71 -33.71
C ALA A 848 -31.34 15.93 -34.93
N LEU A 849 -32.66 15.98 -34.74
CA LEU A 849 -33.57 16.16 -35.86
C LEU A 849 -33.40 17.54 -36.49
N VAL A 850 -33.35 18.59 -35.67
CA VAL A 850 -33.19 19.92 -36.24
C VAL A 850 -31.80 20.08 -36.87
N SER A 851 -30.78 19.42 -36.31
CA SER A 851 -29.45 19.51 -36.89
C SER A 851 -29.40 18.82 -38.25
N THR A 852 -30.00 17.64 -38.37
CA THR A 852 -30.00 16.95 -39.65
C THR A 852 -30.94 17.61 -40.66
N ALA A 853 -31.91 18.39 -40.19
CA ALA A 853 -32.71 19.18 -41.12
C ALA A 853 -31.95 20.42 -41.59
N ARG A 854 -31.10 20.98 -40.73
CA ARG A 854 -30.27 22.12 -41.14
C ARG A 854 -29.20 21.68 -42.12
N GLN A 855 -28.47 20.61 -41.80
CA GLN A 855 -27.37 20.16 -42.65
C GLN A 855 -27.88 19.55 -43.95
N LEU A 856 -29.15 19.14 -44.01
CA LEU A 856 -29.69 18.58 -45.24
C LEU A 856 -29.72 19.61 -46.36
N GLY A 857 -29.75 20.89 -46.01
CA GLY A 857 -29.82 21.95 -46.99
C GLY A 857 -30.75 23.07 -46.53
N TYR A 858 -31.63 22.73 -45.59
CA TYR A 858 -32.58 23.70 -45.03
C TYR A 858 -32.02 24.27 -43.72
N SER A 859 -30.95 25.04 -43.88
CA SER A 859 -30.29 25.66 -42.74
C SER A 859 -31.18 26.76 -42.14
N PHE A 860 -30.73 27.28 -41.00
CA PHE A 860 -31.46 28.32 -40.27
C PHE A 860 -30.51 29.49 -40.05
N VAL A 861 -30.57 30.47 -40.96
CA VAL A 861 -29.73 31.66 -40.90
C VAL A 861 -30.43 32.73 -40.08
N GLY A 862 -29.67 33.42 -39.24
CA GLY A 862 -30.23 34.45 -38.39
C GLY A 862 -30.99 33.86 -37.22
N SER A 863 -31.71 34.73 -36.52
CA SER A 863 -32.47 34.33 -35.34
C SER A 863 -33.58 35.34 -35.10
N SER A 864 -34.54 34.94 -34.27
CA SER A 864 -35.65 35.81 -33.90
C SER A 864 -36.15 35.40 -32.52
N LYS A 865 -36.98 36.24 -31.94
CA LYS A 865 -37.54 35.99 -30.62
C LYS A 865 -38.90 35.31 -30.71
N SER A 866 -39.84 35.92 -31.43
CA SER A 866 -41.19 35.38 -31.60
C SER A 866 -41.28 34.78 -32.99
N GLY A 867 -41.32 33.46 -33.07
CA GLY A 867 -41.42 32.75 -34.33
C GLY A 867 -40.07 32.30 -34.86
N LEU A 868 -40.12 31.64 -36.01
CA LEU A 868 -38.95 31.09 -36.68
C LEU A 868 -38.94 31.61 -38.12
N ILE A 869 -38.35 32.78 -38.31
CA ILE A 869 -38.24 33.38 -39.63
C ILE A 869 -37.08 32.74 -40.37
N VAL A 870 -37.39 31.98 -41.43
CA VAL A 870 -36.36 31.27 -42.19
C VAL A 870 -36.44 31.70 -43.64
N GLU A 871 -35.32 32.21 -44.17
CA GLU A 871 -35.20 32.57 -45.57
C GLU A 871 -34.23 31.60 -46.24
N ILE A 872 -34.63 31.04 -47.38
CA ILE A 872 -33.81 30.07 -48.11
C ILE A 872 -33.91 30.40 -49.59
N GLN A 873 -32.86 31.03 -50.13
CA GLN A 873 -32.73 31.27 -51.57
C GLN A 873 -33.92 31.99 -52.17
N GLY A 874 -34.76 32.59 -51.33
CA GLY A 874 -35.95 33.26 -51.82
C GLY A 874 -37.22 32.91 -51.08
N VAL A 875 -37.35 31.66 -50.63
CA VAL A 875 -38.57 31.26 -49.94
C VAL A 875 -38.50 31.71 -48.49
N GLN A 876 -39.61 32.27 -48.00
CA GLN A 876 -39.73 32.77 -46.65
C GLN A 876 -40.74 31.92 -45.88
N LYS A 877 -40.33 31.47 -44.69
CA LYS A 877 -41.16 30.59 -43.87
C LYS A 877 -41.26 31.16 -42.46
N GLU A 878 -42.49 31.47 -42.05
CA GLU A 878 -42.82 31.85 -40.67
C GLU A 878 -44.26 31.40 -40.43
N PHE A 879 -44.40 30.23 -39.83
CA PHE A 879 -45.70 29.61 -39.57
C PHE A 879 -45.93 29.61 -38.06
N GLN A 880 -46.56 30.67 -37.56
CA GLN A 880 -46.84 30.77 -36.13
C GLN A 880 -47.84 29.70 -35.72
N VAL A 881 -47.46 28.88 -34.74
CA VAL A 881 -48.34 27.82 -34.25
C VAL A 881 -49.27 28.31 -33.15
N LEU A 882 -48.93 29.39 -32.46
CA LEU A 882 -49.70 30.06 -31.41
C LEU A 882 -49.77 29.22 -30.13
N ASN A 883 -49.27 27.99 -30.13
CA ASN A 883 -49.23 27.18 -28.93
C ASN A 883 -48.13 26.15 -29.06
N VAL A 884 -47.42 25.92 -27.95
CA VAL A 884 -46.31 24.96 -27.89
C VAL A 884 -46.69 23.88 -26.89
N LEU A 885 -46.69 22.63 -27.35
CA LEU A 885 -46.99 21.48 -26.51
C LEU A 885 -45.68 20.81 -26.10
N GLU A 886 -45.24 21.06 -24.88
CA GLU A 886 -43.99 20.52 -24.40
C GLU A 886 -44.11 18.99 -24.21
N PHE A 887 -42.95 18.34 -24.14
CA PHE A 887 -42.90 16.90 -23.98
C PHE A 887 -43.19 16.52 -22.53
N ASN A 888 -44.20 15.69 -22.32
CA ASN A 888 -44.55 15.15 -21.02
C ASN A 888 -44.10 13.70 -20.92
N SER A 889 -43.53 13.35 -19.77
CA SER A 889 -42.88 12.06 -19.58
C SER A 889 -43.85 10.95 -19.15
N SER A 890 -45.10 11.28 -18.83
CA SER A 890 -46.06 10.28 -18.39
C SER A 890 -46.90 9.72 -19.51
N ARG A 891 -47.41 10.57 -20.41
CA ARG A 891 -48.29 10.12 -21.48
C ARG A 891 -47.57 9.94 -22.81
N LYS A 892 -46.57 10.79 -23.09
CA LYS A 892 -45.78 10.70 -24.32
C LYS A 892 -46.66 10.86 -25.57
N ARG A 893 -47.63 11.78 -25.50
CA ARG A 893 -48.54 11.98 -26.61
C ARG A 893 -49.12 13.40 -26.55
N MET A 894 -49.27 14.00 -27.73
CA MET A 894 -49.93 15.29 -27.84
C MET A 894 -50.54 15.39 -29.24
N SER A 895 -51.78 15.87 -29.30
CA SER A 895 -52.49 16.01 -30.56
C SER A 895 -52.33 17.42 -31.10
N CYS A 896 -51.49 17.57 -32.12
CA CYS A 896 -51.22 18.87 -32.73
C CYS A 896 -51.13 18.71 -34.24
N ILE A 897 -52.02 19.38 -34.96
CA ILE A 897 -52.02 19.39 -36.42
C ILE A 897 -51.72 20.81 -36.88
N ILE A 898 -50.80 20.92 -37.84
CA ILE A 898 -50.36 22.22 -38.34
C ILE A 898 -51.34 22.70 -39.39
N LYS A 899 -51.73 23.96 -39.29
CA LYS A 899 -52.66 24.57 -40.22
C LYS A 899 -51.93 25.12 -41.45
N ILE A 900 -52.67 25.26 -42.54
CA ILE A 900 -52.14 25.84 -43.77
C ILE A 900 -53.08 26.97 -44.21
N PRO A 901 -52.55 28.10 -44.70
CA PRO A 901 -53.39 29.22 -45.14
C PRO A 901 -54.13 28.94 -46.44
N LYS A 916 -45.64 10.28 -31.79
CA LYS A 916 -44.38 10.92 -31.44
C LYS A 916 -43.50 10.00 -30.60
N GLY A 917 -44.02 8.81 -30.31
CA GLY A 917 -43.33 7.82 -29.51
C GLY A 917 -43.43 6.44 -30.12
N ALA A 918 -43.56 5.45 -29.26
CA ALA A 918 -43.63 4.05 -29.67
C ALA A 918 -45.01 3.73 -30.24
N ASP A 919 -45.22 2.45 -30.56
CA ASP A 919 -46.47 1.98 -31.12
C ASP A 919 -47.55 1.74 -30.08
N SER A 920 -47.21 1.84 -28.78
CA SER A 920 -48.19 1.60 -27.73
C SER A 920 -49.08 2.79 -27.44
N VAL A 921 -48.82 3.94 -28.07
CA VAL A 921 -49.58 5.16 -27.84
C VAL A 921 -50.36 5.59 -29.07
N ILE A 922 -49.79 5.40 -30.26
CA ILE A 922 -50.41 5.84 -31.50
C ILE A 922 -50.97 4.65 -32.29
N TYR A 923 -50.26 3.53 -32.30
CA TYR A 923 -50.70 2.34 -33.01
C TYR A 923 -51.58 1.49 -32.10
N SER A 924 -51.84 0.25 -32.50
CA SER A 924 -52.67 -0.72 -31.79
C SER A 924 -54.12 -0.28 -31.66
N ARG A 925 -54.54 0.72 -32.42
CA ARG A 925 -55.93 1.18 -32.44
C ARG A 925 -56.37 1.22 -33.90
N LEU A 926 -56.83 0.08 -34.41
CA LEU A 926 -57.22 -0.06 -35.80
C LEU A 926 -58.62 -0.67 -35.87
N ASP A 927 -59.15 -0.74 -37.08
CA ASP A 927 -60.47 -1.29 -37.32
C ASP A 927 -60.40 -2.81 -37.26
N ARG A 928 -60.90 -3.38 -36.17
CA ARG A 928 -60.89 -4.83 -35.99
C ARG A 928 -61.79 -5.51 -37.01
N ASN A 931 -59.34 -3.67 -43.85
CA ASN A 931 -59.01 -3.92 -45.25
C ASN A 931 -58.45 -2.67 -45.90
N ASP A 932 -58.44 -1.57 -45.16
CA ASP A 932 -57.97 -0.28 -45.65
C ASP A 932 -56.62 0.06 -45.04
N ALA A 933 -55.94 1.01 -45.67
CA ALA A 933 -54.61 1.48 -45.25
C ALA A 933 -53.62 0.31 -45.20
N THR A 934 -53.46 -0.34 -46.35
CA THR A 934 -52.53 -1.46 -46.44
C THR A 934 -51.09 -0.98 -46.55
N LEU A 935 -50.84 0.04 -47.38
CA LEU A 935 -49.48 0.56 -47.54
C LEU A 935 -48.93 1.05 -46.21
N LEU A 936 -49.77 1.73 -45.41
CA LEU A 936 -49.37 2.14 -44.08
C LEU A 936 -48.97 0.93 -43.24
N GLU A 937 -49.72 -0.17 -43.36
CA GLU A 937 -49.33 -1.41 -42.69
C GLU A 937 -47.93 -1.83 -43.13
N LYS A 938 -47.64 -1.71 -44.42
CA LYS A 938 -46.29 -1.98 -44.91
C LYS A 938 -45.27 -1.10 -44.20
N THR A 939 -45.61 0.17 -44.00
CA THR A 939 -44.72 1.08 -43.28
C THR A 939 -44.46 0.56 -41.87
N ALA A 940 -45.46 -0.08 -41.25
CA ALA A 940 -45.26 -0.68 -39.94
C ALA A 940 -44.17 -1.73 -39.98
N LEU A 941 -44.08 -2.50 -41.08
CA LEU A 941 -43.02 -3.48 -41.20
C LEU A 941 -41.64 -2.83 -41.19
N HIS A 942 -41.55 -1.56 -41.62
CA HIS A 942 -40.28 -0.85 -41.53
C HIS A 942 -39.79 -0.76 -40.10
N LEU A 943 -40.70 -0.69 -39.13
CA LEU A 943 -40.32 -0.73 -37.73
C LEU A 943 -39.50 -1.97 -37.43
N GLU A 944 -39.92 -3.12 -37.98
CA GLU A 944 -39.14 -4.34 -37.83
C GLU A 944 -37.73 -4.16 -38.40
N GLU A 945 -37.61 -3.49 -39.55
CA GLU A 945 -36.28 -3.18 -40.07
C GLU A 945 -35.53 -2.27 -39.12
N TYR A 946 -36.24 -1.32 -38.50
CA TYR A 946 -35.63 -0.51 -37.45
C TYR A 946 -35.29 -1.33 -36.22
N ALA A 947 -35.99 -2.46 -36.00
CA ALA A 947 -35.59 -3.39 -34.97
C ALA A 947 -34.33 -4.16 -35.34
N THR A 948 -33.98 -4.19 -36.63
CA THR A 948 -32.75 -4.86 -37.05
C THR A 948 -31.52 -4.07 -36.64
N GLU A 949 -31.56 -2.75 -36.79
CA GLU A 949 -30.44 -1.89 -36.41
C GLU A 949 -30.64 -1.20 -35.06
N GLY A 950 -31.86 -1.17 -34.54
CA GLY A 950 -32.12 -0.62 -33.22
C GLY A 950 -31.77 0.85 -33.09
N LEU A 951 -32.52 1.71 -33.77
CA LEU A 951 -32.28 3.15 -33.71
C LEU A 951 -33.39 3.82 -32.90
N ARG A 952 -33.22 5.12 -32.67
CA ARG A 952 -34.23 5.92 -31.98
C ARG A 952 -35.25 6.38 -33.02
N THR A 953 -36.38 5.67 -33.09
CA THR A 953 -37.36 5.89 -34.14
C THR A 953 -38.72 6.25 -33.53
N LEU A 954 -39.58 6.80 -34.37
CA LEU A 954 -40.94 7.16 -33.99
C LEU A 954 -41.76 7.31 -35.27
N CYS A 955 -43.07 7.49 -35.10
CA CYS A 955 -43.99 7.66 -36.21
C CYS A 955 -44.62 9.04 -36.14
N LEU A 956 -44.77 9.66 -37.31
CA LEU A 956 -45.35 11.00 -37.44
C LEU A 956 -46.53 10.92 -38.41
N ALA A 957 -47.74 11.04 -37.87
CA ALA A 957 -48.97 10.96 -38.65
C ALA A 957 -49.77 12.23 -38.45
N GLN A 958 -49.97 12.99 -39.53
CA GLN A 958 -50.73 14.22 -39.50
C GLN A 958 -51.86 14.16 -40.52
N ARG A 959 -53.03 14.64 -40.11
CA ARG A 959 -54.22 14.65 -40.97
C ARG A 959 -54.30 15.99 -41.69
N GLU A 960 -54.12 15.96 -43.01
CA GLU A 960 -54.18 17.17 -43.82
C GLU A 960 -55.62 17.59 -44.06
N GLU A 965 -64.15 24.34 -45.50
CA GLU A 965 -63.59 23.31 -44.63
C GLU A 965 -62.46 23.87 -43.77
N TYR A 966 -61.91 25.00 -44.21
CA TYR A 966 -60.83 25.66 -43.49
C TYR A 966 -61.31 26.45 -42.28
N GLU A 967 -62.49 27.07 -42.37
CA GLU A 967 -63.01 27.82 -41.23
C GLU A 967 -63.36 26.90 -40.07
N ARG A 968 -63.94 25.72 -40.36
CA ARG A 968 -64.30 24.80 -39.29
C ARG A 968 -63.07 24.34 -38.53
N TRP A 969 -61.94 24.18 -39.24
CA TRP A 969 -60.72 23.73 -38.59
C TRP A 969 -60.24 24.74 -37.56
N VAL A 970 -60.12 26.02 -37.95
CA VAL A 970 -59.67 27.02 -37.00
C VAL A 970 -60.72 27.23 -35.90
N LYS A 971 -62.00 27.06 -36.22
CA LYS A 971 -63.04 27.20 -35.20
C LYS A 971 -62.91 26.13 -34.12
N THR A 972 -62.82 24.86 -34.53
CA THR A 972 -62.67 23.80 -33.53
C THR A 972 -61.34 23.95 -32.80
N TYR A 973 -60.31 24.46 -33.48
CA TYR A 973 -59.04 24.71 -32.82
C TYR A 973 -59.20 25.73 -31.69
N ASP A 974 -59.84 26.86 -31.97
CA ASP A 974 -59.93 27.89 -30.94
C ASP A 974 -60.92 27.51 -29.84
N VAL A 975 -61.92 26.68 -30.14
CA VAL A 975 -62.84 26.28 -29.07
C VAL A 975 -62.29 25.13 -28.26
N ALA A 976 -61.32 24.37 -28.79
CA ALA A 976 -60.67 23.32 -28.02
C ALA A 976 -59.43 23.81 -27.29
N ALA A 977 -58.88 24.96 -27.69
CA ALA A 977 -57.74 25.53 -26.97
C ALA A 977 -58.12 26.08 -25.60
N ALA A 978 -59.41 26.28 -25.33
CA ALA A 978 -59.88 26.83 -24.06
C ALA A 978 -60.85 25.88 -23.37
N SER A 979 -60.52 24.60 -23.31
CA SER A 979 -61.38 23.60 -22.69
C SER A 979 -61.29 23.74 -21.16
N VAL A 980 -61.91 22.79 -20.45
CA VAL A 980 -61.98 22.83 -19.00
C VAL A 980 -61.31 21.58 -18.43
N THR A 981 -60.95 21.69 -17.15
CA THR A 981 -60.37 20.57 -16.38
C THR A 981 -59.11 20.04 -17.05
N ASN A 982 -58.09 20.90 -17.11
CA ASN A 982 -56.76 20.59 -17.63
C ASN A 982 -56.75 20.23 -19.11
N ARG A 983 -57.87 20.45 -19.81
CA ARG A 983 -57.96 20.25 -21.25
C ARG A 983 -57.63 18.79 -21.62
N GLU A 984 -58.42 17.88 -21.07
CA GLU A 984 -58.16 16.46 -21.31
C GLU A 984 -59.38 15.70 -21.82
N GLU A 985 -60.58 16.02 -21.33
CA GLU A 985 -61.77 15.25 -21.72
C GLU A 985 -62.14 15.51 -23.17
N GLU A 986 -62.27 16.78 -23.55
CA GLU A 986 -62.57 17.10 -24.94
C GLU A 986 -61.44 16.68 -25.87
N LEU A 987 -60.19 16.72 -25.39
CA LEU A 987 -59.07 16.27 -26.19
C LEU A 987 -59.16 14.78 -26.47
N ASP A 988 -59.47 13.98 -25.45
CA ASP A 988 -59.71 12.55 -25.67
C ASP A 988 -60.89 12.33 -26.62
N LYS A 989 -61.94 13.13 -26.47
CA LYS A 989 -63.11 13.00 -27.33
C LYS A 989 -62.73 13.20 -28.80
N VAL A 990 -62.02 14.28 -29.10
CA VAL A 990 -61.67 14.55 -30.50
C VAL A 990 -60.65 13.52 -31.00
N THR A 991 -59.68 13.15 -30.15
CA THR A 991 -58.70 12.15 -30.55
C THR A 991 -59.34 10.78 -30.79
N ASP A 992 -60.51 10.53 -30.23
CA ASP A 992 -61.21 9.28 -30.48
C ASP A 992 -62.21 9.36 -31.63
N VAL A 993 -62.74 10.54 -31.92
CA VAL A 993 -63.79 10.63 -32.95
C VAL A 993 -63.22 10.98 -34.31
N ILE A 994 -62.14 11.77 -34.35
CA ILE A 994 -61.58 12.21 -35.63
C ILE A 994 -60.13 11.82 -35.83
N GLU A 995 -59.38 11.53 -34.76
CA GLU A 995 -57.97 11.16 -34.88
C GLU A 995 -57.77 9.66 -35.01
N ARG A 996 -58.77 8.94 -35.54
CA ARG A 996 -58.69 7.51 -35.76
C ARG A 996 -58.33 7.22 -37.22
N GLU A 997 -57.54 6.17 -37.42
CA GLU A 997 -57.09 5.74 -38.73
C GLU A 997 -56.37 6.87 -39.46
N LEU A 998 -55.26 7.30 -38.87
CA LEU A 998 -54.47 8.38 -39.43
C LEU A 998 -53.69 7.89 -40.64
N ILE A 999 -52.94 8.82 -41.26
CA ILE A 999 -52.03 8.50 -42.35
C ILE A 999 -50.64 8.98 -41.96
N LEU A 1000 -49.64 8.14 -42.21
CA LEU A 1000 -48.27 8.42 -41.79
C LEU A 1000 -47.56 9.24 -42.86
N LEU A 1001 -46.89 10.31 -42.43
CA LEU A 1001 -46.10 11.15 -43.33
C LEU A 1001 -44.73 11.49 -42.78
N GLY A 1002 -44.29 10.84 -41.70
CA GLY A 1002 -42.96 11.09 -41.19
C GLY A 1002 -42.47 9.95 -40.32
N GLY A 1003 -41.14 9.87 -40.20
CA GLY A 1003 -40.50 8.86 -39.40
C GLY A 1003 -39.00 9.07 -39.32
N THR A 1004 -38.45 8.98 -38.11
CA THR A 1004 -37.04 9.26 -37.89
C THR A 1004 -36.29 7.99 -37.47
N ALA A 1005 -34.98 8.12 -37.38
CA ALA A 1005 -34.12 7.04 -36.91
C ALA A 1005 -32.80 7.65 -36.45
N ILE A 1006 -32.50 7.53 -35.16
CA ILE A 1006 -31.33 8.13 -34.56
C ILE A 1006 -30.52 7.06 -33.85
N GLU A 1007 -29.20 7.16 -33.95
CA GLU A 1007 -28.27 6.19 -33.39
C GLU A 1007 -27.39 6.87 -32.34
N ASP A 1008 -26.94 6.06 -31.38
CA ASP A 1008 -26.04 6.52 -30.32
C ASP A 1008 -24.84 5.56 -30.30
N ARG A 1009 -23.72 6.02 -30.84
CA ARG A 1009 -22.56 5.16 -31.00
C ARG A 1009 -21.70 5.16 -29.74
N LEU A 1010 -20.87 4.13 -29.63
CA LEU A 1010 -19.98 3.99 -28.48
C LEU A 1010 -18.90 5.07 -28.49
N GLN A 1011 -18.30 5.27 -27.32
CA GLN A 1011 -17.21 6.21 -27.21
C GLN A 1011 -15.94 5.62 -27.80
N ASP A 1012 -14.97 6.50 -28.07
CA ASP A 1012 -13.71 6.07 -28.63
C ASP A 1012 -12.95 5.18 -27.65
N GLY A 1013 -12.78 3.92 -28.01
CA GLY A 1013 -12.02 2.99 -27.18
C GLY A 1013 -12.82 2.21 -26.18
N VAL A 1014 -14.14 2.10 -26.36
CA VAL A 1014 -14.97 1.32 -25.45
C VAL A 1014 -14.81 -0.18 -25.72
N PRO A 1015 -14.85 -0.65 -26.98
CA PRO A 1015 -14.62 -2.09 -27.19
C PRO A 1015 -13.28 -2.58 -26.66
N ASP A 1016 -12.20 -1.84 -26.93
CA ASP A 1016 -10.89 -2.22 -26.40
C ASP A 1016 -10.89 -2.21 -24.89
N SER A 1017 -11.55 -1.22 -24.28
CA SER A 1017 -11.62 -1.15 -22.82
C SER A 1017 -12.34 -2.36 -22.25
N ILE A 1018 -13.45 -2.75 -22.86
CA ILE A 1018 -14.19 -3.91 -22.37
C ILE A 1018 -13.39 -5.18 -22.57
N ALA A 1019 -12.65 -5.28 -23.69
CA ALA A 1019 -11.81 -6.44 -23.90
C ALA A 1019 -10.71 -6.54 -22.84
N LEU A 1020 -10.11 -5.40 -22.49
CA LEU A 1020 -9.09 -5.39 -21.45
C LEU A 1020 -9.68 -5.78 -20.09
N LEU A 1021 -10.84 -5.20 -19.75
CA LEU A 1021 -11.46 -5.52 -18.46
C LEU A 1021 -11.92 -6.97 -18.41
N ALA A 1022 -12.22 -7.57 -19.56
CA ALA A 1022 -12.59 -8.98 -19.58
C ALA A 1022 -11.37 -9.88 -19.46
N GLU A 1023 -10.27 -9.52 -20.13
CA GLU A 1023 -9.04 -10.29 -19.97
C GLU A 1023 -8.55 -10.25 -18.53
N ALA A 1024 -8.80 -9.15 -17.82
CA ALA A 1024 -8.41 -9.04 -16.43
C ALA A 1024 -9.28 -9.90 -15.51
N GLY A 1025 -10.36 -10.48 -16.02
CA GLY A 1025 -11.24 -11.30 -15.21
C GLY A 1025 -12.33 -10.55 -14.50
N ILE A 1026 -12.63 -9.31 -14.91
CA ILE A 1026 -13.65 -8.50 -14.26
C ILE A 1026 -14.98 -8.80 -14.92
N LYS A 1027 -15.90 -9.41 -14.18
CA LYS A 1027 -17.24 -9.67 -14.67
C LYS A 1027 -18.02 -8.38 -14.72
N LEU A 1028 -18.17 -7.79 -15.91
CA LEU A 1028 -18.78 -6.49 -16.05
C LEU A 1028 -20.26 -6.63 -16.45
N TRP A 1029 -21.12 -5.91 -15.75
CA TRP A 1029 -22.55 -5.89 -16.01
C TRP A 1029 -22.92 -4.60 -16.72
N VAL A 1030 -23.89 -4.68 -17.63
CA VAL A 1030 -24.33 -3.53 -18.41
C VAL A 1030 -25.79 -3.29 -18.10
N LEU A 1031 -26.09 -2.19 -17.39
CA LEU A 1031 -27.46 -1.84 -17.02
C LEU A 1031 -28.01 -0.88 -18.06
N THR A 1032 -28.42 -1.45 -19.20
CA THR A 1032 -28.85 -0.66 -20.34
C THR A 1032 -30.21 -0.02 -20.07
N GLY A 1033 -30.70 0.70 -21.08
CA GLY A 1033 -31.89 1.52 -20.92
C GLY A 1033 -33.11 1.11 -21.71
N ASP A 1034 -33.37 1.81 -22.82
CA ASP A 1034 -34.65 1.72 -23.52
C ASP A 1034 -34.95 0.34 -24.09
N LYS A 1035 -34.16 -0.12 -25.04
CA LYS A 1035 -34.43 -1.36 -25.77
C LYS A 1035 -33.39 -2.41 -25.46
N VAL A 1036 -33.83 -3.67 -25.40
CA VAL A 1036 -32.99 -4.77 -24.94
C VAL A 1036 -32.36 -5.49 -26.13
N GLU A 1037 -33.08 -5.53 -27.26
CA GLU A 1037 -32.53 -6.15 -28.46
C GLU A 1037 -31.33 -5.34 -28.97
N THR A 1038 -31.50 -4.03 -29.10
CA THR A 1038 -30.38 -3.16 -29.42
C THR A 1038 -29.30 -3.28 -28.35
N ALA A 1039 -29.68 -3.54 -27.10
CA ALA A 1039 -28.70 -3.65 -26.03
C ALA A 1039 -27.80 -4.86 -26.24
N ILE A 1040 -28.39 -6.03 -26.53
CA ILE A 1040 -27.56 -7.21 -26.75
C ILE A 1040 -26.79 -7.10 -28.06
N ASN A 1041 -27.37 -6.47 -29.08
CA ASN A 1041 -26.64 -6.26 -30.32
C ASN A 1041 -25.41 -5.39 -30.10
N ILE A 1042 -25.55 -4.32 -29.30
CA ILE A 1042 -24.42 -3.45 -29.01
C ILE A 1042 -23.41 -4.16 -28.12
N GLY A 1043 -23.89 -4.95 -27.16
CA GLY A 1043 -23.00 -5.74 -26.34
C GLY A 1043 -22.16 -6.70 -27.15
N PHE A 1044 -22.75 -7.24 -28.23
CA PHE A 1044 -21.96 -8.03 -29.16
C PHE A 1044 -21.07 -7.15 -30.04
N SER A 1045 -21.47 -5.89 -30.25
CA SER A 1045 -20.62 -4.96 -31.00
C SER A 1045 -19.35 -4.66 -30.21
N CYS A 1046 -19.49 -4.30 -28.93
CA CYS A 1046 -18.34 -4.18 -28.07
C CYS A 1046 -17.91 -5.57 -27.60
N ASN A 1047 -16.87 -5.62 -26.76
CA ASN A 1047 -16.24 -6.88 -26.40
C ASN A 1047 -16.75 -7.44 -25.08
N VAL A 1048 -17.97 -7.08 -24.68
CA VAL A 1048 -18.56 -7.73 -23.51
C VAL A 1048 -19.22 -9.04 -23.92
N LEU A 1049 -19.72 -9.12 -25.14
CA LEU A 1049 -20.22 -10.35 -25.71
C LEU A 1049 -19.28 -10.82 -26.82
N ASN A 1050 -19.14 -12.13 -26.94
CA ASN A 1050 -18.29 -12.72 -27.97
C ASN A 1050 -18.77 -14.14 -28.23
N ASN A 1051 -18.03 -14.85 -29.08
CA ASN A 1051 -18.40 -16.22 -29.42
C ASN A 1051 -18.16 -17.14 -28.23
N ASP A 1052 -18.55 -18.40 -28.39
CA ASP A 1052 -18.44 -19.46 -27.38
C ASP A 1052 -19.30 -19.19 -26.15
N MET A 1053 -20.12 -18.14 -26.17
CA MET A 1053 -20.98 -17.82 -25.04
C MET A 1053 -22.36 -18.44 -25.25
N GLU A 1054 -23.08 -18.61 -24.14
CA GLU A 1054 -24.43 -19.15 -24.14
C GLU A 1054 -25.38 -18.06 -23.67
N LEU A 1055 -26.19 -17.55 -24.59
CA LEU A 1055 -27.09 -16.43 -24.32
C LEU A 1055 -28.36 -16.96 -23.66
N LEU A 1056 -28.29 -17.12 -22.34
CA LEU A 1056 -29.43 -17.59 -21.55
C LEU A 1056 -30.40 -16.42 -21.42
N VAL A 1057 -31.31 -16.32 -22.38
CA VAL A 1057 -32.26 -15.22 -22.43
C VAL A 1057 -33.31 -15.40 -21.35
N VAL A 1058 -33.42 -14.43 -20.45
CA VAL A 1058 -34.36 -14.52 -19.33
C VAL A 1058 -35.38 -13.39 -19.45
N LYS A 1059 -35.74 -13.02 -20.67
CA LYS A 1059 -36.79 -12.03 -20.91
C LYS A 1059 -38.17 -12.68 -20.69
N ALA A 1060 -38.37 -13.16 -19.46
CA ALA A 1060 -39.57 -13.92 -19.11
C ALA A 1060 -40.68 -12.96 -18.74
N SER A 1061 -41.50 -12.61 -19.73
CA SER A 1061 -42.72 -11.84 -19.50
C SER A 1061 -43.98 -12.65 -19.73
N GLY A 1062 -43.87 -13.82 -20.35
CA GLY A 1062 -45.02 -14.65 -20.61
C GLY A 1062 -44.67 -15.79 -21.53
N GLU A 1063 -45.69 -16.54 -21.92
CA GLU A 1063 -45.47 -17.65 -22.85
C GLU A 1063 -45.16 -17.15 -24.25
N ASP A 1064 -45.76 -16.04 -24.67
CA ASP A 1064 -45.48 -15.49 -25.99
C ASP A 1064 -44.11 -14.83 -26.01
N VAL A 1065 -43.47 -14.86 -27.18
CA VAL A 1065 -42.15 -14.27 -27.34
C VAL A 1065 -42.21 -13.13 -28.35
N SER A 1070 -49.03 -17.79 -16.29
CA SER A 1070 -49.37 -16.47 -16.80
C SER A 1070 -48.75 -15.38 -15.94
N ASP A 1071 -48.82 -15.56 -14.63
CA ASP A 1071 -48.19 -14.62 -13.72
C ASP A 1071 -46.67 -14.66 -13.87
N PRO A 1072 -46.01 -13.50 -13.85
CA PRO A 1072 -44.57 -13.48 -14.17
C PRO A 1072 -43.70 -14.16 -13.14
N ILE A 1073 -44.10 -14.17 -11.86
CA ILE A 1073 -43.24 -14.68 -10.81
C ILE A 1073 -42.89 -16.14 -11.06
N GLN A 1074 -43.92 -16.98 -11.24
CA GLN A 1074 -43.67 -18.42 -11.35
C GLN A 1074 -42.93 -18.77 -12.63
N VAL A 1075 -43.21 -18.07 -13.74
CA VAL A 1075 -42.54 -18.41 -14.99
C VAL A 1075 -41.09 -17.96 -14.96
N VAL A 1076 -40.81 -16.80 -14.34
CA VAL A 1076 -39.42 -16.39 -14.16
C VAL A 1076 -38.69 -17.39 -13.29
N ASN A 1077 -39.33 -17.84 -12.21
CA ASN A 1077 -38.69 -18.83 -11.34
C ASN A 1077 -38.39 -20.12 -12.09
N ASN A 1078 -39.36 -20.62 -12.87
CA ASN A 1078 -39.14 -21.85 -13.62
C ASN A 1078 -38.04 -21.67 -14.66
N LEU A 1079 -38.00 -20.52 -15.34
CA LEU A 1079 -36.98 -20.31 -16.35
C LEU A 1079 -35.59 -20.21 -15.73
N VAL A 1080 -35.47 -19.51 -14.60
CA VAL A 1080 -34.18 -19.40 -13.94
C VAL A 1080 -33.72 -20.76 -13.43
N THR A 1081 -34.64 -21.56 -12.87
CA THR A 1081 -34.28 -22.89 -12.41
C THR A 1081 -33.87 -23.79 -13.56
N LYS A 1082 -34.59 -23.70 -14.69
CA LYS A 1082 -34.24 -24.51 -15.86
C LYS A 1082 -32.86 -24.14 -16.38
N TYR A 1083 -32.55 -22.84 -16.44
CA TYR A 1083 -31.22 -22.43 -16.87
C TYR A 1083 -30.15 -22.92 -15.90
N LEU A 1084 -30.38 -22.76 -14.59
CA LEU A 1084 -29.40 -23.18 -13.60
C LEU A 1084 -29.20 -24.68 -13.60
N ARG A 1085 -30.22 -25.45 -14.01
CA ARG A 1085 -30.12 -26.90 -14.00
C ARG A 1085 -29.52 -27.45 -15.28
N GLU A 1086 -29.90 -26.91 -16.44
CA GLU A 1086 -29.44 -27.45 -17.71
C GLU A 1086 -28.14 -26.82 -18.21
N LYS A 1087 -27.74 -25.66 -17.68
CA LYS A 1087 -26.51 -25.02 -18.09
C LYS A 1087 -25.39 -25.18 -17.06
N PHE A 1088 -25.73 -25.41 -15.80
CA PHE A 1088 -24.76 -25.69 -14.76
C PHE A 1088 -25.23 -26.88 -13.95
N GLY A 1089 -24.29 -27.50 -13.24
CA GLY A 1089 -24.66 -28.48 -12.25
C GLY A 1089 -24.79 -27.83 -10.90
N MET A 1090 -26.01 -27.43 -10.53
CA MET A 1090 -26.25 -26.62 -9.34
C MET A 1090 -27.46 -27.16 -8.58
N SER A 1091 -27.45 -28.47 -8.31
CA SER A 1091 -28.51 -29.06 -7.51
C SER A 1091 -28.39 -28.62 -6.05
N GLY A 1092 -29.09 -27.57 -5.70
CA GLY A 1092 -29.02 -26.98 -4.37
C GLY A 1092 -29.41 -25.52 -4.42
N SER A 1093 -29.79 -24.99 -3.26
CA SER A 1093 -30.21 -23.60 -3.14
C SER A 1093 -29.33 -22.79 -2.21
N GLU A 1094 -29.14 -23.24 -0.97
CA GLU A 1094 -28.44 -22.45 0.04
C GLU A 1094 -26.95 -22.75 0.09
N GLU A 1095 -26.57 -24.03 -0.02
CA GLU A 1095 -25.17 -24.41 0.09
C GLU A 1095 -24.33 -23.74 -0.98
N GLU A 1096 -24.89 -23.55 -2.17
CA GLU A 1096 -24.11 -22.97 -3.26
C GLU A 1096 -23.78 -21.51 -3.02
N LEU A 1097 -24.64 -20.78 -2.30
CA LEU A 1097 -24.33 -19.39 -1.98
C LEU A 1097 -23.09 -19.30 -1.09
N LYS A 1098 -23.04 -20.09 -0.02
CA LYS A 1098 -21.85 -20.12 0.83
C LYS A 1098 -20.65 -20.67 0.08
N GLU A 1099 -20.86 -21.60 -0.85
CA GLU A 1099 -19.75 -22.15 -1.62
C GLU A 1099 -19.15 -21.08 -2.53
N ALA A 1100 -19.99 -20.25 -3.14
CA ALA A 1100 -19.48 -19.20 -4.02
C ALA A 1100 -18.89 -18.04 -3.21
N LYS A 1101 -19.41 -17.80 -2.01
CA LYS A 1101 -18.82 -16.75 -1.17
C LYS A 1101 -17.40 -17.11 -0.75
N ARG A 1102 -17.12 -18.40 -0.55
CA ARG A 1102 -15.79 -18.88 -0.22
C ARG A 1102 -14.98 -19.26 -1.45
N GLU A 1103 -15.36 -18.75 -2.63
CA GLU A 1103 -14.67 -19.06 -3.87
C GLU A 1103 -13.87 -17.89 -4.42
N HIS A 1104 -14.22 -16.66 -4.06
CA HIS A 1104 -13.57 -15.41 -4.47
C HIS A 1104 -13.75 -15.10 -5.94
N GLY A 1105 -14.44 -15.96 -6.70
CA GLY A 1105 -14.77 -15.65 -8.07
C GLY A 1105 -13.72 -16.08 -9.08
N LEU A 1106 -14.11 -16.94 -10.02
CA LEU A 1106 -13.23 -17.37 -11.11
C LEU A 1106 -14.10 -17.58 -12.33
N PRO A 1107 -14.10 -16.65 -13.28
CA PRO A 1107 -14.96 -16.79 -14.45
C PRO A 1107 -14.45 -17.83 -15.45
N GLN A 1108 -15.13 -18.97 -15.52
CA GLN A 1108 -14.81 -20.02 -16.47
C GLN A 1108 -16.06 -20.42 -17.22
N GLY A 1109 -15.89 -20.83 -18.48
CA GLY A 1109 -17.04 -21.17 -19.29
C GLY A 1109 -17.87 -19.98 -19.69
N ASN A 1110 -17.33 -19.16 -20.59
CA ASN A 1110 -17.94 -17.90 -21.03
C ASN A 1110 -19.42 -18.07 -21.34
N PHE A 1111 -20.27 -17.35 -20.60
CA PHE A 1111 -21.71 -17.40 -20.75
C PHE A 1111 -22.24 -15.96 -20.84
N ALA A 1112 -23.57 -15.85 -20.93
CA ALA A 1112 -24.21 -14.56 -21.09
C ALA A 1112 -25.65 -14.64 -20.59
N VAL A 1113 -26.09 -13.60 -19.88
CA VAL A 1113 -27.45 -13.51 -19.35
C VAL A 1113 -28.02 -12.14 -19.69
N ILE A 1114 -29.30 -12.11 -20.04
CA ILE A 1114 -29.98 -10.87 -20.39
C ILE A 1114 -31.29 -10.82 -19.62
N ILE A 1115 -31.52 -9.74 -18.88
CA ILE A 1115 -32.75 -9.51 -18.14
C ILE A 1115 -33.38 -8.22 -18.63
N ASP A 1116 -34.70 -8.13 -18.49
CA ASP A 1116 -35.43 -6.91 -18.76
C ASP A 1116 -35.97 -6.33 -17.46
N GLY A 1117 -36.76 -5.27 -17.56
CA GLY A 1117 -37.28 -4.59 -16.41
C GLY A 1117 -38.16 -5.42 -15.49
N ASP A 1118 -39.22 -6.02 -16.05
CA ASP A 1118 -40.16 -6.75 -15.21
C ASP A 1118 -39.55 -8.05 -14.69
N ALA A 1119 -38.77 -8.75 -15.53
CA ALA A 1119 -38.13 -9.98 -15.06
C ALA A 1119 -37.07 -9.72 -14.01
N LEU A 1120 -36.53 -8.51 -13.94
CA LEU A 1120 -35.57 -8.16 -12.90
C LEU A 1120 -36.26 -7.69 -11.63
N LYS A 1121 -37.30 -6.85 -11.76
CA LYS A 1121 -38.03 -6.39 -10.58
C LYS A 1121 -38.71 -7.54 -9.85
N VAL A 1122 -38.87 -8.69 -10.51
CA VAL A 1122 -39.37 -9.90 -9.86
C VAL A 1122 -38.24 -10.83 -9.44
N ALA A 1123 -37.00 -10.47 -9.74
CA ALA A 1123 -35.86 -11.33 -9.44
C ALA A 1123 -35.10 -10.93 -8.18
N LEU A 1124 -35.20 -9.67 -7.76
CA LEU A 1124 -34.46 -9.19 -6.60
C LEU A 1124 -35.33 -8.93 -5.39
N ASN A 1125 -36.59 -9.38 -5.42
CA ASN A 1125 -37.49 -9.19 -4.29
C ASN A 1125 -37.57 -10.41 -3.36
N GLY A 1126 -37.63 -11.61 -3.92
CA GLY A 1126 -37.67 -12.81 -3.09
C GLY A 1126 -36.29 -13.19 -2.60
N GLU A 1127 -36.22 -13.51 -1.30
CA GLU A 1127 -34.94 -13.84 -0.70
C GLU A 1127 -34.31 -15.07 -1.35
N GLU A 1128 -35.10 -16.10 -1.62
CA GLU A 1128 -34.59 -17.24 -2.36
C GLU A 1128 -34.40 -16.90 -3.83
N MET A 1129 -35.33 -16.13 -4.40
CA MET A 1129 -35.18 -15.68 -5.78
C MET A 1129 -33.94 -14.81 -5.94
N ARG A 1130 -33.59 -14.03 -4.92
CA ARG A 1130 -32.39 -13.20 -4.98
C ARG A 1130 -31.15 -14.07 -5.15
N ARG A 1131 -30.96 -15.05 -4.27
CA ARG A 1131 -29.80 -15.91 -4.38
C ARG A 1131 -29.83 -16.76 -5.65
N LYS A 1132 -31.03 -17.13 -6.12
CA LYS A 1132 -31.12 -17.89 -7.36
C LYS A 1132 -30.66 -17.06 -8.55
N PHE A 1133 -31.15 -15.82 -8.66
CA PHE A 1133 -30.71 -14.94 -9.73
C PHE A 1133 -29.23 -14.61 -9.62
N LEU A 1134 -28.72 -14.49 -8.40
CA LEU A 1134 -27.30 -14.21 -8.23
C LEU A 1134 -26.44 -15.38 -8.66
N LEU A 1135 -26.84 -16.60 -8.31
CA LEU A 1135 -26.12 -17.78 -8.77
C LEU A 1135 -26.22 -17.94 -10.28
N LEU A 1136 -27.34 -17.53 -10.87
CA LEU A 1136 -27.46 -17.58 -12.32
C LEU A 1136 -26.57 -16.51 -12.97
N CYS A 1137 -26.52 -15.32 -12.39
CA CYS A 1137 -25.76 -14.21 -12.94
C CYS A 1137 -24.32 -14.17 -12.45
N LYS A 1138 -23.78 -15.31 -12.02
CA LYS A 1138 -22.36 -15.43 -11.71
C LYS A 1138 -21.56 -15.93 -12.90
N ASN A 1139 -22.02 -15.66 -14.11
CA ASN A 1139 -21.33 -16.03 -15.33
C ASN A 1139 -20.11 -15.15 -15.55
N CYS A 1140 -19.34 -15.49 -16.57
CA CYS A 1140 -18.03 -14.87 -16.78
C CYS A 1140 -18.11 -13.38 -17.04
N LYS A 1141 -18.72 -12.97 -18.16
CA LYS A 1141 -18.66 -11.57 -18.55
C LYS A 1141 -20.03 -10.92 -18.72
N ALA A 1142 -20.89 -11.48 -19.57
CA ALA A 1142 -22.03 -10.74 -20.09
C ALA A 1142 -23.24 -10.89 -19.18
N VAL A 1143 -23.63 -9.80 -18.51
CA VAL A 1143 -24.90 -9.73 -17.81
C VAL A 1143 -25.54 -8.38 -18.14
N LEU A 1144 -26.57 -8.39 -18.98
CA LEU A 1144 -27.26 -7.18 -19.38
C LEU A 1144 -28.58 -7.06 -18.64
N CYS A 1145 -28.97 -5.82 -18.34
CA CYS A 1145 -30.22 -5.53 -17.64
C CYS A 1145 -30.86 -4.31 -18.29
N CYS A 1146 -31.96 -4.51 -19.00
CA CYS A 1146 -32.61 -3.45 -19.74
C CYS A 1146 -33.85 -2.94 -19.00
N ARG A 1147 -34.22 -1.70 -19.31
CA ARG A 1147 -35.39 -1.05 -18.73
C ARG A 1147 -35.32 -1.07 -17.20
N VAL A 1148 -34.22 -0.58 -16.67
CA VAL A 1148 -33.97 -0.59 -15.23
C VAL A 1148 -34.23 0.80 -14.68
N SER A 1149 -34.72 0.85 -13.44
CA SER A 1149 -34.95 2.08 -12.72
C SER A 1149 -33.74 2.42 -11.87
N PRO A 1150 -33.62 3.67 -11.41
CA PRO A 1150 -32.52 3.99 -10.48
C PRO A 1150 -32.49 3.07 -9.27
N ALA A 1151 -33.63 2.89 -8.60
CA ALA A 1151 -33.70 1.95 -7.50
C ALA A 1151 -33.41 0.52 -7.96
N GLN A 1152 -33.79 0.17 -9.19
CA GLN A 1152 -33.53 -1.17 -9.69
C GLN A 1152 -32.04 -1.45 -9.79
N LYS A 1153 -31.29 -0.56 -10.44
CA LYS A 1153 -29.85 -0.77 -10.57
C LYS A 1153 -29.14 -0.64 -9.23
N ALA A 1154 -29.62 0.27 -8.36
CA ALA A 1154 -29.05 0.35 -7.02
C ALA A 1154 -29.23 -0.96 -6.27
N ALA A 1155 -30.42 -1.56 -6.36
CA ALA A 1155 -30.68 -2.83 -5.69
C ALA A 1155 -29.88 -3.95 -6.31
N VAL A 1156 -29.62 -3.90 -7.61
CA VAL A 1156 -28.77 -4.91 -8.24
C VAL A 1156 -27.35 -4.82 -7.69
N VAL A 1157 -26.81 -3.61 -7.62
CA VAL A 1157 -25.47 -3.42 -7.07
C VAL A 1157 -25.43 -3.85 -5.61
N LYS A 1158 -26.51 -3.60 -4.86
CA LYS A 1158 -26.58 -4.05 -3.48
C LYS A 1158 -26.59 -5.57 -3.39
N LEU A 1159 -27.36 -6.22 -4.26
CA LEU A 1159 -27.46 -7.67 -4.25
C LEU A 1159 -26.12 -8.32 -4.55
N VAL A 1160 -25.39 -7.77 -5.51
CA VAL A 1160 -24.08 -8.34 -5.81
C VAL A 1160 -23.04 -7.95 -4.76
N LYS A 1161 -23.22 -6.81 -4.10
CA LYS A 1161 -22.25 -6.34 -3.12
C LYS A 1161 -22.48 -6.98 -1.76
N LYS A 1162 -23.65 -6.76 -1.16
CA LYS A 1162 -23.95 -7.29 0.17
C LYS A 1162 -23.95 -8.81 0.14
N THR A 1163 -24.88 -9.40 -0.60
CA THR A 1163 -24.87 -10.85 -0.79
C THR A 1163 -23.74 -11.22 -1.73
N LEU A 1164 -23.01 -12.28 -1.40
CA LEU A 1164 -21.84 -12.66 -2.20
C LEU A 1164 -20.95 -11.44 -2.10
N ASP A 1165 -20.33 -11.26 -0.95
CA ASP A 1165 -19.51 -10.07 -0.69
C ASP A 1165 -18.29 -10.03 -1.60
N VAL A 1166 -18.26 -9.06 -2.50
CA VAL A 1166 -17.17 -8.86 -3.45
C VAL A 1166 -16.94 -7.37 -3.60
N MET A 1167 -15.98 -7.02 -4.45
CA MET A 1167 -15.67 -5.63 -4.77
C MET A 1167 -16.39 -5.26 -6.06
N THR A 1168 -17.19 -4.20 -6.02
CA THR A 1168 -18.04 -3.82 -7.14
C THR A 1168 -17.75 -2.39 -7.55
N LEU A 1169 -17.64 -2.16 -8.86
CA LEU A 1169 -17.52 -0.82 -9.43
C LEU A 1169 -18.81 -0.51 -10.18
N ALA A 1170 -19.19 0.76 -10.16
CA ALA A 1170 -20.49 1.18 -10.69
C ALA A 1170 -20.34 2.43 -11.56
N ILE A 1171 -19.42 2.37 -12.52
CA ILE A 1171 -19.20 3.51 -13.41
C ILE A 1171 -20.50 3.88 -14.11
N GLY A 1172 -20.76 5.18 -14.21
CA GLY A 1172 -21.97 5.65 -14.83
C GLY A 1172 -22.00 7.16 -14.90
N ASP A 1173 -23.09 7.68 -15.45
CA ASP A 1173 -23.33 9.12 -15.51
C ASP A 1173 -24.82 9.39 -15.58
N GLY A 1174 -25.26 10.39 -14.84
CA GLY A 1174 -26.66 10.77 -14.78
C GLY A 1174 -27.21 10.69 -13.37
N SER A 1175 -28.50 10.99 -13.27
CA SER A 1175 -29.16 11.01 -11.96
C SER A 1175 -29.36 9.60 -11.40
N ASN A 1176 -29.78 8.67 -12.27
CA ASN A 1176 -29.93 7.28 -11.83
C ASN A 1176 -28.58 6.67 -11.47
N ASP A 1177 -27.54 7.01 -12.23
CA ASP A 1177 -26.21 6.51 -11.90
C ASP A 1177 -25.69 7.08 -10.59
N VAL A 1178 -26.27 8.17 -10.09
CA VAL A 1178 -25.91 8.65 -8.75
C VAL A 1178 -26.28 7.60 -7.71
N ALA A 1179 -27.52 7.14 -7.74
CA ALA A 1179 -27.94 6.08 -6.82
C ALA A 1179 -27.20 4.78 -7.10
N MET A 1180 -26.87 4.52 -8.37
CA MET A 1180 -26.08 3.33 -8.69
C MET A 1180 -24.67 3.40 -8.09
N ILE A 1181 -24.11 4.61 -8.01
CA ILE A 1181 -22.74 4.78 -7.56
C ILE A 1181 -22.65 4.80 -6.05
N GLN A 1182 -23.54 5.57 -5.40
CA GLN A 1182 -23.49 5.76 -3.96
C GLN A 1182 -23.60 4.45 -3.18
N SER A 1183 -23.94 3.34 -3.84
CA SER A 1183 -24.15 2.06 -3.17
C SER A 1183 -23.21 0.99 -3.72
N ALA A 1184 -21.97 1.35 -4.03
CA ALA A 1184 -20.98 0.42 -4.52
C ALA A 1184 -19.68 0.61 -3.75
N ASP A 1185 -18.77 -0.35 -3.89
CA ASP A 1185 -17.46 -0.23 -3.26
C ASP A 1185 -16.66 0.91 -3.88
N VAL A 1186 -16.67 1.02 -5.21
CA VAL A 1186 -16.04 2.11 -5.92
C VAL A 1186 -17.04 2.67 -6.91
N GLY A 1187 -17.18 3.99 -6.93
CA GLY A 1187 -18.09 4.61 -7.88
C GLY A 1187 -17.40 5.61 -8.78
N VAL A 1188 -17.33 5.31 -10.07
CA VAL A 1188 -16.70 6.19 -11.05
C VAL A 1188 -17.80 6.99 -11.74
N GLY A 1189 -17.52 8.26 -11.99
CA GLY A 1189 -18.51 9.12 -12.62
C GLY A 1189 -18.03 9.73 -13.92
N ILE A 1190 -18.76 9.50 -15.00
CA ILE A 1190 -18.40 10.03 -16.31
C ILE A 1190 -18.87 11.46 -16.39
N ALA A 1191 -17.93 12.39 -16.68
CA ALA A 1191 -18.27 13.79 -16.89
C ALA A 1191 -18.86 13.92 -18.30
N GLY A 1192 -20.14 13.56 -18.40
CA GLY A 1192 -20.81 13.49 -19.69
C GLY A 1192 -21.74 14.66 -19.96
N GLU A 1193 -23.03 14.46 -19.74
CA GLU A 1193 -24.04 15.48 -20.03
C GLU A 1193 -23.86 16.69 -19.12
N GLU A 1194 -24.71 17.69 -19.32
CA GLU A 1194 -24.65 18.91 -18.52
C GLU A 1194 -24.78 18.60 -17.04
N GLY A 1195 -25.55 17.57 -16.69
CA GLY A 1195 -25.69 17.18 -15.30
C GLY A 1195 -24.47 16.48 -14.75
N ARG A 1196 -23.73 17.14 -13.87
CA ARG A 1196 -22.55 16.57 -13.23
C ARG A 1196 -22.89 15.91 -11.89
N GLN A 1197 -24.11 15.43 -11.72
CA GLN A 1197 -24.50 14.84 -10.45
C GLN A 1197 -23.78 13.54 -10.18
N ALA A 1198 -23.54 12.74 -11.22
CA ALA A 1198 -22.81 11.48 -11.06
C ALA A 1198 -21.32 11.68 -10.89
N VAL A 1199 -20.81 12.88 -11.09
CA VAL A 1199 -19.40 13.16 -10.87
C VAL A 1199 -19.15 13.63 -9.44
N MET A 1200 -20.02 14.48 -8.90
CA MET A 1200 -19.85 14.97 -7.54
C MET A 1200 -20.14 13.87 -6.52
N CYS A 1201 -21.24 13.15 -6.69
CA CYS A 1201 -21.63 12.09 -5.75
C CYS A 1201 -21.04 10.75 -6.14
N SER A 1202 -19.71 10.73 -6.31
CA SER A 1202 -19.01 9.52 -6.73
C SER A 1202 -17.70 9.43 -5.97
N ASP A 1203 -16.83 8.52 -6.41
CA ASP A 1203 -15.49 8.36 -5.85
C ASP A 1203 -14.40 8.83 -6.79
N TYR A 1204 -14.53 8.56 -8.09
CA TYR A 1204 -13.64 9.09 -9.10
C TYR A 1204 -14.47 9.71 -10.21
N ALA A 1205 -13.81 10.52 -11.05
CA ALA A 1205 -14.51 11.26 -12.10
C ALA A 1205 -13.59 11.33 -13.32
N ILE A 1206 -13.86 10.49 -14.31
CA ILE A 1206 -13.08 10.45 -15.53
C ILE A 1206 -13.90 11.03 -16.67
N GLY A 1207 -13.18 11.49 -17.70
CA GLY A 1207 -13.84 12.06 -18.87
C GLY A 1207 -14.59 11.03 -19.68
N GLN A 1208 -13.86 10.10 -20.29
CA GLN A 1208 -14.44 9.03 -21.08
C GLN A 1208 -14.53 7.74 -20.26
N PHE A 1209 -15.21 6.76 -20.83
CA PHE A 1209 -15.33 5.46 -20.15
C PHE A 1209 -14.04 4.66 -20.22
N ARG A 1210 -13.24 4.84 -21.28
CA ARG A 1210 -12.06 4.01 -21.46
C ARG A 1210 -11.06 4.18 -20.32
N TYR A 1211 -10.99 5.38 -19.75
CA TYR A 1211 -10.00 5.65 -18.70
C TYR A 1211 -10.11 4.67 -17.54
N VAL A 1212 -11.32 4.15 -17.28
CA VAL A 1212 -11.51 3.24 -16.16
C VAL A 1212 -10.55 2.06 -16.26
N THR A 1213 -10.23 1.62 -17.49
CA THR A 1213 -9.25 0.55 -17.64
C THR A 1213 -7.93 0.93 -16.99
N ARG A 1214 -7.34 2.05 -17.41
CA ARG A 1214 -6.12 2.52 -16.77
C ARG A 1214 -6.35 2.83 -15.30
N LEU A 1215 -7.58 3.16 -14.92
CA LEU A 1215 -7.85 3.43 -13.51
C LEU A 1215 -7.89 2.14 -12.72
N VAL A 1216 -8.23 1.03 -13.35
CA VAL A 1216 -8.38 -0.25 -12.67
C VAL A 1216 -7.23 -1.19 -13.00
N LEU A 1217 -6.83 -1.26 -14.27
CA LEU A 1217 -5.78 -2.20 -14.66
C LEU A 1217 -4.39 -1.70 -14.27
N VAL A 1218 -4.15 -0.39 -14.31
CA VAL A 1218 -2.82 0.14 -14.03
C VAL A 1218 -2.76 0.66 -12.61
N HIS A 1219 -3.54 1.70 -12.30
CA HIS A 1219 -3.45 2.32 -10.99
C HIS A 1219 -4.08 1.45 -9.91
N GLY A 1220 -5.19 0.81 -10.22
CA GLY A 1220 -5.84 -0.07 -9.25
C GLY A 1220 -4.93 -1.18 -8.78
N LYS A 1221 -4.44 -1.98 -9.72
CA LYS A 1221 -3.54 -3.08 -9.37
C LYS A 1221 -2.29 -2.56 -8.66
N TRP A 1222 -1.76 -1.43 -9.13
CA TRP A 1222 -0.57 -0.87 -8.50
C TRP A 1222 -0.82 -0.57 -7.03
N CYS A 1223 -1.85 0.24 -6.72
CA CYS A 1223 -2.12 0.59 -5.34
C CYS A 1223 -2.50 -0.62 -4.50
N TYR A 1224 -3.19 -1.59 -5.10
CA TYR A 1224 -3.54 -2.79 -4.34
C TYR A 1224 -2.29 -3.55 -3.91
N LYS A 1225 -1.39 -3.83 -4.85
CA LYS A 1225 -0.16 -4.52 -4.49
C LYS A 1225 0.71 -3.68 -3.59
N ARG A 1226 0.67 -2.35 -3.75
CA ARG A 1226 1.43 -1.47 -2.88
C ARG A 1226 1.00 -1.61 -1.43
N LEU A 1227 -0.31 -1.54 -1.17
CA LEU A 1227 -0.80 -1.72 0.20
C LEU A 1227 -0.56 -3.14 0.68
N ALA A 1228 -0.78 -4.12 -0.19
CA ALA A 1228 -0.62 -5.52 0.17
C ALA A 1228 0.82 -5.84 0.55
N GLU A 1229 1.77 -5.08 0.05
CA GLU A 1229 3.15 -5.25 0.48
C GLU A 1229 3.48 -4.38 1.69
N MET A 1230 2.94 -3.15 1.73
CA MET A 1230 3.31 -2.22 2.80
C MET A 1230 2.85 -2.72 4.16
N ILE A 1231 1.58 -3.14 4.26
CA ILE A 1231 1.05 -3.53 5.57
C ILE A 1231 1.86 -4.62 6.23
N PRO A 1232 2.15 -5.75 5.58
CA PRO A 1232 3.04 -6.74 6.22
C PRO A 1232 4.44 -6.20 6.44
N GLN A 1233 4.95 -5.36 5.54
CA GLN A 1233 6.24 -4.73 5.77
C GLN A 1233 6.23 -3.89 7.03
N PHE A 1234 5.15 -3.13 7.25
CA PHE A 1234 5.06 -2.30 8.44
C PHE A 1234 5.02 -3.14 9.70
N PHE A 1235 4.17 -4.16 9.72
CA PHE A 1235 4.07 -5.00 10.91
C PHE A 1235 5.38 -5.74 11.18
N TYR A 1236 6.07 -6.15 10.11
CA TYR A 1236 7.35 -6.83 10.27
C TYR A 1236 8.41 -5.89 10.82
N LYS A 1237 8.46 -4.66 10.32
CA LYS A 1237 9.46 -3.71 10.81
C LYS A 1237 9.16 -3.25 12.22
N ASN A 1238 7.90 -3.35 12.67
CA ASN A 1238 7.62 -3.08 14.07
C ASN A 1238 7.97 -4.27 14.96
N VAL A 1239 7.74 -5.48 14.47
CA VAL A 1239 8.06 -6.67 15.25
C VAL A 1239 9.56 -6.80 15.43
N ILE A 1240 10.30 -6.59 14.35
CA ILE A 1240 11.76 -6.70 14.36
C ILE A 1240 12.43 -5.82 15.41
N PHE A 1241 11.70 -4.81 15.86
CA PHE A 1241 12.19 -3.87 16.88
C PHE A 1241 11.63 -4.18 18.25
N THR A 1242 10.32 -4.42 18.35
CA THR A 1242 9.73 -4.69 19.66
C THR A 1242 10.19 -6.03 20.21
N LEU A 1243 10.18 -7.08 19.39
CA LEU A 1243 10.70 -8.36 19.84
C LEU A 1243 12.18 -8.29 20.18
N SER A 1244 12.93 -7.43 19.49
CA SER A 1244 14.34 -7.26 19.83
C SER A 1244 14.49 -6.59 21.19
N LEU A 1245 13.68 -5.59 21.47
CA LEU A 1245 13.67 -4.99 22.81
C LEU A 1245 13.20 -5.98 23.86
N PHE A 1246 12.40 -6.96 23.46
CA PHE A 1246 11.92 -7.99 24.37
C PHE A 1246 13.00 -9.03 24.65
N TRP A 1247 13.81 -9.37 23.65
CA TRP A 1247 14.85 -10.38 23.84
C TRP A 1247 15.86 -9.95 24.90
N TYR A 1248 16.11 -8.64 25.00
CA TYR A 1248 16.93 -8.14 26.10
C TYR A 1248 16.29 -8.39 27.45
N GLY A 1249 15.01 -8.80 27.48
CA GLY A 1249 14.37 -9.14 28.74
C GLY A 1249 14.72 -10.52 29.26
N ILE A 1250 15.29 -11.38 28.42
CA ILE A 1250 15.76 -12.68 28.89
C ILE A 1250 16.84 -12.48 29.95
N TYR A 1251 17.92 -11.82 29.57
CA TYR A 1251 18.80 -11.19 30.54
C TYR A 1251 18.06 -10.00 31.15
N ASN A 1252 18.61 -9.46 32.23
CA ASN A 1252 17.97 -8.34 32.92
C ASN A 1252 16.67 -8.80 33.59
N ASN A 1253 16.29 -10.07 33.37
CA ASN A 1253 15.15 -10.69 34.05
C ASN A 1253 13.86 -9.90 33.87
N PHE A 1254 13.69 -9.27 32.72
CA PHE A 1254 12.50 -8.48 32.41
C PHE A 1254 12.22 -7.43 33.48
N ASP A 1255 13.30 -6.81 33.99
CA ASP A 1255 13.14 -5.83 35.05
C ASP A 1255 12.55 -4.52 34.53
N GLY A 1256 12.82 -4.18 33.27
CA GLY A 1256 12.21 -3.00 32.68
C GLY A 1256 13.18 -1.96 32.17
N SER A 1257 14.42 -2.35 31.92
CA SER A 1257 15.42 -1.42 31.38
C SER A 1257 15.43 -1.50 29.86
N TYR A 1258 15.49 -0.34 29.23
CA TYR A 1258 15.42 -0.26 27.78
C TYR A 1258 16.79 -0.59 27.17
N LEU A 1259 16.80 -1.51 26.22
CA LEU A 1259 18.02 -1.79 25.49
C LEU A 1259 18.42 -0.64 24.60
N PHE A 1260 17.46 0.08 24.05
CA PHE A 1260 17.72 1.23 23.20
C PHE A 1260 17.56 2.52 23.99
N GLU A 1261 18.19 3.58 23.49
CA GLU A 1261 18.01 4.89 24.08
C GLU A 1261 16.55 5.32 23.97
N TYR A 1262 16.16 6.25 24.84
CA TYR A 1262 14.79 6.75 24.82
C TYR A 1262 14.42 7.40 23.50
N THR A 1263 15.41 7.79 22.70
CA THR A 1263 15.16 8.45 21.43
C THR A 1263 15.26 7.52 20.23
N TYR A 1264 15.80 6.32 20.41
CA TYR A 1264 15.73 5.33 19.34
C TYR A 1264 14.34 4.73 19.23
N LEU A 1265 13.65 4.57 20.36
CA LEU A 1265 12.30 4.00 20.36
C LEU A 1265 11.33 4.83 19.54
N THR A 1266 11.56 6.15 19.45
CA THR A 1266 10.69 7.00 18.67
C THR A 1266 11.17 7.14 17.23
N PHE A 1267 12.45 7.47 17.05
CA PHE A 1267 12.98 7.70 15.72
C PHE A 1267 13.06 6.45 14.87
N TYR A 1268 12.95 5.26 15.47
CA TYR A 1268 12.93 4.05 14.66
C TYR A 1268 11.67 4.01 13.78
N ASN A 1269 10.51 4.15 14.39
CA ASN A 1269 9.26 4.18 13.63
C ASN A 1269 9.01 5.54 12.99
N LEU A 1270 9.67 6.59 13.45
CA LEU A 1270 9.40 7.92 12.92
C LEU A 1270 10.33 8.28 11.75
N ALA A 1271 11.64 8.05 11.89
CA ALA A 1271 12.57 8.53 10.89
C ALA A 1271 13.49 7.44 10.35
N PHE A 1272 13.77 6.42 11.16
CA PHE A 1272 14.76 5.43 10.74
C PHE A 1272 14.21 4.49 9.68
N THR A 1273 12.97 4.02 9.85
CA THR A 1273 12.41 3.01 8.97
C THR A 1273 11.02 3.36 8.46
N SER A 1274 10.65 4.64 8.48
CA SER A 1274 9.29 5.02 8.10
C SER A 1274 9.17 5.41 6.64
N VAL A 1275 10.20 6.03 6.07
CA VAL A 1275 10.14 6.55 4.70
C VAL A 1275 10.29 5.46 3.65
N PRO A 1276 11.18 4.47 3.80
CA PRO A 1276 11.27 3.42 2.77
C PRO A 1276 9.96 2.70 2.50
N VAL A 1277 9.24 2.30 3.54
CA VAL A 1277 8.01 1.54 3.31
C VAL A 1277 6.92 2.42 2.71
N ILE A 1278 6.90 3.71 3.07
CA ILE A 1278 5.92 4.61 2.49
C ILE A 1278 6.22 4.85 1.02
N LEU A 1279 7.50 5.07 0.68
CA LEU A 1279 7.86 5.26 -0.71
C LEU A 1279 7.66 3.99 -1.52
N LEU A 1280 7.76 2.82 -0.89
CA LEU A 1280 7.34 1.60 -1.56
C LEU A 1280 5.86 1.64 -1.88
N ALA A 1281 5.02 1.80 -0.85
CA ALA A 1281 3.58 1.80 -1.05
C ALA A 1281 3.09 2.92 -1.93
N VAL A 1282 3.91 3.93 -2.20
CA VAL A 1282 3.50 5.05 -3.04
C VAL A 1282 4.05 4.93 -4.46
N LEU A 1283 5.26 4.41 -4.63
CA LEU A 1283 5.93 4.42 -5.91
C LEU A 1283 6.30 3.05 -6.46
N ASP A 1284 5.98 1.97 -5.75
CA ASP A 1284 6.28 0.64 -6.28
C ASP A 1284 5.34 0.32 -7.43
N GLN A 1285 5.91 -0.11 -8.55
CA GLN A 1285 5.15 -0.51 -9.73
C GLN A 1285 5.32 -2.00 -9.93
N ASP A 1286 4.19 -2.71 -10.00
CA ASP A 1286 4.22 -4.14 -10.31
C ASP A 1286 5.02 -4.40 -11.58
N VAL A 1287 4.54 -3.86 -12.69
CA VAL A 1287 5.27 -3.76 -13.94
C VAL A 1287 4.96 -2.39 -14.53
N SER A 1288 5.57 -2.09 -15.66
CA SER A 1288 5.27 -0.83 -16.31
C SER A 1288 3.80 -0.78 -16.70
N ASP A 1289 3.31 0.44 -16.98
CA ASP A 1289 1.93 0.57 -17.40
C ASP A 1289 1.69 -0.17 -18.72
N THR A 1290 2.67 -0.14 -19.62
CA THR A 1290 2.57 -0.88 -20.87
C THR A 1290 2.42 -2.37 -20.61
N VAL A 1291 3.18 -2.91 -19.65
CA VAL A 1291 3.13 -4.33 -19.38
C VAL A 1291 1.85 -4.70 -18.66
N SER A 1292 1.37 -3.82 -17.78
CA SER A 1292 0.13 -4.10 -17.05
C SER A 1292 -1.10 -3.96 -17.93
N MET A 1293 -1.01 -3.23 -19.04
CA MET A 1293 -2.09 -3.22 -20.02
C MET A 1293 -1.92 -4.28 -21.09
N LEU A 1294 -0.70 -4.72 -21.35
CA LEU A 1294 -0.47 -5.80 -22.31
C LEU A 1294 -0.86 -7.15 -21.72
N VAL A 1295 -0.57 -7.36 -20.45
CA VAL A 1295 -0.95 -8.58 -19.74
C VAL A 1295 -1.95 -8.21 -18.67
N PRO A 1296 -3.22 -7.96 -19.02
CA PRO A 1296 -4.19 -7.57 -17.99
C PRO A 1296 -4.50 -8.68 -17.01
N GLN A 1297 -4.20 -9.93 -17.36
CA GLN A 1297 -4.52 -11.05 -16.48
C GLN A 1297 -3.78 -10.98 -15.16
N LEU A 1298 -2.70 -10.19 -15.07
CA LEU A 1298 -2.04 -9.98 -13.79
C LEU A 1298 -3.03 -9.45 -12.76
N TYR A 1299 -3.97 -8.62 -13.20
CA TYR A 1299 -5.00 -8.09 -12.32
C TYR A 1299 -5.74 -9.18 -11.55
N ARG A 1300 -5.72 -10.42 -12.05
CA ARG A 1300 -6.39 -11.50 -11.36
C ARG A 1300 -5.80 -11.81 -9.99
N VAL A 1301 -4.63 -11.25 -9.66
CA VAL A 1301 -4.12 -11.43 -8.30
C VAL A 1301 -4.92 -10.61 -7.31
N GLY A 1302 -5.59 -9.56 -7.76
CA GLY A 1302 -6.40 -8.74 -6.88
C GLY A 1302 -7.82 -9.27 -6.74
N ILE A 1303 -8.36 -9.77 -7.85
CA ILE A 1303 -9.71 -10.34 -7.83
C ILE A 1303 -9.75 -11.54 -6.89
N LEU A 1304 -8.70 -12.35 -6.88
CA LEU A 1304 -8.62 -13.52 -6.03
C LEU A 1304 -8.07 -13.22 -4.65
N ARG A 1305 -7.75 -11.96 -4.36
CA ARG A 1305 -7.15 -11.56 -3.08
C ARG A 1305 -5.88 -12.35 -2.78
N LYS A 1306 -5.14 -12.70 -3.84
CA LYS A 1306 -3.95 -13.52 -3.69
C LYS A 1306 -2.75 -12.75 -3.16
N GLU A 1307 -2.82 -11.43 -3.11
CA GLU A 1307 -1.69 -10.64 -2.63
C GLU A 1307 -1.76 -10.42 -1.11
N TRP A 1308 -2.83 -9.80 -0.63
CA TRP A 1308 -2.98 -9.48 0.77
C TRP A 1308 -3.93 -10.46 1.45
N ASN A 1309 -3.40 -11.19 2.42
CA ASN A 1309 -4.20 -12.06 3.26
C ASN A 1309 -3.52 -12.16 4.62
N GLN A 1310 -4.23 -12.75 5.58
CA GLN A 1310 -3.66 -12.91 6.91
C GLN A 1310 -2.48 -13.87 6.92
N THR A 1311 -2.41 -14.79 5.95
CA THR A 1311 -1.25 -15.67 5.87
C THR A 1311 0.03 -14.88 5.59
N LYS A 1312 -0.04 -13.92 4.67
CA LYS A 1312 1.13 -13.10 4.37
C LYS A 1312 1.54 -12.26 5.57
N PHE A 1313 0.56 -11.69 6.27
CA PHE A 1313 0.87 -10.90 7.45
C PHE A 1313 1.52 -11.75 8.53
N LEU A 1314 1.01 -12.96 8.74
CA LEU A 1314 1.59 -13.84 9.75
C LEU A 1314 3.00 -14.28 9.35
N TRP A 1315 3.22 -14.53 8.06
CA TRP A 1315 4.56 -14.90 7.61
C TRP A 1315 5.54 -13.75 7.80
N TYR A 1316 5.11 -12.53 7.52
CA TYR A 1316 5.98 -11.38 7.74
C TYR A 1316 6.25 -11.16 9.22
N MET A 1317 5.26 -11.42 10.07
CA MET A 1317 5.48 -11.28 11.51
C MET A 1317 6.43 -12.35 12.04
N LEU A 1318 6.33 -13.57 11.51
CA LEU A 1318 7.28 -14.61 11.91
C LEU A 1318 8.69 -14.30 11.42
N ASP A 1319 8.80 -13.76 10.21
CA ASP A 1319 10.09 -13.32 9.72
C ASP A 1319 10.64 -12.20 10.58
N GLY A 1320 9.77 -11.31 11.06
CA GLY A 1320 10.22 -10.26 11.95
C GLY A 1320 10.68 -10.80 13.29
N VAL A 1321 10.00 -11.82 13.80
CA VAL A 1321 10.44 -12.46 15.04
C VAL A 1321 11.83 -13.05 14.87
N TYR A 1322 12.03 -13.81 13.78
CA TYR A 1322 13.35 -14.40 13.54
C TYR A 1322 14.41 -13.32 13.35
N GLN A 1323 14.11 -12.28 12.57
CA GLN A 1323 15.09 -11.24 12.33
C GLN A 1323 15.40 -10.45 13.58
N SER A 1324 14.44 -10.32 14.50
CA SER A 1324 14.71 -9.69 15.79
C SER A 1324 15.61 -10.58 16.64
N VAL A 1325 15.38 -11.90 16.60
CA VAL A 1325 16.28 -12.82 17.26
C VAL A 1325 17.71 -12.60 16.77
N ILE A 1326 17.87 -12.52 15.45
CA ILE A 1326 19.21 -12.30 14.89
C ILE A 1326 19.75 -10.95 15.32
N CYS A 1327 18.95 -9.90 15.18
CA CYS A 1327 19.38 -8.54 15.46
C CYS A 1327 19.83 -8.37 16.90
N PHE A 1328 19.20 -9.08 17.84
CA PHE A 1328 19.65 -8.99 19.22
C PHE A 1328 20.84 -9.90 19.48
N PHE A 1329 20.70 -11.19 19.16
CA PHE A 1329 21.69 -12.16 19.59
C PHE A 1329 22.96 -12.16 18.76
N PHE A 1330 23.06 -11.36 17.71
CA PHE A 1330 24.39 -11.28 17.10
C PHE A 1330 25.27 -10.31 17.87
N PRO A 1331 24.81 -9.08 18.19
CA PRO A 1331 25.61 -8.23 19.07
C PRO A 1331 25.84 -8.84 20.44
N TYR A 1332 24.82 -9.48 21.02
CA TYR A 1332 25.01 -10.11 22.32
C TYR A 1332 26.09 -11.19 22.24
N LEU A 1333 25.99 -12.08 21.25
CA LEU A 1333 26.97 -13.15 21.12
C LEU A 1333 28.36 -12.59 20.85
N ALA A 1334 28.43 -11.43 20.20
CA ALA A 1334 29.71 -10.73 20.13
C ALA A 1334 30.19 -10.34 21.53
N TYR A 1335 29.28 -9.86 22.37
CA TYR A 1335 29.64 -9.46 23.72
C TYR A 1335 29.74 -10.66 24.68
N HIS A 1336 29.00 -11.73 24.42
CA HIS A 1336 28.75 -12.75 25.43
C HIS A 1336 30.02 -13.35 26.01
N LYS A 1337 31.10 -13.40 25.24
CA LYS A 1337 32.29 -14.11 25.69
C LYS A 1337 33.01 -13.32 26.78
N ASN A 1338 33.48 -12.12 26.44
CA ASN A 1338 34.25 -11.30 27.37
C ASN A 1338 33.78 -9.87 27.49
N MET A 1339 32.84 -9.42 26.64
CA MET A 1339 32.24 -8.09 26.71
C MET A 1339 33.24 -6.98 26.41
N VAL A 1340 34.33 -7.27 25.71
CA VAL A 1340 35.39 -6.30 25.49
C VAL A 1340 35.53 -6.05 24.00
N VAL A 1341 34.42 -6.14 23.26
CA VAL A 1341 34.47 -5.97 21.80
C VAL A 1341 34.44 -4.46 21.54
N THR A 1342 35.61 -3.84 21.73
CA THR A 1342 35.75 -2.41 21.52
C THR A 1342 37.07 -2.01 20.89
N GLU A 1343 37.93 -2.96 20.50
CA GLU A 1343 39.11 -2.72 19.68
C GLU A 1343 40.22 -2.00 20.43
N ASN A 1344 39.92 -1.47 21.61
CA ASN A 1344 40.96 -0.89 22.46
C ASN A 1344 40.70 -1.17 23.94
N GLY A 1345 39.70 -1.98 24.27
CA GLY A 1345 39.42 -2.33 25.64
C GLY A 1345 38.89 -1.20 26.51
N LEU A 1346 38.70 0.00 25.96
CA LEU A 1346 38.28 1.13 26.77
C LEU A 1346 36.90 0.91 27.38
N GLY A 1347 36.06 0.12 26.73
CA GLY A 1347 34.80 -0.25 27.33
C GLY A 1347 33.54 0.25 26.66
N LEU A 1348 32.95 -0.63 25.86
CA LEU A 1348 31.55 -0.52 25.42
C LEU A 1348 30.69 -1.24 26.45
N ASP A 1349 29.52 -1.69 26.04
CA ASP A 1349 28.66 -2.59 26.82
C ASP A 1349 27.77 -1.85 27.81
N HIS A 1350 27.70 -0.52 27.70
CA HIS A 1350 26.50 0.14 28.16
C HIS A 1350 25.34 -0.39 27.33
N ARG A 1351 24.21 -0.68 27.99
CA ARG A 1351 23.09 -1.23 27.25
C ARG A 1351 22.68 -0.35 26.08
N TYR A 1352 22.98 0.95 26.15
CA TYR A 1352 22.71 1.83 25.04
C TYR A 1352 23.60 1.53 23.84
N PHE A 1353 24.83 1.08 24.06
CA PHE A 1353 25.72 0.78 22.94
C PHE A 1353 25.39 -0.56 22.30
N VAL A 1354 25.07 -1.57 23.12
CA VAL A 1354 24.53 -2.80 22.56
C VAL A 1354 23.23 -2.49 21.80
N GLY A 1355 22.46 -1.53 22.30
CA GLY A 1355 21.29 -1.09 21.57
C GLY A 1355 21.62 -0.45 20.25
N VAL A 1356 22.73 0.29 20.18
CA VAL A 1356 23.18 0.86 18.91
C VAL A 1356 23.52 -0.27 17.92
N PHE A 1357 24.25 -1.27 18.40
CA PHE A 1357 24.51 -2.46 17.59
C PHE A 1357 23.22 -3.05 17.02
N VAL A 1358 22.29 -3.36 17.92
CA VAL A 1358 21.06 -4.04 17.53
C VAL A 1358 20.23 -3.17 16.60
N THR A 1359 20.16 -1.86 16.88
CA THR A 1359 19.36 -0.96 16.06
C THR A 1359 19.98 -0.80 14.69
N ALA A 1360 21.31 -0.78 14.59
CA ALA A 1360 21.94 -0.73 13.28
C ALA A 1360 21.56 -1.95 12.47
N ILE A 1361 21.68 -3.14 13.07
CA ILE A 1361 21.31 -4.36 12.35
C ILE A 1361 19.85 -4.31 11.94
N ALA A 1362 18.97 -3.86 12.84
CA ALA A 1362 17.54 -3.90 12.56
C ALA A 1362 17.13 -2.88 11.51
N VAL A 1363 17.66 -1.66 11.60
CA VAL A 1363 17.35 -0.64 10.61
C VAL A 1363 17.84 -1.06 9.24
N THR A 1364 19.08 -1.58 9.17
CA THR A 1364 19.60 -2.01 7.88
C THR A 1364 18.78 -3.15 7.31
N SER A 1365 18.43 -4.13 8.16
CA SER A 1365 17.62 -5.24 7.67
C SER A 1365 16.24 -4.79 7.22
N CYS A 1366 15.63 -3.84 7.94
CA CYS A 1366 14.32 -3.35 7.55
C CYS A 1366 14.37 -2.65 6.20
N ASN A 1367 15.33 -1.76 6.00
CA ASN A 1367 15.42 -1.04 4.74
C ASN A 1367 15.76 -1.98 3.59
N PHE A 1368 16.71 -2.90 3.81
CA PHE A 1368 17.05 -3.83 2.75
C PHE A 1368 15.92 -4.81 2.48
N TYR A 1369 15.08 -5.09 3.47
CA TYR A 1369 13.91 -5.93 3.27
C TYR A 1369 12.87 -5.22 2.41
N VAL A 1370 12.60 -3.95 2.73
CA VAL A 1370 11.72 -3.13 1.91
C VAL A 1370 12.21 -3.10 0.48
N PHE A 1371 13.54 -3.01 0.30
CA PHE A 1371 14.07 -2.97 -1.06
C PHE A 1371 14.01 -4.33 -1.74
N MET A 1372 14.18 -5.42 -0.99
CA MET A 1372 14.10 -6.75 -1.56
C MET A 1372 12.68 -7.04 -2.05
N GLU A 1373 11.68 -6.70 -1.25
CA GLU A 1373 10.30 -6.97 -1.61
C GLU A 1373 9.70 -5.90 -2.51
N GLN A 1374 10.48 -4.92 -2.94
CA GLN A 1374 10.02 -3.93 -3.89
C GLN A 1374 10.21 -4.47 -5.30
N TYR A 1375 9.15 -4.38 -6.12
CA TYR A 1375 9.19 -4.98 -7.44
C TYR A 1375 10.18 -4.28 -8.34
N ARG A 1376 10.21 -2.95 -8.32
CA ARG A 1376 11.13 -2.19 -9.14
C ARG A 1376 11.95 -1.25 -8.26
N TRP A 1377 13.25 -1.21 -8.50
CA TRP A 1377 14.16 -0.32 -7.78
C TRP A 1377 14.39 0.91 -8.64
N ASP A 1378 13.96 2.07 -8.17
CA ASP A 1378 14.03 3.27 -8.96
C ASP A 1378 14.99 4.27 -8.32
N TRP A 1379 15.14 5.41 -9.00
CA TRP A 1379 16.07 6.44 -8.55
C TRP A 1379 15.63 7.08 -7.24
N PHE A 1380 14.36 6.96 -6.87
CA PHE A 1380 13.81 7.65 -5.71
C PHE A 1380 13.71 6.76 -4.47
N CYS A 1381 13.22 5.53 -4.61
CA CYS A 1381 13.08 4.68 -3.43
C CYS A 1381 14.42 4.15 -2.93
N GLY A 1382 15.32 3.80 -3.84
CA GLY A 1382 16.65 3.38 -3.42
C GLY A 1382 17.44 4.52 -2.81
N LEU A 1383 17.35 5.71 -3.42
CA LEU A 1383 17.98 6.88 -2.84
C LEU A 1383 17.49 7.13 -1.43
N PHE A 1384 16.19 7.00 -1.20
CA PHE A 1384 15.66 7.27 0.12
C PHE A 1384 15.90 6.13 1.10
N ILE A 1385 16.12 4.91 0.64
CA ILE A 1385 16.56 3.85 1.54
C ILE A 1385 17.99 4.12 2.01
N CYS A 1386 18.86 4.45 1.07
CA CYS A 1386 20.22 4.87 1.45
C CYS A 1386 20.16 6.08 2.38
N LEU A 1387 19.24 7.00 2.12
CA LEU A 1387 19.15 8.20 2.95
C LEU A 1387 18.57 7.89 4.32
N SER A 1388 17.74 6.85 4.43
CA SER A 1388 17.24 6.45 5.74
C SER A 1388 18.34 5.81 6.57
N LEU A 1389 19.15 4.96 5.94
CA LEU A 1389 20.34 4.44 6.64
C LEU A 1389 21.26 5.58 7.06
N ALA A 1390 21.50 6.52 6.15
CA ALA A 1390 22.33 7.67 6.47
C ALA A 1390 21.70 8.53 7.55
N VAL A 1391 20.37 8.56 7.63
CA VAL A 1391 19.71 9.32 8.70
C VAL A 1391 19.94 8.65 10.04
N PHE A 1392 19.81 7.33 10.08
CA PHE A 1392 20.14 6.61 11.32
C PHE A 1392 21.56 6.94 11.77
N TYR A 1393 22.53 6.75 10.88
CA TYR A 1393 23.93 6.98 11.25
C TYR A 1393 24.17 8.44 11.63
N GLY A 1394 23.70 9.37 10.81
CA GLY A 1394 23.96 10.77 11.05
C GLY A 1394 23.28 11.31 12.29
N TRP A 1395 22.09 10.79 12.62
CA TRP A 1395 21.47 11.29 13.83
C TRP A 1395 22.02 10.63 15.07
N THR A 1396 22.51 9.39 14.98
CA THR A 1396 23.31 8.89 16.09
C THR A 1396 24.53 9.77 16.30
N GLY A 1397 25.21 10.15 15.21
CA GLY A 1397 26.36 11.02 15.32
C GLY A 1397 26.03 12.41 15.81
N ILE A 1398 24.83 12.91 15.52
CA ILE A 1398 24.46 14.25 15.94
C ILE A 1398 24.00 14.26 17.39
N TRP A 1399 23.23 13.25 17.80
CA TRP A 1399 22.70 13.22 19.16
C TRP A 1399 23.79 12.84 20.15
N THR A 1400 24.64 11.87 19.81
CA THR A 1400 25.68 11.47 20.74
C THR A 1400 26.75 12.54 20.88
N SER A 1401 27.14 13.17 19.77
CA SER A 1401 28.15 14.23 19.81
C SER A 1401 27.53 15.53 20.31
N SER A 1402 26.91 15.44 21.49
CA SER A 1402 26.28 16.57 22.16
C SER A 1402 26.00 16.21 23.61
N SER A 1403 26.30 17.13 24.53
CA SER A 1403 26.16 16.85 25.95
C SER A 1403 24.73 16.56 26.37
N SER A 1404 23.75 16.84 25.51
CA SER A 1404 22.35 16.63 25.87
C SER A 1404 21.95 15.17 25.86
N SER A 1405 22.78 14.28 25.31
CA SER A 1405 22.44 12.86 25.29
C SER A 1405 22.51 12.26 26.70
N ASN A 1406 23.50 12.70 27.48
CA ASN A 1406 23.57 12.47 28.92
C ASN A 1406 23.92 11.03 29.29
N GLU A 1407 23.94 10.13 28.33
CA GLU A 1407 24.42 8.78 28.60
C GLU A 1407 25.37 8.23 27.55
N PHE A 1408 25.25 8.63 26.28
CA PHE A 1408 26.29 8.30 25.31
C PHE A 1408 27.43 9.32 25.39
N TYR A 1409 27.13 10.54 24.97
CA TYR A 1409 28.03 11.66 24.74
C TYR A 1409 29.08 11.34 23.67
N LYS A 1410 29.26 10.06 23.35
CA LYS A 1410 30.14 9.69 22.25
C LYS A 1410 29.69 8.41 21.54
N GLY A 1411 28.41 8.04 21.63
CA GLY A 1411 27.98 6.73 21.17
C GLY A 1411 28.37 6.44 19.73
N ALA A 1412 28.29 7.45 18.87
CA ALA A 1412 28.68 7.25 17.48
C ALA A 1412 30.18 7.05 17.35
N ALA A 1413 30.96 7.98 17.90
CA ALA A 1413 32.42 7.88 17.80
C ALA A 1413 32.97 6.66 18.53
N ARG A 1414 32.18 6.07 19.42
CA ARG A 1414 32.63 4.90 20.17
C ARG A 1414 32.17 3.58 19.56
N VAL A 1415 31.01 3.55 18.91
CA VAL A 1415 30.50 2.31 18.35
C VAL A 1415 30.85 2.20 16.87
N PHE A 1416 30.57 3.24 16.09
CA PHE A 1416 30.78 3.18 14.65
C PHE A 1416 32.26 3.12 14.28
N ALA A 1417 33.17 3.31 15.23
CA ALA A 1417 34.59 3.28 14.93
C ALA A 1417 35.22 1.92 15.18
N GLN A 1418 34.56 1.03 15.90
CA GLN A 1418 35.17 -0.27 16.15
C GLN A 1418 34.87 -1.23 15.01
N PRO A 1419 35.87 -1.93 14.49
CA PRO A 1419 35.59 -2.93 13.45
C PRO A 1419 34.69 -4.05 13.92
N ALA A 1420 34.60 -4.27 15.23
CA ALA A 1420 33.66 -5.26 15.74
C ALA A 1420 32.23 -4.88 15.39
N TYR A 1421 31.92 -3.58 15.42
CA TYR A 1421 30.57 -3.13 15.10
C TYR A 1421 30.19 -3.46 13.67
N TRP A 1422 31.06 -3.12 12.72
CA TRP A 1422 30.76 -3.39 11.31
C TRP A 1422 30.79 -4.89 11.03
N ALA A 1423 31.70 -5.63 11.67
CA ALA A 1423 31.74 -7.06 11.50
C ALA A 1423 30.43 -7.71 11.98
N VAL A 1424 29.87 -7.21 13.08
CA VAL A 1424 28.60 -7.72 13.55
C VAL A 1424 27.48 -7.30 12.62
N LEU A 1425 27.50 -6.03 12.18
CA LEU A 1425 26.40 -5.49 11.39
C LEU A 1425 26.27 -6.22 10.06
N PHE A 1426 27.38 -6.45 9.37
CA PHE A 1426 27.31 -7.06 8.04
C PHE A 1426 26.77 -8.49 8.11
N VAL A 1427 27.28 -9.28 9.05
CA VAL A 1427 26.81 -10.67 9.14
C VAL A 1427 25.39 -10.72 9.69
N GLY A 1428 25.00 -9.76 10.53
CA GLY A 1428 23.63 -9.73 11.00
C GLY A 1428 22.66 -9.40 9.89
N VAL A 1429 23.01 -8.44 9.03
CA VAL A 1429 22.19 -8.13 7.87
C VAL A 1429 22.12 -9.34 6.95
N LEU A 1430 23.25 -10.02 6.75
CA LEU A 1430 23.25 -11.21 5.90
C LEU A 1430 22.31 -12.28 6.45
N PHE A 1431 22.37 -12.53 7.76
CA PHE A 1431 21.55 -13.57 8.34
C PHE A 1431 20.09 -13.16 8.48
N CYS A 1432 19.80 -11.85 8.44
CA CYS A 1432 18.42 -11.41 8.41
C CYS A 1432 17.81 -11.55 7.02
N LEU A 1433 18.59 -11.25 5.98
CA LEU A 1433 18.07 -11.26 4.62
C LEU A 1433 18.28 -12.58 3.89
N LEU A 1434 19.07 -13.51 4.45
CA LEU A 1434 19.39 -14.72 3.69
C LEU A 1434 18.22 -15.69 3.63
N PRO A 1435 17.52 -16.02 4.72
CA PRO A 1435 16.42 -16.98 4.59
C PRO A 1435 15.27 -16.45 3.75
N ARG A 1436 14.91 -15.18 3.89
CA ARG A 1436 13.84 -14.62 3.08
C ARG A 1436 14.22 -14.59 1.60
N PHE A 1437 15.42 -14.11 1.29
CA PHE A 1437 15.88 -14.08 -0.09
C PHE A 1437 15.98 -15.48 -0.68
N THR A 1438 16.33 -16.47 0.14
CA THR A 1438 16.43 -17.83 -0.37
C THR A 1438 15.05 -18.42 -0.63
N ILE A 1439 14.12 -18.23 0.30
CA ILE A 1439 12.75 -18.71 0.09
C ILE A 1439 12.15 -18.02 -1.13
N ASP A 1440 12.49 -16.75 -1.37
CA ASP A 1440 12.06 -16.09 -2.58
C ASP A 1440 12.69 -16.72 -3.81
N CYS A 1441 13.98 -17.06 -3.74
CA CYS A 1441 14.64 -17.67 -4.88
C CYS A 1441 14.08 -19.06 -5.17
N ILE A 1442 13.91 -19.89 -4.15
CA ILE A 1442 13.32 -21.20 -4.37
C ILE A 1442 11.83 -21.13 -4.67
N ARG A 1443 11.23 -19.94 -4.52
CA ARG A 1443 9.85 -19.74 -4.96
C ARG A 1443 9.79 -19.25 -6.40
N LYS A 1444 10.66 -18.31 -6.77
CA LYS A 1444 10.76 -17.87 -8.16
C LYS A 1444 11.39 -18.92 -9.06
N ILE A 1445 11.73 -20.10 -8.52
CA ILE A 1445 12.28 -21.19 -9.30
C ILE A 1445 11.33 -22.37 -9.37
N PHE A 1446 10.72 -22.74 -8.24
CA PHE A 1446 9.84 -23.91 -8.20
C PHE A 1446 8.40 -23.55 -8.52
N TYR A 1447 7.80 -22.64 -7.76
CA TYR A 1447 6.41 -22.23 -7.94
C TYR A 1447 6.36 -20.73 -8.17
N PRO A 1448 6.83 -20.25 -9.32
CA PRO A 1448 6.86 -18.81 -9.58
C PRO A 1448 5.46 -18.31 -9.94
N LYS A 1449 5.06 -17.20 -9.31
CA LYS A 1449 3.77 -16.61 -9.61
C LYS A 1449 3.78 -16.03 -11.03
N ASP A 1450 2.58 -15.73 -11.52
CA ASP A 1450 2.44 -15.23 -12.88
C ASP A 1450 3.20 -13.93 -13.09
N ILE A 1451 3.35 -13.12 -12.03
CA ILE A 1451 4.07 -11.88 -12.19
C ILE A 1451 5.55 -12.13 -12.36
N GLU A 1452 6.10 -13.18 -11.75
CA GLU A 1452 7.50 -13.52 -11.98
C GLU A 1452 7.75 -13.85 -13.44
N ILE A 1453 6.87 -14.66 -14.04
CA ILE A 1453 7.02 -15.02 -15.44
C ILE A 1453 6.86 -13.80 -16.34
N VAL A 1454 5.86 -12.95 -16.04
CA VAL A 1454 5.66 -11.77 -16.87
C VAL A 1454 6.85 -10.82 -16.74
N ARG A 1455 7.46 -10.74 -15.56
CA ARG A 1455 8.64 -9.87 -15.41
C ARG A 1455 9.85 -10.46 -16.13
N GLU A 1456 9.98 -11.78 -16.14
CA GLU A 1456 11.06 -12.40 -16.90
C GLU A 1456 10.88 -12.13 -18.39
N MET A 1457 9.65 -12.21 -18.88
CA MET A 1457 9.40 -11.87 -20.29
C MET A 1457 9.65 -10.39 -20.56
N TRP A 1458 9.23 -9.52 -19.64
CA TRP A 1458 9.37 -8.08 -19.82
C TRP A 1458 10.83 -7.64 -19.75
N LEU A 1459 11.67 -8.40 -19.05
CA LEU A 1459 13.10 -8.15 -19.07
C LEU A 1459 13.74 -8.75 -20.32
N ARG A 1460 13.23 -9.90 -20.78
CA ARG A 1460 13.74 -10.49 -22.01
C ARG A 1460 13.52 -9.57 -23.20
N GLY A 1461 12.43 -8.82 -23.21
CA GLY A 1461 12.16 -7.87 -24.27
C GLY A 1461 11.03 -8.29 -25.18
N ASP A 1462 10.08 -9.10 -24.68
CA ASP A 1462 8.77 -9.25 -25.36
C ASP A 1462 8.06 -7.92 -25.52
N PHE A 1463 7.73 -7.27 -24.41
CA PHE A 1463 6.97 -6.02 -24.46
C PHE A 1463 7.90 -4.83 -24.67
N ASP A 1464 8.70 -4.89 -25.73
CA ASP A 1464 9.64 -3.81 -26.03
C ASP A 1464 9.26 -2.97 -27.25
N LEU A 1465 8.27 -3.45 -28.02
CA LEU A 1465 7.84 -2.75 -29.21
C LEU A 1465 6.80 -1.66 -28.91
N TYR A 1466 6.56 -1.36 -27.64
CA TYR A 1466 5.55 -0.39 -27.26
C TYR A 1466 6.18 0.81 -26.59
N PRO A 1467 5.65 2.02 -26.82
CA PRO A 1467 6.27 3.23 -26.26
C PRO A 1467 6.07 3.36 -24.76
N GLN A 1468 6.49 4.50 -24.19
CA GLN A 1468 6.40 4.69 -22.75
C GLN A 1468 4.95 4.73 -22.29
N GLY A 1469 4.19 5.71 -22.77
CA GLY A 1469 2.80 5.84 -22.36
C GLY A 1469 1.83 5.12 -23.29
N TYR A 1470 1.84 3.79 -23.25
CA TYR A 1470 0.99 3.01 -24.14
C TYR A 1470 -0.29 2.59 -23.44
N ASP A 1471 -1.38 2.61 -24.20
CA ASP A 1471 -2.68 2.15 -23.72
C ASP A 1471 -3.51 1.66 -24.90
N PRO A 1472 -3.97 0.41 -24.89
CA PRO A 1472 -4.74 -0.10 -26.03
C PRO A 1472 -6.04 0.61 -26.27
N THR A 1473 -6.50 1.43 -25.32
CA THR A 1473 -7.77 2.13 -25.44
C THR A 1473 -7.61 3.50 -26.09
N ASP A 1474 -7.27 3.50 -27.38
CA ASP A 1474 -7.07 4.74 -28.12
C ASP A 1474 -7.21 4.50 -29.62
N PRO A 1475 -7.77 5.45 -30.37
CA PRO A 1475 -7.88 5.37 -31.83
C PRO A 1475 -6.53 5.55 -32.53
N ARG B 51 -5.40 22.92 -15.17
CA ARG B 51 -5.92 22.24 -16.36
C ARG B 51 -5.36 20.83 -16.46
N ARG B 52 -4.35 20.67 -17.30
CA ARG B 52 -3.73 19.37 -17.51
C ARG B 52 -2.65 19.11 -16.45
N PRO B 53 -2.37 17.85 -16.15
CA PRO B 53 -1.32 17.54 -15.18
C PRO B 53 0.06 17.79 -15.76
N LYS B 54 1.06 17.67 -14.90
CA LYS B 54 2.45 17.94 -15.29
C LYS B 54 3.04 16.71 -15.96
N GLU B 55 4.35 16.70 -16.14
CA GLU B 55 5.05 15.67 -16.89
C GLU B 55 6.44 15.51 -16.28
N ASP B 56 7.39 15.00 -17.07
CA ASP B 56 8.77 14.84 -16.61
C ASP B 56 9.16 13.47 -16.05
N ALA B 57 8.18 12.57 -15.88
CA ALA B 57 8.48 11.25 -15.34
C ALA B 57 8.49 11.20 -13.82
N PHE B 58 7.88 12.16 -13.14
CA PHE B 58 7.63 12.00 -11.71
C PHE B 58 6.16 12.06 -11.36
N THR B 59 5.43 13.05 -11.86
CA THR B 59 3.98 13.04 -11.71
C THR B 59 3.38 11.78 -12.33
N GLN B 60 3.90 11.37 -13.48
CA GLN B 60 3.68 10.03 -14.00
C GLN B 60 4.80 9.13 -13.47
N GLN B 61 4.43 8.01 -12.89
CA GLN B 61 5.39 7.13 -12.23
C GLN B 61 6.23 6.44 -13.31
N ARG B 62 7.17 7.20 -13.87
CA ARG B 62 8.04 6.75 -14.94
C ARG B 62 9.49 7.06 -14.61
N LEU B 63 9.87 6.89 -13.35
CA LEU B 63 11.22 7.17 -12.92
C LEU B 63 12.21 6.18 -13.54
N ALA B 64 13.48 6.61 -13.60
CA ALA B 64 14.54 5.75 -14.12
C ALA B 64 14.78 4.62 -13.12
N ALA B 65 14.26 3.45 -13.42
CA ALA B 65 14.25 2.33 -12.48
C ALA B 65 15.10 1.18 -12.99
N ILE B 66 15.26 0.19 -12.14
CA ILE B 66 15.97 -1.04 -12.44
C ILE B 66 15.12 -2.19 -11.89
N ASN B 67 14.52 -2.97 -12.78
CA ASN B 67 13.67 -4.07 -12.35
C ASN B 67 14.51 -5.31 -12.07
N PRO B 68 14.68 -5.68 -10.80
CA PRO B 68 15.57 -6.80 -10.46
C PRO B 68 14.92 -8.16 -10.64
N VAL B 69 14.96 -8.70 -11.85
CA VAL B 69 14.47 -10.04 -12.10
C VAL B 69 15.53 -11.03 -11.65
N LEU B 70 15.19 -11.89 -10.69
CA LEU B 70 16.13 -12.85 -10.11
C LEU B 70 16.24 -14.05 -11.03
N THR B 71 16.93 -13.85 -12.12
CA THR B 71 17.24 -14.91 -13.07
C THR B 71 18.46 -15.70 -12.60
N PRO B 72 18.52 -17.00 -12.90
CA PRO B 72 19.66 -17.82 -12.42
C PRO B 72 21.01 -17.33 -12.90
N ARG B 73 21.06 -16.42 -13.86
CA ARG B 73 22.32 -15.81 -14.28
C ARG B 73 22.70 -14.61 -13.44
N THR B 74 21.92 -14.29 -12.40
CA THR B 74 22.22 -13.16 -11.53
C THR B 74 22.17 -13.60 -10.08
N VAL B 75 21.41 -14.64 -9.77
CA VAL B 75 21.33 -15.15 -8.42
C VAL B 75 22.64 -15.86 -8.04
N LEU B 76 23.11 -16.75 -8.92
CA LEU B 76 24.34 -17.48 -8.65
C LEU B 76 25.55 -16.56 -8.61
N PRO B 77 25.68 -15.58 -9.51
CA PRO B 77 26.76 -14.59 -9.34
C PRO B 77 26.61 -13.72 -8.10
N LEU B 78 25.49 -13.82 -7.38
CA LEU B 78 25.30 -13.12 -6.12
C LEU B 78 25.51 -14.03 -4.93
N TYR B 79 24.93 -15.24 -4.96
CA TYR B 79 25.13 -16.19 -3.88
C TYR B 79 26.57 -16.70 -3.79
N LEU B 80 27.37 -16.53 -4.85
CA LEU B 80 28.78 -16.89 -4.82
C LEU B 80 29.67 -15.71 -4.47
N LEU B 81 29.39 -14.53 -5.01
CA LEU B 81 30.14 -13.34 -4.62
C LEU B 81 29.96 -13.03 -3.15
N ILE B 82 28.83 -13.43 -2.57
CA ILE B 82 28.60 -13.24 -1.15
C ILE B 82 29.26 -14.37 -0.35
N ALA B 83 29.24 -15.59 -0.88
CA ALA B 83 29.79 -16.72 -0.14
C ALA B 83 31.31 -16.63 -0.03
N VAL B 84 32.00 -16.31 -1.12
CA VAL B 84 33.45 -16.25 -1.06
C VAL B 84 33.91 -15.07 -0.21
N VAL B 85 33.15 -13.98 -0.20
CA VAL B 85 33.53 -12.83 0.62
C VAL B 85 33.31 -13.14 2.10
N PHE B 86 32.21 -13.81 2.44
CA PHE B 86 31.94 -14.15 3.83
C PHE B 86 32.73 -15.35 4.31
N VAL B 87 33.49 -16.02 3.45
CA VAL B 87 34.36 -17.10 3.87
C VAL B 87 35.78 -16.56 3.96
N ILE B 88 36.11 -15.62 3.07
CA ILE B 88 37.41 -14.95 3.15
C ILE B 88 37.51 -14.17 4.45
N VAL B 89 36.50 -13.34 4.74
CA VAL B 89 36.48 -12.64 6.01
C VAL B 89 36.17 -13.62 7.14
N GLY B 90 35.49 -14.72 6.83
CA GLY B 90 35.23 -15.72 7.86
C GLY B 90 36.46 -16.45 8.32
N GLY B 91 37.47 -16.54 7.45
CA GLY B 91 38.73 -17.16 7.82
C GLY B 91 39.73 -16.13 8.28
N CYS B 92 39.65 -14.92 7.72
CA CYS B 92 40.54 -13.86 8.15
C CYS B 92 40.26 -13.44 9.58
N ILE B 93 38.99 -13.40 9.97
CA ILE B 93 38.64 -13.07 11.35
C ILE B 93 39.00 -14.22 12.28
N LEU B 94 38.64 -15.45 11.90
CA LEU B 94 38.88 -16.60 12.77
C LEU B 94 40.38 -16.88 12.92
N ALA B 95 41.19 -16.49 11.95
CA ALA B 95 42.64 -16.60 12.12
C ALA B 95 43.18 -15.48 12.98
N GLN B 96 42.70 -14.25 12.75
CA GLN B 96 43.07 -13.14 13.63
C GLN B 96 42.61 -13.38 15.05
N ASN B 97 41.44 -14.00 15.21
CA ASN B 97 40.92 -14.31 16.54
C ASN B 97 41.67 -15.44 17.21
N SER B 98 42.21 -16.39 16.43
CA SER B 98 42.91 -17.52 17.02
C SER B 98 44.18 -17.07 17.75
N LYS B 99 44.92 -16.14 17.17
CA LYS B 99 46.17 -15.67 17.75
C LYS B 99 45.90 -14.51 18.72
N VAL B 100 45.08 -14.80 19.73
CA VAL B 100 44.74 -13.83 20.78
C VAL B 100 44.96 -14.52 22.12
N ASP B 101 45.97 -14.05 22.86
CA ASP B 101 46.25 -14.61 24.17
C ASP B 101 45.24 -14.08 25.19
N GLU B 102 44.93 -14.91 26.18
CA GLU B 102 43.87 -14.60 27.13
C GLU B 102 44.16 -15.31 28.45
N VAL B 103 43.99 -14.59 29.56
CA VAL B 103 44.18 -15.14 30.88
C VAL B 103 43.01 -14.69 31.74
N THR B 104 42.15 -15.63 32.13
CA THR B 104 41.06 -15.34 33.05
C THR B 104 41.34 -16.03 34.37
N ILE B 105 41.23 -15.30 35.47
CA ILE B 105 41.51 -15.87 36.79
C ILE B 105 40.44 -15.36 37.75
N TYR B 106 39.51 -16.24 38.13
CA TYR B 106 38.45 -15.88 39.05
C TYR B 106 38.94 -16.05 40.48
N TYR B 107 38.98 -14.95 41.23
CA TYR B 107 39.48 -14.95 42.60
C TYR B 107 38.39 -14.69 43.62
N GLN B 108 37.12 -14.94 43.28
CA GLN B 108 36.05 -14.71 44.24
C GLN B 108 36.11 -15.69 45.40
N ASP B 109 36.74 -16.86 45.20
CA ASP B 109 36.90 -17.86 46.25
C ASP B 109 38.30 -17.83 46.85
N CYS B 110 38.94 -16.66 46.88
CA CYS B 110 40.28 -16.56 47.42
C CYS B 110 40.32 -16.34 48.91
N MET B 111 39.27 -15.77 49.49
CA MET B 111 39.27 -15.51 50.93
C MET B 111 39.02 -16.76 51.74
N THR B 112 38.21 -17.69 51.24
CA THR B 112 37.81 -18.87 52.00
C THR B 112 38.32 -20.17 51.41
N ASN B 113 39.12 -20.14 50.35
CA ASN B 113 39.64 -21.37 49.77
C ASN B 113 41.12 -21.30 49.42
N ALA B 114 41.80 -20.19 49.69
CA ALA B 114 43.23 -20.08 49.50
C ALA B 114 43.91 -20.04 50.86
N THR B 115 45.15 -20.51 50.89
CA THR B 115 45.91 -20.61 52.13
C THR B 115 46.89 -19.44 52.25
N SER B 116 47.48 -19.31 53.44
CA SER B 116 48.49 -18.30 53.66
C SER B 116 49.77 -18.58 52.89
N SER B 117 49.96 -19.80 52.42
CA SER B 117 51.08 -20.17 51.56
C SER B 117 50.59 -20.35 50.13
N TRP B 118 51.54 -20.37 49.21
CA TRP B 118 51.19 -20.50 47.80
C TRP B 118 50.59 -21.86 47.50
N SER B 119 49.50 -21.86 46.74
CA SER B 119 48.82 -23.10 46.37
C SER B 119 48.16 -22.89 45.01
N ASP B 120 48.12 -23.94 44.21
CA ASP B 120 47.58 -23.84 42.87
C ASP B 120 46.11 -23.47 42.90
N ILE B 121 45.69 -22.62 41.97
CA ILE B 121 44.27 -22.29 41.84
C ILE B 121 43.54 -23.50 41.26
N PRO B 122 42.38 -23.87 41.79
CA PRO B 122 41.62 -24.97 41.20
C PRO B 122 41.32 -24.71 39.73
N SER B 123 41.28 -25.78 38.95
CA SER B 123 41.11 -25.67 37.51
C SER B 123 39.75 -25.11 37.11
N GLU B 124 38.83 -24.94 38.06
CA GLU B 124 37.52 -24.40 37.72
C GLU B 124 37.52 -22.89 37.60
N HIS B 125 38.52 -22.22 38.17
CA HIS B 125 38.54 -20.76 38.18
C HIS B 125 39.27 -20.19 36.98
N TRP B 126 40.53 -20.57 36.80
CA TRP B 126 41.36 -19.96 35.78
C TRP B 126 41.14 -20.61 34.42
N GLN B 127 41.41 -19.84 33.38
CA GLN B 127 41.34 -20.31 31.99
C GLN B 127 42.45 -19.58 31.23
N PHE B 128 43.45 -20.34 30.79
CA PHE B 128 44.52 -19.82 29.94
C PHE B 128 44.24 -20.20 28.50
N VAL B 129 44.42 -19.25 27.59
CA VAL B 129 44.28 -19.51 26.16
C VAL B 129 45.46 -18.84 25.47
N PHE B 130 46.48 -19.62 25.12
CA PHE B 130 47.62 -19.16 24.36
C PHE B 130 47.69 -19.97 23.07
N HIS B 131 47.65 -19.27 21.93
CA HIS B 131 47.64 -19.97 20.66
C HIS B 131 48.96 -20.67 20.37
N LYS B 132 50.07 -20.12 20.88
CA LYS B 132 51.36 -20.76 20.66
C LYS B 132 51.50 -22.04 21.46
N TYR B 133 50.80 -22.16 22.58
CA TYR B 133 50.90 -23.31 23.48
C TYR B 133 49.50 -23.82 23.77
N LYS B 134 49.05 -24.80 22.99
CA LYS B 134 47.69 -25.29 23.12
C LYS B 134 47.49 -26.09 24.40
N THR B 135 48.55 -26.72 24.92
CA THR B 135 48.47 -27.58 26.09
C THR B 135 49.24 -26.98 27.27
N TYR B 136 49.09 -25.68 27.49
CA TYR B 136 49.80 -24.97 28.54
C TYR B 136 48.91 -24.90 29.77
N ASN B 137 48.85 -26.00 30.51
CA ASN B 137 48.08 -26.01 31.76
C ASN B 137 48.69 -25.06 32.76
N THR B 138 49.89 -25.38 33.26
CA THR B 138 50.68 -24.51 34.14
C THR B 138 49.79 -23.81 35.17
N ALA B 139 49.16 -24.62 36.01
CA ALA B 139 48.19 -24.14 36.99
C ALA B 139 48.75 -22.98 37.80
N PRO B 140 48.16 -21.79 37.70
CA PRO B 140 48.65 -20.66 38.50
C PRO B 140 48.31 -20.84 39.97
N GLN B 141 49.09 -20.17 40.81
CA GLN B 141 48.94 -20.28 42.26
C GLN B 141 48.33 -19.01 42.83
N TRP B 142 47.82 -19.13 44.05
CA TRP B 142 47.31 -17.96 44.76
C TRP B 142 47.60 -18.10 46.25
N ARG B 143 47.53 -16.98 46.94
CA ARG B 143 47.86 -16.91 48.35
C ARG B 143 47.07 -15.79 48.99
N PHE B 144 46.32 -16.11 50.04
CA PHE B 144 45.47 -15.14 50.71
C PHE B 144 46.14 -14.69 52.01
N VAL B 145 46.50 -13.42 52.09
CA VAL B 145 47.05 -12.85 53.30
C VAL B 145 45.95 -12.01 53.97
N ASP B 146 45.51 -12.46 55.14
CA ASP B 146 44.38 -11.83 55.81
C ASP B 146 44.78 -10.45 56.32
N ASP B 147 43.76 -9.70 56.76
CA ASP B 147 43.96 -8.35 57.30
C ASP B 147 43.06 -8.21 58.52
N GLU B 148 43.64 -8.44 59.70
CA GLU B 148 42.86 -8.33 60.93
C GLU B 148 42.52 -6.88 61.28
N SER B 149 43.24 -5.91 60.70
CA SER B 149 42.90 -4.52 60.93
C SER B 149 41.53 -4.17 60.37
N ASP B 150 41.27 -4.58 59.13
CA ASP B 150 39.97 -4.33 58.51
C ASP B 150 38.92 -5.21 59.16
N ASP B 151 37.82 -4.59 59.58
CA ASP B 151 36.75 -5.28 60.29
C ASP B 151 35.63 -5.74 59.37
N PHE B 152 35.84 -5.73 58.06
CA PHE B 152 34.84 -6.19 57.10
C PHE B 152 35.11 -7.67 56.83
N THR B 153 34.48 -8.53 57.63
CA THR B 153 34.75 -9.96 57.56
C THR B 153 34.31 -10.57 56.23
N LYS B 154 33.28 -9.99 55.61
CA LYS B 154 32.75 -10.57 54.37
C LYS B 154 33.77 -10.50 53.23
N GLN B 155 34.63 -9.50 53.22
CA GLN B 155 35.67 -9.41 52.20
C GLN B 155 36.78 -8.51 52.73
N ARG B 156 37.94 -9.09 53.01
CA ARG B 156 39.09 -8.35 53.50
C ARG B 156 40.35 -9.11 53.15
N GLY B 157 41.50 -8.51 53.44
CA GLY B 157 42.76 -9.16 53.20
C GLY B 157 43.36 -8.80 51.85
N THR B 158 44.07 -9.75 51.24
CA THR B 158 44.68 -9.52 49.94
C THR B 158 44.96 -10.86 49.27
N CYS B 159 44.50 -10.99 48.03
CA CYS B 159 44.73 -12.18 47.23
C CYS B 159 45.90 -11.92 46.29
N GLN B 160 46.95 -12.72 46.41
CA GLN B 160 48.11 -12.63 45.54
C GLN B 160 48.05 -13.79 44.56
N ILE B 161 47.92 -13.47 43.28
CA ILE B 161 47.76 -14.46 42.22
C ILE B 161 49.01 -14.46 41.37
N ARG B 162 49.72 -15.59 41.36
CA ARG B 162 50.90 -15.78 40.52
C ARG B 162 50.50 -16.63 39.33
N PHE B 163 50.59 -16.06 38.14
CA PHE B 163 50.33 -16.77 36.90
C PHE B 163 51.59 -16.77 36.05
N THR B 164 51.56 -17.54 34.97
CA THR B 164 52.73 -17.70 34.10
C THR B 164 52.28 -17.59 32.66
N THR B 165 52.79 -16.58 31.95
CA THR B 165 52.47 -16.40 30.55
C THR B 165 53.65 -16.86 29.71
N PRO B 166 53.49 -17.85 28.83
CA PRO B 166 54.60 -18.35 28.02
C PRO B 166 54.85 -17.54 26.75
N SER B 167 54.17 -16.42 26.55
CA SER B 167 54.36 -15.61 25.36
C SER B 167 54.18 -14.15 25.73
N ASP B 168 54.46 -13.27 24.77
CA ASP B 168 54.39 -11.84 25.01
C ASP B 168 53.01 -11.30 24.66
N MET B 169 52.79 -10.03 25.02
CA MET B 169 51.57 -9.31 24.69
C MET B 169 51.98 -7.95 24.13
N LYS B 170 51.70 -7.72 22.85
CA LYS B 170 52.35 -6.66 22.10
C LYS B 170 51.87 -5.25 22.48
N ASN B 171 52.60 -4.61 23.39
CA ASN B 171 52.64 -3.16 23.58
C ASN B 171 51.33 -2.60 24.14
N ASN B 172 50.28 -3.40 24.26
CA ASN B 172 49.01 -2.90 24.76
C ASN B 172 48.33 -4.03 25.54
N VAL B 173 48.50 -4.03 26.84
CA VAL B 173 47.99 -5.07 27.72
C VAL B 173 46.86 -4.49 28.55
N TYR B 174 45.70 -5.12 28.52
CA TYR B 174 44.54 -4.70 29.27
C TYR B 174 44.26 -5.72 30.36
N LEU B 175 44.13 -5.25 31.59
CA LEU B 175 43.74 -6.05 32.74
C LEU B 175 42.37 -5.52 33.19
N ASN B 176 41.32 -6.18 32.74
CA ASN B 176 39.97 -5.86 33.20
C ASN B 176 39.63 -6.72 34.41
N TYR B 177 38.53 -6.39 35.07
CA TYR B 177 37.94 -7.27 36.05
C TYR B 177 36.59 -7.74 35.52
N VAL B 178 36.37 -9.05 35.58
CA VAL B 178 35.13 -9.66 35.13
C VAL B 178 34.28 -9.97 36.35
N LEU B 179 32.98 -9.75 36.23
CA LEU B 179 32.03 -10.06 37.28
C LEU B 179 30.93 -10.94 36.70
N GLU B 180 30.39 -11.82 37.55
CA GLU B 180 29.35 -12.74 37.14
C GLU B 180 28.30 -12.80 38.24
N LYS B 181 27.04 -12.97 37.80
CA LYS B 181 25.88 -12.99 38.67
C LYS B 181 25.68 -11.69 39.43
N PHE B 182 26.31 -10.61 38.97
CA PHE B 182 26.04 -9.27 39.46
C PHE B 182 25.09 -8.59 38.48
N ALA B 183 23.89 -8.24 38.95
CA ALA B 183 22.85 -7.70 38.09
C ALA B 183 22.97 -6.18 38.08
N ALA B 184 23.58 -5.64 37.02
CA ALA B 184 23.77 -4.21 36.86
C ALA B 184 22.93 -3.63 35.73
N ASN B 185 21.93 -4.37 35.26
CA ASN B 185 21.11 -3.94 34.14
C ASN B 185 19.64 -3.74 34.52
N HIS B 186 19.31 -3.81 35.80
CA HIS B 186 17.92 -3.74 36.22
C HIS B 186 17.39 -2.32 36.14
N ARG B 187 16.06 -2.20 36.09
CA ARG B 187 15.43 -0.92 35.78
C ARG B 187 15.69 0.11 36.87
N ARG B 188 15.51 -0.27 38.14
CA ARG B 188 15.75 0.66 39.22
C ARG B 188 17.23 1.00 39.35
N TYR B 189 18.11 0.07 39.00
CA TYR B 189 19.54 0.29 39.16
C TYR B 189 20.07 1.26 38.12
N VAL B 190 19.86 0.95 36.83
CA VAL B 190 20.50 1.70 35.76
C VAL B 190 20.04 3.15 35.71
N LEU B 191 18.89 3.46 36.28
CA LEU B 191 18.41 4.84 36.36
C LEU B 191 18.73 5.49 37.69
N SER B 192 19.48 4.81 38.55
CA SER B 192 19.75 5.29 39.90
C SER B 192 21.08 6.05 39.92
N PHE B 193 21.04 7.24 39.34
CA PHE B 193 22.15 8.18 39.41
C PHE B 193 21.62 9.55 39.00
N SER B 194 22.43 10.57 39.26
CA SER B 194 22.07 11.95 38.95
C SER B 194 22.99 12.47 37.87
N GLU B 195 22.42 12.87 36.74
CA GLU B 195 23.20 13.48 35.68
C GLU B 195 23.60 14.91 35.98
N ASP B 196 23.18 15.46 37.13
CA ASP B 196 23.59 16.79 37.54
C ASP B 196 24.85 16.76 38.39
N GLN B 197 24.97 15.76 39.28
CA GLN B 197 26.21 15.62 40.05
C GLN B 197 27.33 15.10 39.18
N ILE B 198 27.03 14.24 38.21
CA ILE B 198 28.04 13.75 37.29
C ILE B 198 28.57 14.89 36.43
N ARG B 199 27.67 15.77 35.97
CA ARG B 199 28.08 16.92 35.17
C ARG B 199 28.81 17.97 35.97
N GLY B 200 28.92 17.82 37.28
CA GLY B 200 29.67 18.74 38.10
C GLY B 200 28.86 19.79 38.83
N GLU B 201 27.53 19.69 38.80
CA GLU B 201 26.70 20.68 39.47
C GLU B 201 26.51 20.30 40.93
N ASP B 202 26.32 21.32 41.77
CA ASP B 202 26.01 21.12 43.18
C ASP B 202 24.48 21.09 43.36
N ALA B 203 23.86 20.14 42.67
CA ALA B 203 22.41 20.04 42.66
C ALA B 203 21.87 19.78 44.06
N SER B 204 20.84 20.54 44.43
CA SER B 204 20.23 20.39 45.74
C SER B 204 19.42 19.09 45.79
N TYR B 205 18.80 18.85 46.94
CA TYR B 205 18.06 17.60 47.13
C TYR B 205 16.89 17.49 46.15
N GLU B 206 16.28 18.63 45.79
CA GLU B 206 15.16 18.58 44.86
C GLU B 206 15.61 18.18 43.47
N THR B 207 16.69 18.80 42.97
CA THR B 207 17.19 18.47 41.65
C THR B 207 17.77 17.06 41.61
N VAL B 208 18.23 16.55 42.74
CA VAL B 208 18.86 15.24 42.77
C VAL B 208 17.83 14.13 42.92
N HIS B 209 16.78 14.36 43.70
CA HIS B 209 15.80 13.33 44.03
C HIS B 209 14.51 13.45 43.23
N ASP B 210 13.99 14.67 43.05
CA ASP B 210 12.74 14.89 42.34
C ASP B 210 12.94 15.12 40.85
N ALA B 211 14.03 14.59 40.28
CA ALA B 211 14.30 14.76 38.86
C ALA B 211 13.46 13.79 38.04
N THR B 212 13.80 13.63 36.77
CA THR B 212 13.07 12.76 35.86
C THR B 212 13.44 11.32 36.14
N GLY B 213 13.10 10.42 35.21
CA GLY B 213 13.32 9.00 35.42
C GLY B 213 14.73 8.64 35.84
N ILE B 214 15.71 9.50 35.54
CA ILE B 214 17.10 9.28 35.93
C ILE B 214 17.33 10.10 37.19
N ASN B 215 17.16 9.47 38.34
CA ASN B 215 17.43 10.12 39.62
C ASN B 215 17.69 9.04 40.66
N CYS B 216 18.49 9.39 41.66
CA CYS B 216 18.80 8.47 42.75
C CYS B 216 17.62 8.46 43.71
N LYS B 217 16.65 7.58 43.43
CA LYS B 217 15.46 7.52 44.26
C LYS B 217 15.72 6.90 45.63
N PRO B 218 16.38 5.74 45.75
CA PRO B 218 16.52 5.13 47.08
C PRO B 218 17.68 5.68 47.90
N LEU B 219 18.65 6.35 47.27
CA LEU B 219 19.84 6.83 47.95
C LEU B 219 20.07 8.30 47.66
N SER B 220 19.01 9.11 47.82
CA SER B 220 19.13 10.53 47.57
C SER B 220 19.76 11.27 48.75
N LYS B 221 19.41 10.88 49.96
CA LYS B 221 19.82 11.62 51.16
C LYS B 221 19.97 10.66 52.31
N ASN B 222 20.97 10.89 53.15
CA ASN B 222 21.22 10.05 54.30
C ASN B 222 20.29 10.44 55.45
N ALA B 223 20.41 9.71 56.56
CA ALA B 223 19.60 10.00 57.73
C ALA B 223 19.95 11.34 58.36
N ASP B 224 21.18 11.82 58.16
CA ASP B 224 21.57 13.11 58.73
C ASP B 224 20.91 14.25 57.98
N GLY B 225 20.92 14.20 56.65
CA GLY B 225 20.36 15.26 55.84
C GLY B 225 21.32 15.78 54.80
N LYS B 226 22.36 15.00 54.52
CA LYS B 226 23.31 15.33 53.46
C LYS B 226 22.89 14.64 52.16
N ILE B 227 23.32 15.22 51.06
CA ILE B 227 23.05 14.67 49.74
C ILE B 227 24.28 13.87 49.32
N TYR B 228 24.13 12.54 49.22
CA TYR B 228 25.20 11.69 48.73
C TYR B 228 25.78 12.26 47.44
N TYR B 229 27.06 12.63 47.46
CA TYR B 229 27.65 13.27 46.28
C TYR B 229 27.62 12.34 45.07
N PRO B 230 28.25 11.17 45.08
CA PRO B 230 27.90 10.18 44.06
C PRO B 230 26.66 9.44 44.53
N CYS B 231 25.50 9.77 43.97
CA CYS B 231 24.25 9.25 44.50
C CYS B 231 23.73 8.14 43.60
N GLY B 232 22.94 7.26 44.21
CA GLY B 232 22.27 6.21 43.47
C GLY B 232 22.93 4.85 43.67
N LEU B 233 22.18 3.82 43.29
CA LEU B 233 22.65 2.46 43.43
C LEU B 233 23.86 2.17 42.56
N ILE B 234 24.10 2.97 41.53
CA ILE B 234 25.24 2.72 40.64
C ILE B 234 26.54 3.11 41.32
N ALA B 235 26.68 4.39 41.68
CA ALA B 235 27.90 4.87 42.30
C ALA B 235 28.10 4.25 43.67
N ASN B 236 27.02 4.05 44.42
CA ASN B 236 27.13 3.47 45.76
C ASN B 236 27.70 2.06 45.68
N SER B 237 27.24 1.26 44.73
CA SER B 237 27.67 -0.12 44.60
C SER B 237 28.86 -0.27 43.66
N MET B 238 29.93 0.45 43.93
CA MET B 238 31.09 0.45 43.04
C MET B 238 32.05 -0.66 43.42
N PHE B 239 32.63 -1.30 42.40
CA PHE B 239 33.67 -2.30 42.59
C PHE B 239 34.90 -1.63 43.19
N ASN B 240 35.23 -1.97 44.44
CA ASN B 240 36.28 -1.29 45.17
C ASN B 240 37.44 -2.21 45.52
N ASP B 241 37.61 -3.32 44.82
CA ASP B 241 38.79 -4.14 45.00
C ASP B 241 39.99 -3.39 44.41
N THR B 242 40.99 -3.11 45.25
CA THR B 242 42.12 -2.32 44.80
C THR B 242 43.09 -3.19 44.03
N PHE B 243 43.47 -2.74 42.84
CA PHE B 243 44.38 -3.42 41.96
C PHE B 243 45.76 -2.77 41.99
N PRO B 244 46.82 -3.54 41.83
CA PRO B 244 48.16 -2.96 41.90
C PRO B 244 48.49 -2.14 40.67
N LEU B 245 49.44 -1.23 40.83
CA LEU B 245 49.90 -0.39 39.73
C LEU B 245 51.09 -0.98 38.99
N GLN B 246 51.40 -2.26 39.23
CA GLN B 246 52.49 -2.91 38.53
C GLN B 246 52.36 -4.42 38.73
N LEU B 247 52.56 -5.17 37.65
CA LEU B 247 52.59 -6.62 37.72
C LEU B 247 53.93 -7.06 38.30
N THR B 248 53.90 -7.59 39.52
CA THR B 248 55.12 -7.98 40.19
C THR B 248 55.77 -9.16 39.47
N ASN B 249 56.99 -8.95 38.97
CA ASN B 249 57.73 -10.02 38.32
C ASN B 249 58.30 -10.95 39.38
N VAL B 250 57.91 -12.22 39.32
CA VAL B 250 58.32 -13.17 40.35
C VAL B 250 59.78 -13.57 40.16
N GLY B 251 60.17 -13.92 38.94
CA GLY B 251 61.51 -14.37 38.68
C GLY B 251 62.56 -13.27 38.80
N ASP B 252 62.39 -12.20 38.01
CA ASP B 252 63.34 -11.09 37.96
C ASP B 252 62.61 -9.86 38.49
N THR B 253 62.68 -9.64 39.81
CA THR B 253 61.98 -8.51 40.43
C THR B 253 62.60 -7.17 40.09
N SER B 254 63.66 -7.12 39.29
CA SER B 254 64.26 -5.85 38.92
C SER B 254 63.42 -5.10 37.91
N ASN B 255 62.69 -5.80 37.06
CA ASN B 255 61.83 -5.18 36.04
C ASN B 255 60.40 -5.65 36.28
N ASN B 256 59.62 -4.80 36.95
CA ASN B 256 58.20 -5.05 37.15
C ASN B 256 57.41 -4.45 36.00
N TYR B 257 56.39 -5.17 35.54
CA TYR B 257 55.53 -4.68 34.47
C TYR B 257 54.53 -3.70 35.07
N SER B 258 54.76 -2.41 34.83
CA SER B 258 53.92 -1.38 35.42
C SER B 258 52.58 -1.31 34.69
N LEU B 259 51.49 -1.22 35.46
CA LEU B 259 50.15 -1.04 34.92
C LEU B 259 49.60 0.28 35.44
N THR B 260 49.30 1.20 34.53
CA THR B 260 48.72 2.47 34.94
C THR B 260 47.20 2.40 34.90
N ASN B 261 46.57 3.21 35.75
CA ASN B 261 45.12 3.31 35.79
C ASN B 261 44.60 4.51 35.02
N LYS B 262 45.48 5.33 34.45
CA LYS B 262 45.08 6.45 33.62
C LYS B 262 44.89 5.97 32.19
N GLY B 263 43.89 6.53 31.50
CA GLY B 263 43.61 6.12 30.16
C GLY B 263 42.85 4.82 30.02
N ILE B 264 42.33 4.27 31.12
CA ILE B 264 41.52 3.06 31.05
C ILE B 264 40.08 3.34 30.63
N ASN B 265 39.74 4.59 30.37
CA ASN B 265 38.42 4.96 29.91
C ASN B 265 38.56 5.96 28.77
N TRP B 266 37.47 6.12 28.02
CA TRP B 266 37.47 7.06 26.90
C TRP B 266 37.79 8.46 27.39
N GLU B 267 38.65 9.16 26.63
CA GLU B 267 38.98 10.54 26.98
C GLU B 267 37.76 11.43 26.91
N SER B 268 36.84 11.16 25.98
CA SER B 268 35.64 11.98 25.84
C SER B 268 34.79 11.93 27.10
N ASP B 269 34.89 10.87 27.88
CA ASP B 269 34.14 10.79 29.13
C ASP B 269 34.54 11.90 30.09
N LYS B 270 35.78 12.40 29.98
CA LYS B 270 36.20 13.50 30.83
C LYS B 270 35.55 14.82 30.45
N LYS B 271 34.83 14.86 29.34
CA LYS B 271 34.05 16.04 28.97
C LYS B 271 32.64 16.02 29.55
N ARG B 272 32.22 14.89 30.10
CA ARG B 272 30.92 14.76 30.74
C ARG B 272 31.01 14.61 32.26
N TYR B 273 31.94 13.79 32.75
CA TYR B 273 32.20 13.68 34.18
C TYR B 273 33.08 14.85 34.60
N LYS B 274 32.49 15.84 35.25
CA LYS B 274 33.22 17.04 35.64
C LYS B 274 33.46 17.06 37.15
N LYS B 275 34.50 17.78 37.55
CA LYS B 275 34.80 17.94 38.96
C LYS B 275 33.64 18.62 39.67
N THR B 276 33.35 18.16 40.88
CA THR B 276 32.19 18.65 41.61
C THR B 276 32.38 20.12 42.00
N LYS B 277 31.28 20.72 42.46
CA LYS B 277 31.29 22.09 42.98
C LYS B 277 30.63 22.17 44.35
N TYR B 278 30.60 21.06 45.09
CA TYR B 278 30.00 21.02 46.41
C TYR B 278 30.91 21.69 47.43
N ASN B 279 30.48 21.71 48.69
CA ASN B 279 31.20 22.42 49.74
C ASN B 279 31.49 21.52 50.95
N TYR B 280 31.49 20.20 50.76
CA TYR B 280 31.90 19.22 51.76
C TYR B 280 31.06 19.29 53.04
N THR B 281 30.10 20.21 53.07
CA THR B 281 29.20 20.35 54.20
C THR B 281 27.77 19.93 53.86
N GLN B 282 27.52 19.56 52.60
CA GLN B 282 26.22 19.09 52.17
C GLN B 282 26.25 17.68 51.62
N ILE B 283 27.42 17.06 51.50
CA ILE B 283 27.55 15.75 50.90
C ILE B 283 28.16 14.78 51.89
N ALA B 284 27.76 13.52 51.77
CA ALA B 284 28.24 12.41 52.57
C ALA B 284 28.53 11.24 51.64
N PRO B 285 29.42 10.33 52.04
CA PRO B 285 29.71 9.19 51.18
C PRO B 285 28.48 8.32 51.03
N PRO B 286 28.33 7.65 49.90
CA PRO B 286 27.26 6.67 49.74
C PRO B 286 27.32 5.63 50.84
N PRO B 287 26.21 4.95 51.13
CA PRO B 287 26.18 4.05 52.29
C PRO B 287 27.25 2.96 52.26
N TYR B 288 27.82 2.66 51.10
CA TYR B 288 28.86 1.65 51.01
C TYR B 288 30.26 2.22 50.83
N TRP B 289 30.38 3.52 50.58
CA TRP B 289 31.68 4.18 50.55
C TRP B 289 32.13 4.62 51.93
N GLU B 290 31.41 4.24 52.98
CA GLU B 290 31.72 4.71 54.33
C GLU B 290 32.96 4.06 54.90
N LYS B 291 33.47 2.99 54.30
CA LYS B 291 34.76 2.46 54.69
C LYS B 291 35.91 3.12 53.95
N MET B 292 35.65 3.70 52.78
CA MET B 292 36.66 4.47 52.08
C MET B 292 36.78 5.88 52.63
N TYR B 293 35.70 6.41 53.20
CA TYR B 293 35.67 7.74 53.80
C TYR B 293 35.00 7.62 55.16
N PRO B 294 35.72 7.13 56.17
CA PRO B 294 35.10 6.96 57.50
C PRO B 294 34.74 8.29 58.15
N ASP B 295 35.50 9.34 57.90
CA ASP B 295 35.22 10.66 58.45
C ASP B 295 34.35 11.50 57.52
N GLY B 296 33.61 10.85 56.61
CA GLY B 296 32.79 11.60 55.68
C GLY B 296 33.65 12.34 54.68
N TYR B 297 33.24 13.57 54.35
CA TYR B 297 33.95 14.42 53.43
C TYR B 297 34.57 15.60 54.17
N ASN B 298 35.70 16.08 53.66
CA ASN B 298 36.34 17.27 54.20
C ASN B 298 36.87 18.08 53.01
N GLU B 299 37.74 19.05 53.31
CA GLU B 299 38.19 19.99 52.29
C GLU B 299 39.05 19.34 51.22
N THR B 300 39.52 18.12 51.43
CA THR B 300 40.45 17.50 50.50
C THR B 300 39.97 16.18 49.91
N ASN B 301 39.33 15.32 50.72
CA ASN B 301 39.09 13.95 50.30
C ASN B 301 37.89 13.78 49.37
N ILE B 302 37.33 14.87 48.86
CA ILE B 302 36.22 14.75 47.90
C ILE B 302 36.76 14.18 46.61
N PRO B 303 36.25 13.03 46.14
CA PRO B 303 36.81 12.41 44.94
C PRO B 303 36.52 13.24 43.70
N ASP B 304 37.55 13.39 42.87
CA ASP B 304 37.42 14.11 41.60
C ASP B 304 37.00 13.09 40.54
N ILE B 305 35.70 13.02 40.27
CA ILE B 305 35.19 12.03 39.32
C ILE B 305 35.63 12.30 37.89
N GLN B 306 36.24 13.45 37.62
CA GLN B 306 36.75 13.70 36.27
C GLN B 306 38.03 12.92 36.02
N ASP B 307 38.95 12.94 36.99
CA ASP B 307 40.22 12.22 36.89
C ASP B 307 40.18 10.90 37.67
N TRP B 308 39.01 10.28 37.77
CA TRP B 308 38.84 9.00 38.44
C TRP B 308 38.17 8.07 37.43
N GLU B 309 38.97 7.38 36.63
CA GLU B 309 38.44 6.61 35.51
C GLU B 309 37.82 5.29 35.90
N GLU B 310 38.18 4.73 37.08
CA GLU B 310 37.49 3.54 37.55
C GLU B 310 36.03 3.86 37.85
N PHE B 311 35.77 5.04 38.41
CA PHE B 311 34.40 5.45 38.67
C PHE B 311 33.63 5.63 37.37
N GLN B 312 34.24 6.30 36.39
CA GLN B 312 33.59 6.48 35.10
C GLN B 312 33.34 5.15 34.42
N ASN B 313 34.22 4.17 34.63
CA ASN B 313 34.00 2.84 34.08
C ASN B 313 32.83 2.16 34.78
N TRP B 314 32.70 2.34 36.10
CA TRP B 314 31.62 1.68 36.81
C TRP B 314 30.28 2.36 36.58
N MET B 315 30.27 3.67 36.35
CA MET B 315 29.04 4.39 36.07
C MET B 315 28.49 4.11 34.67
N ARG B 316 29.11 3.17 33.95
CA ARG B 316 28.60 2.69 32.67
C ARG B 316 28.09 1.27 32.89
N PRO B 317 26.85 1.11 33.33
CA PRO B 317 26.38 -0.21 33.76
C PRO B 317 26.48 -1.25 32.65
N GLY B 318 27.04 -2.41 33.00
CA GLY B 318 27.14 -3.51 32.06
C GLY B 318 25.78 -3.98 31.58
N ALA B 319 25.64 -4.16 30.27
CA ALA B 319 24.34 -4.47 29.71
C ALA B 319 23.84 -5.84 30.14
N PHE B 320 24.73 -6.79 30.33
CA PHE B 320 24.36 -8.18 30.58
C PHE B 320 24.80 -8.61 31.97
N ASP B 321 24.58 -9.89 32.26
CA ASP B 321 24.85 -10.42 33.59
C ASP B 321 26.34 -10.56 33.87
N LYS B 322 27.18 -10.53 32.83
CA LYS B 322 28.63 -10.58 32.99
C LYS B 322 29.20 -9.20 32.70
N ILE B 323 29.77 -8.57 33.73
CA ILE B 323 30.36 -7.24 33.62
C ILE B 323 31.87 -7.40 33.51
N THR B 324 32.45 -6.73 32.53
CA THR B 324 33.90 -6.75 32.33
C THR B 324 34.35 -5.32 32.06
N LYS B 325 35.00 -4.71 33.04
CA LYS B 325 35.41 -3.31 32.96
C LYS B 325 36.92 -3.21 33.10
N LEU B 326 37.53 -2.42 32.23
CA LEU B 326 38.98 -2.24 32.25
C LEU B 326 39.40 -1.51 33.52
N ILE B 327 40.43 -2.03 34.19
CA ILE B 327 40.93 -1.40 35.40
C ILE B 327 42.42 -1.10 35.35
N ARG B 328 43.22 -1.79 34.54
CA ARG B 328 44.63 -1.46 34.40
C ARG B 328 45.02 -1.59 32.94
N ILE B 329 45.89 -0.69 32.49
CA ILE B 329 46.33 -0.70 31.10
C ILE B 329 47.83 -0.49 31.04
N ASN B 330 48.45 -1.02 29.99
CA ASN B 330 49.85 -0.74 29.70
C ASN B 330 49.98 -0.53 28.20
N LYS B 331 50.29 0.70 27.80
CA LYS B 331 50.39 1.06 26.40
C LYS B 331 51.80 1.41 25.97
N ASN B 332 52.80 1.11 26.79
CA ASN B 332 54.19 1.41 26.48
C ASN B 332 55.05 0.19 26.25
N ASP B 333 54.99 -0.80 27.14
CA ASP B 333 55.91 -1.93 27.13
C ASP B 333 55.17 -3.22 26.79
N THR B 334 55.79 -4.03 25.96
CA THR B 334 55.31 -5.38 25.74
C THR B 334 55.51 -6.22 26.99
N LEU B 335 54.48 -6.98 27.36
CA LEU B 335 54.55 -7.84 28.54
C LEU B 335 55.32 -9.11 28.22
N PRO B 336 56.57 -9.23 28.65
CA PRO B 336 57.38 -10.38 28.27
C PRO B 336 56.93 -11.64 29.01
N ALA B 337 57.28 -12.79 28.44
CA ALA B 337 56.90 -14.06 29.04
C ALA B 337 57.56 -14.24 30.40
N GLY B 338 56.90 -14.98 31.26
CA GLY B 338 57.42 -15.24 32.59
C GLY B 338 56.29 -15.35 33.59
N GLU B 339 56.68 -15.39 34.86
CA GLU B 339 55.74 -15.49 35.96
C GLU B 339 55.50 -14.11 36.56
N TYR B 340 54.24 -13.79 36.84
CA TYR B 340 53.86 -12.48 37.35
C TYR B 340 52.88 -12.64 38.49
N GLN B 341 52.99 -11.73 39.47
CA GLN B 341 52.13 -11.72 40.65
C GLN B 341 51.26 -10.48 40.66
N LEU B 342 50.00 -10.67 41.00
CA LEU B 342 49.02 -9.59 41.07
C LEU B 342 48.43 -9.57 42.47
N ASP B 343 48.44 -8.39 43.10
CA ASP B 343 48.02 -8.23 44.50
C ASP B 343 46.69 -7.48 44.52
N ILE B 344 45.59 -8.22 44.65
CA ILE B 344 44.26 -7.65 44.64
C ILE B 344 43.77 -7.52 46.08
N GLY B 345 43.46 -6.31 46.51
CA GLY B 345 42.95 -6.11 47.85
C GLY B 345 41.47 -6.36 47.94
N LEU B 346 41.09 -7.51 48.52
CA LEU B 346 39.70 -7.94 48.54
C LEU B 346 38.87 -6.99 49.37
N HIS B 347 37.97 -6.25 48.74
CA HIS B 347 37.00 -5.40 49.41
C HIS B 347 35.57 -5.65 48.96
N TRP B 348 35.38 -5.94 47.68
CA TRP B 348 34.07 -6.11 47.06
C TRP B 348 33.56 -7.52 47.26
N PRO B 349 32.49 -7.71 48.02
CA PRO B 349 32.00 -9.06 48.30
C PRO B 349 31.06 -9.59 47.23
N VAL B 350 31.30 -10.83 46.81
CA VAL B 350 30.47 -11.45 45.77
C VAL B 350 29.90 -12.80 46.19
N LEU B 351 30.48 -13.49 47.17
CA LEU B 351 29.92 -14.77 47.58
C LEU B 351 28.60 -14.64 48.32
N GLU B 352 28.15 -13.42 48.60
CA GLU B 352 26.86 -13.24 49.26
C GLU B 352 25.71 -13.56 48.32
N PHE B 353 25.90 -13.38 47.01
CA PHE B 353 24.90 -13.69 46.01
C PHE B 353 25.46 -14.65 44.96
N ASN B 354 26.40 -15.50 45.36
CA ASN B 354 27.04 -16.50 44.51
C ASN B 354 27.74 -15.89 43.30
N GLY B 355 27.87 -14.57 43.25
CA GLY B 355 28.56 -13.95 42.14
C GLY B 355 30.04 -14.26 42.13
N LYS B 356 30.64 -14.15 40.96
CA LYS B 356 32.05 -14.41 40.77
C LYS B 356 32.75 -13.12 40.37
N LYS B 357 34.03 -13.02 40.72
CA LYS B 357 34.85 -11.90 40.27
C LYS B 357 36.23 -12.42 39.93
N GLY B 358 36.83 -11.83 38.90
CA GLY B 358 38.13 -12.27 38.47
C GLY B 358 38.84 -11.21 37.67
N ILE B 359 40.07 -11.51 37.30
CA ILE B 359 40.86 -10.66 36.42
C ILE B 359 40.86 -11.26 35.02
N TYR B 360 41.01 -10.39 34.04
CA TYR B 360 41.00 -10.77 32.62
C TYR B 360 42.13 -10.00 31.95
N LEU B 361 43.22 -10.69 31.68
CA LEU B 361 44.42 -10.11 31.09
C LEU B 361 44.49 -10.51 29.63
N THR B 362 44.63 -9.52 28.74
CA THR B 362 44.71 -9.83 27.32
C THR B 362 45.32 -8.66 26.57
N HIS B 363 45.96 -8.98 25.44
CA HIS B 363 46.36 -7.94 24.52
C HIS B 363 45.18 -7.42 23.71
N GLY B 364 44.13 -8.22 23.58
CA GLY B 364 42.98 -7.82 22.80
C GLY B 364 43.12 -8.23 21.35
N SER B 365 42.40 -7.51 20.51
CA SER B 365 42.40 -7.74 19.07
C SER B 365 41.82 -6.49 18.41
N HIS B 366 41.52 -6.59 17.11
CA HIS B 366 40.78 -5.52 16.46
C HIS B 366 39.29 -5.67 16.68
N LEU B 367 38.79 -6.90 16.78
CA LEU B 367 37.39 -7.16 17.09
C LEU B 367 37.15 -7.38 18.57
N GLY B 368 37.97 -6.78 19.42
CA GLY B 368 37.79 -6.86 20.85
C GLY B 368 38.71 -7.90 21.48
N GLY B 369 38.14 -8.79 22.28
CA GLY B 369 38.88 -9.87 22.90
C GLY B 369 38.88 -11.11 22.03
N ARG B 370 38.93 -12.26 22.69
CA ARG B 370 38.88 -13.55 22.00
C ARG B 370 37.46 -14.09 22.11
N ASN B 371 36.72 -14.01 21.01
CA ASN B 371 35.37 -14.54 20.93
C ASN B 371 35.21 -15.27 19.60
N PRO B 372 35.12 -16.58 19.60
CA PRO B 372 34.97 -17.35 18.36
C PRO B 372 33.55 -17.34 17.81
N PHE B 373 32.99 -16.15 17.65
CA PHE B 373 31.64 -16.00 17.11
C PHE B 373 31.64 -15.29 15.77
N LEU B 374 32.27 -14.12 15.67
CA LEU B 374 32.26 -13.37 14.42
C LEU B 374 32.87 -14.20 13.28
N GLY B 375 34.01 -14.82 13.54
CA GLY B 375 34.58 -15.72 12.55
C GLY B 375 33.69 -16.91 12.28
N ILE B 376 33.17 -17.53 13.36
CA ILE B 376 32.32 -18.71 13.19
C ILE B 376 31.05 -18.36 12.44
N VAL B 377 30.43 -17.22 12.77
CA VAL B 377 29.17 -16.89 12.12
C VAL B 377 29.41 -16.41 10.69
N TYR B 378 30.56 -15.77 10.42
CA TYR B 378 30.88 -15.43 9.05
C TYR B 378 31.10 -16.67 8.20
N LEU B 379 31.82 -17.66 8.74
CA LEU B 379 32.04 -18.90 8.02
C LEU B 379 30.74 -19.65 7.81
N ILE B 380 29.86 -19.65 8.81
CA ILE B 380 28.58 -20.32 8.66
C ILE B 380 27.71 -19.61 7.62
N GLY B 381 27.75 -18.28 7.61
CA GLY B 381 27.01 -17.55 6.59
C GLY B 381 27.52 -17.82 5.19
N GLY B 382 28.85 -17.86 5.03
CA GLY B 382 29.41 -18.16 3.72
C GLY B 382 29.12 -19.59 3.28
N CYS B 383 29.23 -20.55 4.20
CA CYS B 383 28.93 -21.93 3.86
C CYS B 383 27.45 -22.11 3.55
N ILE B 384 26.58 -21.40 4.26
CA ILE B 384 25.16 -21.49 3.96
C ILE B 384 24.85 -20.86 2.60
N CYS B 385 25.47 -19.72 2.30
CA CYS B 385 25.30 -19.12 0.98
C CYS B 385 25.74 -20.07 -0.11
N ALA B 386 26.91 -20.70 0.04
CA ALA B 386 27.40 -21.64 -0.96
C ALA B 386 26.49 -22.85 -1.08
N ALA B 387 25.98 -23.36 0.06
CA ALA B 387 25.13 -24.54 0.03
C ALA B 387 23.79 -24.25 -0.63
N MET B 388 23.18 -23.11 -0.28
CA MET B 388 21.91 -22.74 -0.90
C MET B 388 22.11 -22.43 -2.38
N ALA B 389 23.28 -21.91 -2.76
CA ALA B 389 23.55 -21.67 -4.17
C ALA B 389 23.71 -22.99 -4.93
N LEU B 390 24.36 -23.97 -4.32
CA LEU B 390 24.45 -25.29 -4.94
C LEU B 390 23.08 -25.93 -5.06
N ILE B 391 22.23 -25.75 -4.05
CA ILE B 391 20.87 -26.29 -4.13
C ILE B 391 20.08 -25.59 -5.22
N LEU B 392 20.27 -24.28 -5.38
CA LEU B 392 19.59 -23.55 -6.45
C LEU B 392 20.08 -24.01 -7.81
N LEU B 393 21.38 -24.25 -7.95
CA LEU B 393 21.90 -24.75 -9.21
C LEU B 393 21.37 -26.14 -9.50
N THR B 394 21.20 -26.98 -8.47
CA THR B 394 20.62 -28.29 -8.66
C THR B 394 19.17 -28.19 -9.12
N PHE B 395 18.39 -27.31 -8.47
CA PHE B 395 17.00 -27.12 -8.88
C PHE B 395 16.91 -26.61 -10.31
N TRP B 396 17.81 -25.71 -10.69
CA TRP B 396 17.83 -25.20 -12.05
C TRP B 396 18.32 -26.24 -13.05
N LEU B 397 19.09 -27.23 -12.60
CA LEU B 397 19.59 -28.28 -13.47
C LEU B 397 18.71 -29.53 -13.39
N PHE B 398 18.53 -30.07 -12.19
CA PHE B 398 17.68 -31.24 -11.97
C PHE B 398 16.22 -30.85 -11.77
N GLY B 399 15.63 -30.08 -12.69
CA GLY B 399 14.15 -29.97 -12.80
C GLY B 399 13.59 -28.58 -12.52
N GLY B 400 13.29 -27.85 -13.58
CA GLY B 400 12.81 -26.48 -13.45
C GLY B 400 12.30 -25.99 -14.78
N ARG B 401 11.72 -24.79 -14.74
CA ARG B 401 11.08 -24.21 -15.91
C ARG B 401 12.07 -23.38 -16.71
N LYS B 402 11.67 -23.06 -17.94
CA LYS B 402 12.32 -21.99 -18.68
C LYS B 402 11.98 -20.66 -18.02
N ILE B 403 12.93 -19.71 -18.08
CA ILE B 403 12.78 -18.47 -17.32
C ILE B 403 11.53 -17.71 -17.77
N ALA B 404 11.46 -17.33 -19.04
CA ALA B 404 10.30 -16.61 -19.57
C ALA B 404 9.36 -17.57 -20.31
N ASP B 405 8.81 -18.52 -19.54
CA ASP B 405 7.95 -19.56 -20.10
C ASP B 405 6.52 -19.02 -20.13
N ALA B 406 6.13 -18.48 -21.27
CA ALA B 406 4.79 -17.91 -21.41
C ALA B 406 3.69 -18.95 -21.28
N SER B 407 4.00 -20.22 -21.50
CA SER B 407 3.02 -21.30 -21.40
C SER B 407 2.86 -21.80 -19.97
N SER B 408 3.53 -21.18 -19.00
CA SER B 408 3.40 -21.56 -17.60
C SER B 408 2.50 -20.61 -16.82
N LEU B 409 1.98 -19.58 -17.46
CA LEU B 409 1.05 -18.66 -16.80
C LEU B 409 -0.24 -19.39 -16.45
N SER B 410 -0.92 -18.87 -15.42
CA SER B 410 -2.11 -19.54 -14.92
C SER B 410 -3.25 -19.54 -15.92
N TRP B 411 -3.30 -18.54 -16.80
CA TRP B 411 -4.36 -18.51 -17.80
C TRP B 411 -3.99 -19.23 -19.08
N ASN B 412 -2.69 -19.42 -19.34
CA ASN B 412 -2.26 -20.17 -20.50
C ASN B 412 -2.31 -21.68 -20.29
N MET B 413 -2.72 -22.13 -19.11
CA MET B 413 -2.87 -23.56 -18.86
C MET B 413 -4.09 -24.11 -19.59
#